data_8DB4
#
_entry.id   8DB4
#
_cell.length_a   78.796
_cell.length_b   92.177
_cell.length_c   96.180
_cell.angle_alpha   95.040
_cell.angle_beta   106.030
_cell.angle_gamma   108.870
#
_symmetry.space_group_name_H-M   'P 1'
#
loop_
_entity.id
_entity.type
_entity.pdbx_description
1 polymer '13T1 Heavy chain'
2 polymer '13T1 Light chain'
3 polymer '22S1 Heavy chain'
4 polymer '22S1 Light chain'
5 polymer 'Ara h 2 allergen'
6 non-polymer 'ZINC ION'
7 non-polymer 1,2-ETHANEDIOL
8 water water
#
loop_
_entity_poly.entity_id
_entity_poly.type
_entity_poly.pdbx_seq_one_letter_code
_entity_poly.pdbx_strand_id
1 'polypeptide(L)'
;EVQLVESGGGVVQPGGSLRLSCVASGFKFQNYGMSWVRQAPGKGLEWVADISGSDESTYYADSVKGRFTISRDTSKNTLH
LQMSSPRAEDTALYYCAKATAPAGKYYYYGMDVWGQGTTVTVSSASTKGPSVFPLAPSSKSTSGGTAALGCLVKDYFPEP
VTVSWNSGALTSGVHTFPAVLQSSGLYSLSSVVTVPSSSLGTQTYICNVNHKPSNTKVDKRVEPKSCDKTH
;
A,G
2 'polypeptide(L)'
;EIVMTQSPATLSLSPGEIATLSCRASQTVSSYLAWYQLKPGQAPRLLIYDASRRAAGIPARFSGSESGTDFTLTISSLEP
EDSAVYYCHQRSNWPPVHTFGQGTKLEIKRTVAAPSVFIFPPSDEQLKSGTASVVCLLNNFYPREAKVQWKVDNALQSGN
SQESVTEQDSKDSTYSLSSTLTLSKADYEKHKVYACEVTHQGLSSPVTKSFNRGEC
;
B,H
3 'polypeptide(L)'
;QVQLVQSGGGLVKPGGSLRLSCTASGFSFSDSYMSWIRQAPGKGLEWLTYISGSGEIISYADSVKGRFTISRDNAKKSVY
LQMDSLRAEDTAVYYCARPSDYFETSEELDWGQGTLVTVSSASTKGPSVFPLAPSSKSTSGGTAALGCLVKDYFPEPVTV
SWNSGALTSGVHTFPAVLQSSGLYSLSSVVTVPSSSLGTQTYICNVNHKPSNTKVDKRVEPKSCDKTH
;
C,I
4 'polypeptide(L)'
;EIVMTQSPSSLSASVGDRVTITCRASQSISTYLNWYQQKPGKAPNLLIYAASSLHSGVPSRFRGSGSGTDFTLTITSLQP
DDFATYYCHQSYSAPRTFGQGTKLEIKRTVAAPSVFIFPPSDEQLKSGTASVVCLLNNFYPREAKVQWKVDNALQSGNSQ
ESVTEQDSKDSTYSLSSTLTLSKADYEKHKVYACEVTHQGLSSPVTKSFNRGEC
;
D,J
5 'polypeptide(L)'
;AARRCQSQLERANLRPCEQHLMQKIQRDEDSYERDPYSPSQDPYSPSPYDRRGAGSSQHQERCCNELNEFENNQRCMCEA
LQQIMENQSDRLQGRQQEQQFKRELRNLPQQCGLRAPQRCDLDVESGGRDRY
;
E,F
#
# COMPACT_ATOMS: atom_id res chain seq x y z
N GLU A 1 -11.60 8.85 -28.28
CA GLU A 1 -11.67 7.57 -29.05
C GLU A 1 -11.02 6.43 -28.27
N VAL A 2 -11.85 5.54 -27.72
CA VAL A 2 -11.32 4.36 -27.04
C VAL A 2 -10.63 3.48 -28.05
N GLN A 3 -9.42 3.01 -27.70
CA GLN A 3 -8.62 2.15 -28.55
C GLN A 3 -8.08 0.98 -27.76
N LEU A 4 -8.08 -0.20 -28.38
CA LEU A 4 -7.40 -1.39 -27.88
C LEU A 4 -6.56 -1.95 -29.02
N VAL A 5 -5.24 -1.98 -28.84
CA VAL A 5 -4.30 -2.41 -29.87
C VAL A 5 -3.56 -3.63 -29.32
N GLU A 6 -3.88 -4.81 -29.86
CA GLU A 6 -3.22 -6.03 -29.41
C GLU A 6 -1.89 -6.20 -30.14
N SER A 7 -1.06 -7.10 -29.59
CA SER A 7 0.26 -7.38 -30.18
C SER A 7 0.78 -8.66 -29.55
N GLY A 8 1.82 -9.22 -30.18
CA GLY A 8 2.48 -10.41 -29.69
C GLY A 8 2.10 -11.69 -30.41
N GLY A 9 1.25 -11.62 -31.43
CA GLY A 9 0.84 -12.81 -32.13
C GLY A 9 1.93 -13.35 -33.03
N GLY A 10 1.77 -14.62 -33.40
CA GLY A 10 2.73 -15.31 -34.24
C GLY A 10 2.61 -16.82 -34.04
N VAL A 11 3.70 -17.50 -34.37
CA VAL A 11 3.81 -18.95 -34.20
C VAL A 11 4.46 -19.24 -32.86
N VAL A 12 4.00 -20.29 -32.20
CA VAL A 12 4.62 -20.82 -30.98
C VAL A 12 4.55 -22.34 -31.05
N GLN A 13 5.65 -23.00 -30.68
CA GLN A 13 5.65 -24.45 -30.74
C GLN A 13 4.70 -25.01 -29.67
N PRO A 14 4.12 -26.20 -29.89
CA PRO A 14 3.31 -26.81 -28.84
C PRO A 14 4.15 -27.05 -27.59
N GLY A 15 3.58 -26.73 -26.44
CA GLY A 15 4.41 -26.79 -25.23
C GLY A 15 5.41 -25.67 -25.12
N GLY A 16 5.35 -24.63 -25.93
CA GLY A 16 6.25 -23.48 -25.78
C GLY A 16 5.64 -22.41 -24.88
N SER A 17 5.88 -21.15 -25.15
CA SER A 17 5.28 -20.09 -24.35
C SER A 17 5.18 -18.82 -25.18
N LEU A 18 4.04 -18.14 -25.08
CA LEU A 18 3.81 -16.92 -25.83
C LEU A 18 3.00 -15.94 -25.01
N ARG A 19 3.33 -14.65 -25.16
CA ARG A 19 2.73 -13.58 -24.37
C ARG A 19 2.06 -12.58 -25.30
N LEU A 20 0.75 -12.44 -25.19
CA LEU A 20 0.01 -11.41 -25.88
C LEU A 20 -0.05 -10.14 -25.03
N SER A 21 -0.19 -9.00 -25.70
CA SER A 21 -0.32 -7.71 -25.03
C SER A 21 -1.47 -6.93 -25.65
N CYS A 22 -2.03 -6.02 -24.86
CA CYS A 22 -3.14 -5.18 -25.33
C CYS A 22 -2.99 -3.83 -24.67
N VAL A 23 -2.71 -2.80 -25.47
CA VAL A 23 -2.50 -1.44 -24.99
C VAL A 23 -3.82 -0.69 -25.11
N ALA A 24 -4.30 -0.15 -23.99
CA ALA A 24 -5.58 0.53 -23.93
C ALA A 24 -5.39 2.05 -23.87
N SER A 25 -6.31 2.78 -24.49
N SER A 25 -6.28 2.78 -24.51
CA SER A 25 -6.27 4.23 -24.46
CA SER A 25 -6.26 4.23 -24.41
C SER A 25 -7.68 4.78 -24.61
C SER A 25 -7.66 4.76 -24.57
N GLY A 26 -7.83 6.03 -24.22
CA GLY A 26 -9.11 6.70 -24.35
C GLY A 26 -10.08 6.48 -23.21
N PHE A 27 -9.69 5.78 -22.15
CA PHE A 27 -10.57 5.57 -21.01
C PHE A 27 -9.74 5.19 -19.80
N LYS A 28 -10.40 5.13 -18.64
CA LYS A 28 -9.76 4.82 -17.37
C LYS A 28 -9.64 3.29 -17.26
N PHE A 29 -8.58 2.78 -17.88
CA PHE A 29 -8.34 1.34 -17.95
C PHE A 29 -8.50 0.66 -16.60
N GLN A 30 -7.97 1.29 -15.54
CA GLN A 30 -7.96 0.64 -14.23
C GLN A 30 -9.37 0.38 -13.69
N ASN A 31 -10.37 1.13 -14.14
CA ASN A 31 -11.71 1.06 -13.57
C ASN A 31 -12.64 0.12 -14.32
N TYR A 32 -12.10 -0.76 -15.16
CA TYR A 32 -12.91 -1.66 -15.97
C TYR A 32 -12.36 -3.07 -15.93
N GLY A 33 -13.25 -4.05 -15.92
CA GLY A 33 -12.84 -5.41 -16.18
C GLY A 33 -12.54 -5.62 -17.65
N MET A 34 -11.68 -6.59 -17.92
CA MET A 34 -11.18 -6.86 -19.27
C MET A 34 -11.26 -8.34 -19.55
N SER A 35 -11.29 -8.70 -20.83
CA SER A 35 -11.44 -10.08 -21.23
C SER A 35 -10.61 -10.39 -22.47
N TRP A 36 -10.30 -11.67 -22.62
CA TRP A 36 -9.74 -12.22 -23.86
C TRP A 36 -10.77 -13.16 -24.46
N VAL A 37 -11.09 -12.94 -25.74
CA VAL A 37 -12.02 -13.77 -26.49
C VAL A 37 -11.33 -14.16 -27.79
N ARG A 38 -11.42 -15.43 -28.17
CA ARG A 38 -10.74 -15.91 -29.35
C ARG A 38 -11.73 -16.45 -30.37
N GLN A 39 -11.24 -16.61 -31.59
CA GLN A 39 -12.04 -17.16 -32.68
C GLN A 39 -11.15 -18.09 -33.49
N ALA A 40 -11.43 -19.39 -33.43
CA ALA A 40 -10.67 -20.36 -34.18
C ALA A 40 -11.09 -20.35 -35.65
N PRO A 41 -10.19 -20.75 -36.55
CA PRO A 41 -10.53 -20.71 -37.98
C PRO A 41 -11.80 -21.49 -38.27
N GLY A 42 -12.76 -20.82 -38.90
CA GLY A 42 -14.02 -21.45 -39.24
C GLY A 42 -14.92 -21.77 -38.06
N LYS A 43 -14.77 -21.04 -36.96
CA LYS A 43 -15.58 -21.30 -35.77
C LYS A 43 -16.00 -19.97 -35.16
N GLY A 44 -16.84 -20.05 -34.12
CA GLY A 44 -17.39 -18.89 -33.48
C GLY A 44 -16.55 -18.39 -32.33
N LEU A 45 -17.00 -17.28 -31.75
CA LEU A 45 -16.31 -16.70 -30.61
C LEU A 45 -16.27 -17.69 -29.44
N GLU A 46 -15.19 -17.63 -28.67
CA GLU A 46 -15.02 -18.45 -27.49
C GLU A 46 -14.32 -17.63 -26.43
N TRP A 47 -14.96 -17.47 -25.27
CA TRP A 47 -14.37 -16.73 -24.17
C TRP A 47 -13.14 -17.46 -23.64
N VAL A 48 -12.08 -16.69 -23.34
CA VAL A 48 -10.82 -17.23 -22.82
C VAL A 48 -10.65 -16.92 -21.34
N ALA A 49 -10.68 -15.62 -20.97
CA ALA A 49 -10.40 -15.26 -19.59
C ALA A 49 -10.93 -13.87 -19.26
N ASP A 50 -11.23 -13.65 -17.98
CA ASP A 50 -11.63 -12.37 -17.42
C ASP A 50 -10.67 -11.97 -16.29
N ILE A 51 -10.42 -10.67 -16.16
CA ILE A 51 -9.73 -10.12 -15.00
C ILE A 51 -10.54 -8.96 -14.45
N SER A 52 -10.78 -8.97 -13.14
CA SER A 52 -11.59 -7.95 -12.50
C SER A 52 -10.86 -6.61 -12.46
N GLY A 53 -11.63 -5.54 -12.57
CA GLY A 53 -11.12 -4.20 -12.41
C GLY A 53 -11.18 -3.65 -11.00
N SER A 54 -11.66 -4.43 -10.04
CA SER A 54 -11.74 -3.99 -8.65
C SER A 54 -10.75 -4.70 -7.74
N ASP A 55 -10.50 -6.01 -7.95
CA ASP A 55 -9.55 -6.76 -7.14
C ASP A 55 -8.54 -7.54 -7.95
N GLU A 56 -8.54 -7.45 -9.28
CA GLU A 56 -7.62 -8.17 -10.14
C GLU A 56 -7.75 -9.68 -10.00
N SER A 57 -8.90 -10.18 -9.53
CA SER A 57 -9.15 -11.61 -9.57
C SER A 57 -9.38 -12.07 -11.00
N THR A 58 -9.07 -13.34 -11.27
CA THR A 58 -8.99 -13.86 -12.62
C THR A 58 -9.92 -15.05 -12.77
N TYR A 59 -10.44 -15.21 -13.99
CA TYR A 59 -11.40 -16.28 -14.30
C TYR A 59 -11.09 -16.80 -15.70
N TYR A 60 -11.17 -18.12 -15.85
CA TYR A 60 -10.74 -18.80 -17.05
C TYR A 60 -11.80 -19.80 -17.49
N ALA A 61 -11.93 -19.95 -18.80
CA ALA A 61 -12.77 -21.02 -19.35
C ALA A 61 -12.15 -22.37 -19.01
N ASP A 62 -13.02 -23.38 -18.91
CA ASP A 62 -12.55 -24.70 -18.50
C ASP A 62 -11.56 -25.29 -19.50
N SER A 63 -11.71 -24.98 -20.79
CA SER A 63 -10.80 -25.46 -21.82
C SER A 63 -9.45 -24.77 -21.79
N VAL A 64 -9.21 -23.90 -20.80
CA VAL A 64 -8.04 -23.03 -20.81
C VAL A 64 -7.40 -23.00 -19.43
N LYS A 65 -8.19 -23.25 -18.39
CA LYS A 65 -7.70 -23.21 -17.02
C LYS A 65 -6.44 -24.04 -16.87
N GLY A 66 -5.42 -23.46 -16.23
CA GLY A 66 -4.18 -24.15 -15.96
C GLY A 66 -3.14 -24.06 -17.06
N ARG A 67 -3.47 -23.42 -18.18
CA ARG A 67 -2.51 -23.24 -19.27
C ARG A 67 -2.35 -21.80 -19.70
N PHE A 68 -3.29 -20.92 -19.37
CA PHE A 68 -3.23 -19.50 -19.69
C PHE A 68 -3.19 -18.69 -18.41
N THR A 69 -2.69 -17.46 -18.53
CA THR A 69 -2.62 -16.53 -17.40
C THR A 69 -2.89 -15.13 -17.91
N ILE A 70 -3.97 -14.53 -17.41
CA ILE A 70 -4.32 -13.15 -17.72
C ILE A 70 -3.83 -12.26 -16.59
N SER A 71 -3.36 -11.07 -16.94
CA SER A 71 -2.87 -10.12 -15.95
C SER A 71 -2.95 -8.73 -16.56
N ARG A 72 -2.78 -7.72 -15.70
CA ARG A 72 -2.78 -6.34 -16.14
C ARG A 72 -1.68 -5.58 -15.41
N ASP A 73 -1.13 -4.58 -16.08
CA ASP A 73 -0.09 -3.75 -15.48
C ASP A 73 -0.71 -2.64 -14.66
N THR A 74 -0.05 -2.29 -13.56
CA THR A 74 -0.50 -1.21 -12.70
C THR A 74 0.04 0.15 -13.13
N SER A 75 1.26 0.19 -13.67
CA SER A 75 1.85 1.44 -14.16
C SER A 75 1.48 1.73 -15.61
N LYS A 76 1.23 0.69 -16.40
CA LYS A 76 0.84 0.83 -17.79
C LYS A 76 -0.62 0.44 -17.97
N ASN A 77 -1.28 1.10 -18.92
CA ASN A 77 -2.63 0.71 -19.33
C ASN A 77 -2.55 -0.46 -20.31
N THR A 78 -2.01 -1.57 -19.82
CA THR A 78 -1.71 -2.73 -20.65
C THR A 78 -2.27 -4.00 -20.03
N LEU A 79 -2.86 -4.85 -20.87
CA LEU A 79 -3.37 -6.15 -20.51
C LEU A 79 -2.51 -7.22 -21.17
N HIS A 80 -2.41 -8.38 -20.52
CA HIS A 80 -1.59 -9.47 -21.04
C HIS A 80 -2.33 -10.79 -20.97
N LEU A 81 -1.93 -11.71 -21.85
CA LEU A 81 -2.32 -13.11 -21.79
C LEU A 81 -1.08 -13.95 -22.03
N GLN A 82 -0.72 -14.76 -21.04
CA GLN A 82 0.41 -15.67 -21.14
C GLN A 82 -0.10 -17.06 -21.50
N MET A 83 0.45 -17.64 -22.57
CA MET A 83 0.10 -18.98 -23.00
C MET A 83 1.27 -19.89 -22.64
N SER A 84 1.07 -20.75 -21.64
CA SER A 84 2.16 -21.55 -21.06
C SER A 84 2.20 -22.98 -21.57
N SER A 85 1.06 -23.59 -21.87
CA SER A 85 1.00 -24.95 -22.41
C SER A 85 0.14 -24.94 -23.66
N PRO A 86 0.59 -24.26 -24.72
CA PRO A 86 -0.24 -24.14 -25.91
C PRO A 86 -0.45 -25.47 -26.62
N ARG A 87 -1.67 -25.70 -27.06
CA ARG A 87 -2.04 -26.87 -27.86
C ARG A 87 -2.55 -26.41 -29.22
N ALA A 88 -2.67 -27.36 -30.14
CA ALA A 88 -3.13 -27.03 -31.48
C ALA A 88 -4.50 -26.38 -31.45
N GLU A 89 -5.38 -26.84 -30.56
CA GLU A 89 -6.72 -26.25 -30.43
C GLU A 89 -6.68 -24.78 -30.05
N ASP A 90 -5.53 -24.25 -29.64
CA ASP A 90 -5.41 -22.85 -29.24
C ASP A 90 -5.16 -21.91 -30.41
N THR A 91 -4.92 -22.45 -31.60
CA THR A 91 -4.73 -21.62 -32.78
C THR A 91 -6.02 -20.86 -33.05
N ALA A 92 -5.92 -19.54 -33.09
CA ALA A 92 -7.09 -18.69 -33.23
C ALA A 92 -6.66 -17.25 -33.30
N LEU A 93 -7.58 -16.40 -33.74
CA LEU A 93 -7.45 -14.96 -33.57
C LEU A 93 -7.88 -14.60 -32.14
N TYR A 94 -7.08 -13.80 -31.46
CA TYR A 94 -7.29 -13.48 -30.06
C TYR A 94 -7.69 -12.02 -29.92
N TYR A 95 -8.88 -11.78 -29.36
CA TYR A 95 -9.42 -10.44 -29.19
C TYR A 95 -9.23 -9.95 -27.76
N CYS A 96 -8.83 -8.68 -27.64
CA CYS A 96 -8.88 -7.93 -26.40
C CYS A 96 -10.22 -7.22 -26.32
N ALA A 97 -10.85 -7.19 -25.14
CA ALA A 97 -12.19 -6.62 -25.04
C ALA A 97 -12.40 -5.94 -23.69
N LYS A 98 -13.08 -4.80 -23.74
CA LYS A 98 -13.37 -3.97 -22.58
C LYS A 98 -14.81 -4.20 -22.11
N ALA A 99 -14.98 -4.33 -20.80
CA ALA A 99 -16.32 -4.46 -20.24
C ALA A 99 -17.10 -3.16 -20.41
N THR A 100 -18.40 -3.29 -20.71
CA THR A 100 -19.26 -2.11 -20.80
C THR A 100 -19.40 -1.44 -19.44
N ALA A 101 -19.77 -2.21 -18.42
CA ALA A 101 -20.04 -1.66 -17.10
C ALA A 101 -18.73 -1.53 -16.30
N PRO A 102 -18.55 -0.45 -15.55
CA PRO A 102 -17.32 -0.30 -14.76
C PRO A 102 -17.25 -1.35 -13.67
N ALA A 103 -16.09 -1.39 -13.00
CA ALA A 103 -15.89 -2.36 -11.93
C ALA A 103 -16.73 -2.00 -10.71
N GLY A 104 -17.13 -3.02 -9.96
CA GLY A 104 -17.91 -2.86 -8.77
C GLY A 104 -19.40 -3.04 -8.95
N LYS A 105 -19.87 -3.32 -10.16
CA LYS A 105 -21.29 -3.49 -10.44
C LYS A 105 -21.64 -4.97 -10.42
N TYR A 106 -22.79 -5.30 -9.85
CA TYR A 106 -23.28 -6.67 -9.91
C TYR A 106 -23.85 -7.02 -11.28
N TYR A 107 -24.29 -6.03 -12.05
CA TYR A 107 -24.87 -6.28 -13.36
C TYR A 107 -23.76 -6.29 -14.41
N TYR A 108 -24.04 -6.99 -15.52
CA TYR A 108 -23.10 -7.16 -16.61
C TYR A 108 -23.73 -6.69 -17.91
N TYR A 109 -23.03 -5.79 -18.60
CA TYR A 109 -23.55 -5.14 -19.81
C TYR A 109 -22.69 -5.47 -21.02
N GLY A 110 -22.19 -6.70 -21.09
CA GLY A 110 -21.40 -7.12 -22.23
C GLY A 110 -20.06 -6.40 -22.34
N MET A 111 -19.48 -6.48 -23.53
CA MET A 111 -18.19 -5.91 -23.85
C MET A 111 -18.37 -4.93 -25.00
N ASP A 112 -18.08 -3.65 -24.74
CA ASP A 112 -18.47 -2.60 -25.68
C ASP A 112 -17.33 -2.14 -26.59
N VAL A 113 -16.08 -2.43 -26.26
CA VAL A 113 -14.96 -2.10 -27.13
C VAL A 113 -14.05 -3.31 -27.27
N TRP A 114 -13.72 -3.66 -28.51
CA TRP A 114 -12.87 -4.79 -28.84
C TRP A 114 -11.68 -4.32 -29.66
N GLY A 115 -10.55 -5.00 -29.47
CA GLY A 115 -9.38 -4.73 -30.26
C GLY A 115 -9.50 -5.32 -31.65
N GLN A 116 -8.50 -5.02 -32.49
CA GLN A 116 -8.48 -5.55 -33.85
C GLN A 116 -8.15 -7.03 -33.88
N GLY A 117 -7.51 -7.56 -32.85
CA GLY A 117 -7.20 -8.96 -32.74
C GLY A 117 -5.78 -9.28 -33.20
N THR A 118 -5.22 -10.34 -32.63
CA THR A 118 -3.88 -10.82 -32.97
C THR A 118 -3.94 -12.33 -33.18
N THR A 119 -3.18 -12.81 -34.16
CA THR A 119 -3.28 -14.18 -34.64
C THR A 119 -2.20 -15.04 -34.00
N VAL A 120 -2.61 -16.17 -33.41
CA VAL A 120 -1.70 -17.10 -32.75
C VAL A 120 -1.88 -18.45 -33.40
N THR A 121 -0.76 -19.07 -33.78
CA THR A 121 -0.74 -20.38 -34.41
C THR A 121 0.18 -21.29 -33.62
N VAL A 122 -0.32 -22.45 -33.22
CA VAL A 122 0.45 -23.42 -32.47
C VAL A 122 0.86 -24.53 -33.44
N SER A 123 2.14 -24.59 -33.77
CA SER A 123 2.66 -25.67 -34.60
C SER A 123 4.19 -25.66 -34.53
N SER A 124 4.78 -26.74 -35.02
CA SER A 124 6.22 -26.90 -35.10
C SER A 124 6.81 -26.34 -36.39
N ALA A 125 5.97 -25.85 -37.30
CA ALA A 125 6.45 -25.39 -38.60
C ALA A 125 7.24 -24.09 -38.47
N SER A 126 8.05 -23.82 -39.48
CA SER A 126 8.96 -22.69 -39.47
C SER A 126 8.34 -21.46 -40.12
N THR A 127 8.76 -20.29 -39.64
CA THR A 127 8.30 -19.03 -40.20
C THR A 127 8.92 -18.79 -41.57
N LYS A 128 8.10 -18.33 -42.51
CA LYS A 128 8.56 -18.09 -43.87
C LYS A 128 7.81 -16.92 -44.47
N GLY A 129 8.55 -15.94 -44.96
CA GLY A 129 7.98 -14.80 -45.64
C GLY A 129 7.56 -15.14 -47.06
N PRO A 130 6.64 -14.37 -47.62
CA PRO A 130 6.05 -14.75 -48.91
C PRO A 130 6.84 -14.27 -50.12
N SER A 131 6.54 -14.91 -51.24
CA SER A 131 6.94 -14.43 -52.56
C SER A 131 5.75 -13.76 -53.22
N VAL A 132 5.96 -12.58 -53.79
CA VAL A 132 4.88 -11.77 -54.35
C VAL A 132 5.03 -11.75 -55.86
N PHE A 133 4.02 -12.27 -56.56
CA PHE A 133 4.04 -12.37 -58.02
C PHE A 133 2.91 -11.55 -58.62
N PRO A 134 3.16 -10.82 -59.70
CA PRO A 134 2.09 -10.00 -60.30
C PRO A 134 1.07 -10.83 -61.04
N LEU A 135 -0.16 -10.35 -61.05
CA LEU A 135 -1.23 -10.84 -61.92
C LEU A 135 -1.50 -9.71 -62.90
N ALA A 136 -0.88 -9.79 -64.10
CA ALA A 136 -0.88 -8.74 -65.14
C ALA A 136 -2.25 -8.57 -65.80
N PRO A 137 -2.71 -7.35 -66.09
CA PRO A 137 -4.03 -7.19 -66.69
C PRO A 137 -4.05 -7.41 -68.20
N SER A 138 -5.28 -7.61 -68.69
CA SER A 138 -5.64 -7.58 -70.11
C SER A 138 -4.75 -8.44 -70.99
N SER A 139 -3.92 -7.83 -71.86
CA SER A 139 -3.31 -8.53 -72.97
C SER A 139 -4.37 -9.23 -73.82
N GLY A 145 -14.23 -0.45 -71.12
CA GLY A 145 -14.39 -1.70 -70.41
C GLY A 145 -13.56 -1.73 -69.15
N THR A 146 -13.67 -2.83 -68.39
CA THR A 146 -13.04 -2.98 -67.08
C THR A 146 -11.99 -4.08 -67.14
N ALA A 147 -10.77 -3.77 -66.71
CA ALA A 147 -9.68 -4.73 -66.60
C ALA A 147 -9.51 -5.13 -65.13
N ALA A 148 -8.86 -6.26 -64.93
CA ALA A 148 -8.52 -6.77 -63.62
C ALA A 148 -7.02 -7.06 -63.56
N LEU A 149 -6.32 -6.62 -62.53
CA LEU A 149 -4.94 -7.04 -62.27
C LEU A 149 -4.94 -7.57 -60.84
N GLY A 150 -3.79 -7.98 -60.25
CA GLY A 150 -3.69 -8.41 -58.88
C GLY A 150 -2.29 -8.78 -58.46
N CYS A 151 -2.24 -9.43 -57.30
CA CYS A 151 -1.02 -9.67 -56.54
C CYS A 151 -1.14 -11.08 -55.98
N LEU A 152 -0.23 -11.98 -56.36
CA LEU A 152 -0.23 -13.33 -55.82
C LEU A 152 0.82 -13.40 -54.71
N VAL A 153 0.36 -13.68 -53.49
CA VAL A 153 1.19 -13.73 -52.29
C VAL A 153 1.28 -15.19 -51.86
N LYS A 154 2.42 -15.83 -52.12
CA LYS A 154 2.52 -17.28 -52.11
C LYS A 154 3.57 -17.78 -51.12
N ASP A 155 3.26 -18.91 -50.46
CA ASP A 155 4.20 -19.67 -49.65
C ASP A 155 4.73 -18.86 -48.46
N TYR A 156 3.83 -18.59 -47.51
CA TYR A 156 4.20 -17.99 -46.22
C TYR A 156 3.61 -18.78 -45.06
N PHE A 157 4.23 -18.61 -43.89
CA PHE A 157 3.76 -19.18 -42.63
C PHE A 157 4.26 -18.33 -41.48
N PRO A 158 3.48 -18.11 -40.42
CA PRO A 158 2.05 -18.31 -40.16
C PRO A 158 1.26 -17.18 -40.81
N GLU A 159 -0.06 -17.22 -40.65
CA GLU A 159 -0.88 -16.06 -40.92
C GLU A 159 -0.55 -14.97 -39.91
N PRO A 160 -0.84 -13.69 -40.22
CA PRO A 160 -1.47 -13.12 -41.42
C PRO A 160 -0.50 -12.37 -42.32
N VAL A 161 -0.98 -11.98 -43.49
CA VAL A 161 -0.35 -10.97 -44.33
C VAL A 161 -1.40 -9.90 -44.59
N THR A 162 -0.95 -8.67 -44.78
CA THR A 162 -1.80 -7.53 -45.09
C THR A 162 -1.37 -7.03 -46.48
N VAL A 163 -2.32 -6.63 -47.31
CA VAL A 163 -2.12 -6.17 -48.68
C VAL A 163 -2.89 -4.87 -48.87
N SER A 164 -2.19 -3.81 -49.25
CA SER A 164 -2.78 -2.57 -49.71
C SER A 164 -2.41 -2.37 -51.17
N TRP A 165 -2.84 -1.26 -51.75
CA TRP A 165 -2.55 -0.93 -53.14
C TRP A 165 -2.18 0.53 -53.25
N ASN A 166 -1.05 0.81 -53.88
CA ASN A 166 -0.53 2.16 -54.01
C ASN A 166 -0.52 2.88 -52.66
N SER A 167 -0.16 2.14 -51.61
CA SER A 167 0.00 2.68 -50.26
C SER A 167 -1.33 3.21 -49.72
N GLY A 168 -2.41 2.48 -49.97
CA GLY A 168 -3.72 2.82 -49.46
C GLY A 168 -4.54 3.76 -50.32
N ALA A 169 -3.91 4.45 -51.27
CA ALA A 169 -4.65 5.39 -52.11
C ALA A 169 -5.60 4.70 -53.09
N LEU A 170 -5.52 3.37 -53.22
CA LEU A 170 -6.38 2.61 -54.11
C LEU A 170 -7.14 1.57 -53.29
N THR A 171 -8.43 1.81 -53.09
CA THR A 171 -9.24 0.97 -52.22
C THR A 171 -10.49 0.44 -52.92
N SER A 172 -11.07 1.25 -53.81
CA SER A 172 -12.26 0.84 -54.53
C SER A 172 -11.93 -0.27 -55.51
N GLY A 173 -12.74 -1.33 -55.50
CA GLY A 173 -12.54 -2.47 -56.36
C GLY A 173 -11.59 -3.53 -55.83
N VAL A 174 -10.94 -3.29 -54.69
CA VAL A 174 -9.96 -4.23 -54.17
C VAL A 174 -10.68 -5.37 -53.46
N HIS A 175 -10.33 -6.60 -53.82
CA HIS A 175 -10.80 -7.81 -53.14
C HIS A 175 -9.57 -8.60 -52.72
N THR A 176 -9.34 -8.72 -51.42
CA THR A 176 -8.24 -9.52 -50.89
C THR A 176 -8.82 -10.81 -50.31
N PHE A 177 -8.46 -11.93 -50.90
CA PHE A 177 -9.15 -13.18 -50.61
C PHE A 177 -8.61 -13.80 -49.32
N PRO A 178 -9.45 -14.55 -48.60
CA PRO A 178 -8.93 -15.27 -47.43
C PRO A 178 -7.88 -16.28 -47.86
N ALA A 179 -6.85 -16.43 -47.04
CA ALA A 179 -5.76 -17.33 -47.36
C ALA A 179 -6.27 -18.77 -47.42
N VAL A 180 -5.60 -19.58 -48.24
CA VAL A 180 -5.87 -21.01 -48.31
C VAL A 180 -4.60 -21.74 -47.89
N LEU A 181 -4.78 -22.85 -47.16
CA LEU A 181 -3.67 -23.66 -46.68
C LEU A 181 -3.34 -24.68 -47.75
N GLN A 182 -2.15 -24.56 -48.33
CA GLN A 182 -1.73 -25.48 -49.39
C GLN A 182 -1.27 -26.81 -48.79
N SER A 183 -1.18 -27.82 -49.66
CA SER A 183 -0.78 -29.14 -49.22
C SER A 183 0.62 -29.15 -48.61
N SER A 184 1.43 -28.13 -48.90
CA SER A 184 2.78 -28.02 -48.34
C SER A 184 2.78 -27.49 -46.92
N GLY A 185 1.63 -27.10 -46.38
CA GLY A 185 1.58 -26.47 -45.08
C GLY A 185 1.88 -24.99 -45.09
N LEU A 186 1.98 -24.38 -46.26
CA LEU A 186 2.19 -22.94 -46.40
C LEU A 186 0.92 -22.28 -46.91
N TYR A 187 0.77 -21.01 -46.68
CA TYR A 187 -0.44 -20.25 -47.01
C TYR A 187 -0.18 -19.46 -48.27
N SER A 188 -1.24 -19.18 -49.02
CA SER A 188 -1.18 -18.37 -50.22
C SER A 188 -2.50 -17.66 -50.41
N LEU A 189 -2.45 -16.44 -50.93
CA LEU A 189 -3.66 -15.68 -51.23
C LEU A 189 -3.39 -14.78 -52.43
N SER A 190 -4.47 -14.22 -52.96
CA SER A 190 -4.40 -13.23 -54.01
C SER A 190 -5.16 -11.98 -53.58
N SER A 191 -4.66 -10.83 -54.05
CA SER A 191 -5.39 -9.57 -53.96
C SER A 191 -5.55 -9.03 -55.38
N VAL A 192 -6.79 -8.78 -55.77
CA VAL A 192 -7.11 -8.30 -57.11
C VAL A 192 -7.81 -6.95 -56.99
N VAL A 193 -7.85 -6.24 -58.12
CA VAL A 193 -8.54 -4.96 -58.20
C VAL A 193 -8.94 -4.72 -59.65
N THR A 194 -10.18 -4.27 -59.84
CA THR A 194 -10.66 -3.89 -61.18
C THR A 194 -10.31 -2.43 -61.45
N VAL A 195 -9.92 -2.14 -62.68
CA VAL A 195 -9.48 -0.82 -63.08
C VAL A 195 -10.00 -0.53 -64.48
N PRO A 196 -10.02 0.75 -64.88
CA PRO A 196 -10.39 1.08 -66.26
C PRO A 196 -9.32 0.60 -67.22
N SER A 197 -9.74 -0.22 -68.19
CA SER A 197 -8.78 -0.71 -69.19
C SER A 197 -8.23 0.41 -70.06
N SER A 198 -8.96 1.53 -70.18
CA SER A 198 -8.55 2.60 -71.09
C SER A 198 -7.28 3.30 -70.63
N SER A 199 -6.90 3.18 -69.36
CA SER A 199 -5.76 3.92 -68.81
C SER A 199 -4.63 3.00 -68.35
N LEU A 200 -4.67 1.71 -68.72
CA LEU A 200 -3.66 0.77 -68.26
C LEU A 200 -2.25 1.15 -68.68
N GLY A 201 -2.09 1.93 -69.75
CA GLY A 201 -0.78 2.33 -70.20
C GLY A 201 -0.24 3.60 -69.56
N THR A 202 -1.04 4.27 -68.73
CA THR A 202 -0.63 5.53 -68.11
C THR A 202 -0.73 5.51 -66.60
N GLN A 203 -1.40 4.52 -66.00
CA GLN A 203 -1.59 4.47 -64.56
C GLN A 203 -0.68 3.41 -63.97
N THR A 204 -0.11 3.72 -62.80
CA THR A 204 0.82 2.84 -62.11
C THR A 204 0.08 2.13 -60.97
N TYR A 205 0.38 0.84 -60.79
CA TYR A 205 -0.31 0.00 -59.81
C TYR A 205 0.74 -0.81 -59.06
N ILE A 206 0.75 -0.68 -57.74
CA ILE A 206 1.70 -1.35 -56.87
C ILE A 206 0.94 -1.95 -55.70
N CYS A 207 1.12 -3.25 -55.46
CA CYS A 207 0.60 -3.89 -54.26
C CYS A 207 1.68 -3.87 -53.18
N ASN A 208 1.29 -3.47 -51.98
CA ASN A 208 2.18 -3.40 -50.83
C ASN A 208 1.82 -4.55 -49.90
N VAL A 209 2.75 -5.48 -49.73
CA VAL A 209 2.54 -6.70 -48.95
C VAL A 209 3.39 -6.62 -47.70
N ASN A 210 2.83 -7.10 -46.58
CA ASN A 210 3.52 -7.07 -45.30
C ASN A 210 3.26 -8.36 -44.56
N HIS A 211 4.33 -8.99 -44.07
CA HIS A 211 4.25 -10.23 -43.27
C HIS A 211 5.04 -9.99 -42.00
N LYS A 212 4.34 -9.56 -40.94
CA LYS A 212 5.00 -9.23 -39.68
C LYS A 212 5.82 -10.35 -39.07
N PRO A 213 5.38 -11.62 -39.05
CA PRO A 213 6.18 -12.66 -38.36
C PRO A 213 7.59 -12.84 -38.90
N SER A 214 7.87 -12.41 -40.14
CA SER A 214 9.21 -12.50 -40.73
C SER A 214 9.78 -11.14 -41.10
N ASN A 215 9.15 -10.04 -40.69
CA ASN A 215 9.63 -8.69 -41.00
C ASN A 215 9.77 -8.47 -42.51
N THR A 216 8.81 -8.96 -43.27
CA THR A 216 8.86 -8.89 -44.73
C THR A 216 7.90 -7.82 -45.22
N LYS A 217 8.45 -6.83 -45.93
CA LYS A 217 7.69 -5.82 -46.66
C LYS A 217 8.10 -5.87 -48.12
N VAL A 218 7.12 -5.92 -49.01
CA VAL A 218 7.37 -6.08 -50.44
C VAL A 218 6.46 -5.13 -51.21
N ASP A 219 7.02 -4.49 -52.23
CA ASP A 219 6.27 -3.67 -53.19
C ASP A 219 6.53 -4.22 -54.59
N LYS A 220 5.46 -4.67 -55.24
CA LYS A 220 5.54 -5.26 -56.58
C LYS A 220 4.66 -4.47 -57.52
N ARG A 221 5.26 -3.84 -58.52
CA ARG A 221 4.48 -3.17 -59.55
C ARG A 221 3.79 -4.22 -60.42
N VAL A 222 2.50 -4.01 -60.70
CA VAL A 222 1.74 -4.86 -61.60
C VAL A 222 1.50 -4.07 -62.87
N GLU A 223 2.02 -4.58 -63.98
CA GLU A 223 2.04 -3.90 -65.26
C GLU A 223 1.46 -4.82 -66.33
N PRO A 224 0.90 -4.25 -67.40
CA PRO A 224 0.56 -5.11 -68.55
C PRO A 224 1.83 -5.63 -69.20
N LYS A 225 1.82 -6.92 -69.54
CA LYS A 225 2.95 -7.53 -70.21
C LYS A 225 3.01 -7.04 -71.65
N SER A 226 4.20 -6.67 -72.11
CA SER A 226 4.45 -6.32 -73.50
C SER A 226 4.80 -7.59 -74.25
N CYS A 227 3.91 -8.00 -75.17
CA CYS A 227 4.12 -9.21 -75.96
C CYS A 227 4.42 -8.86 -77.41
N THR B 5 -27.33 -22.98 -27.65
CA THR B 5 -27.72 -23.25 -29.03
C THR B 5 -28.25 -21.97 -29.70
N GLN B 6 -27.92 -21.80 -30.97
CA GLN B 6 -28.34 -20.63 -31.74
C GLN B 6 -29.00 -21.09 -33.03
N SER B 7 -30.05 -20.38 -33.44
CA SER B 7 -30.80 -20.73 -34.64
C SER B 7 -31.32 -19.47 -35.30
N PRO B 8 -31.34 -19.41 -36.65
CA PRO B 8 -30.82 -20.41 -37.60
C PRO B 8 -29.35 -20.19 -37.92
N ALA B 9 -28.63 -21.27 -38.25
CA ALA B 9 -27.21 -21.14 -38.56
C ALA B 9 -26.98 -20.26 -39.79
N THR B 10 -27.91 -20.29 -40.74
CA THR B 10 -27.82 -19.49 -41.96
C THR B 10 -29.16 -18.79 -42.19
N LEU B 11 -29.10 -17.63 -42.84
CA LEU B 11 -30.29 -16.84 -43.09
C LEU B 11 -30.05 -15.94 -44.31
N SER B 12 -31.03 -15.89 -45.21
CA SER B 12 -30.92 -15.08 -46.41
C SER B 12 -32.24 -14.33 -46.61
N LEU B 13 -32.17 -13.00 -46.54
CA LEU B 13 -33.37 -12.16 -46.59
C LEU B 13 -33.09 -10.95 -47.46
N SER B 14 -34.17 -10.38 -48.02
CA SER B 14 -34.07 -9.23 -48.90
C SER B 14 -34.06 -7.94 -48.09
N PRO B 15 -33.55 -6.85 -48.65
CA PRO B 15 -33.55 -5.57 -47.91
C PRO B 15 -34.98 -5.14 -47.57
N GLY B 16 -35.12 -4.53 -46.40
CA GLY B 16 -36.42 -4.11 -45.93
C GLY B 16 -37.25 -5.20 -45.29
N GLU B 17 -36.72 -6.42 -45.19
CA GLU B 17 -37.41 -7.49 -44.48
C GLU B 17 -36.94 -7.50 -43.01
N ILE B 18 -37.53 -8.40 -42.22
CA ILE B 18 -37.29 -8.47 -40.79
C ILE B 18 -36.54 -9.76 -40.49
N ALA B 19 -35.34 -9.61 -39.90
CA ALA B 19 -34.55 -10.75 -39.46
C ALA B 19 -34.80 -10.96 -37.97
N THR B 20 -35.02 -12.22 -37.57
CA THR B 20 -35.19 -12.58 -36.18
C THR B 20 -34.29 -13.77 -35.88
N LEU B 21 -33.37 -13.60 -34.94
CA LEU B 21 -32.50 -14.66 -34.47
C LEU B 21 -32.85 -15.01 -33.03
N SER B 22 -32.51 -16.23 -32.61
CA SER B 22 -32.85 -16.65 -31.27
C SER B 22 -31.83 -17.66 -30.76
N CYS B 23 -31.52 -17.56 -29.46
CA CYS B 23 -30.70 -18.52 -28.75
C CYS B 23 -31.47 -19.06 -27.55
N ARG B 24 -31.16 -20.29 -27.17
CA ARG B 24 -31.80 -20.93 -26.02
C ARG B 24 -30.94 -20.68 -24.78
N ALA B 25 -31.41 -19.82 -23.89
CA ALA B 25 -30.67 -19.50 -22.68
C ALA B 25 -30.60 -20.70 -21.76
N SER B 26 -29.42 -20.93 -21.18
CA SER B 26 -29.22 -22.06 -20.28
C SER B 26 -29.36 -21.62 -18.82
N VAL B 29 -27.80 -20.16 -13.92
CA VAL B 29 -29.15 -19.78 -13.55
C VAL B 29 -29.41 -18.35 -14.03
N SER B 30 -29.27 -17.34 -13.17
CA SER B 30 -29.40 -15.96 -13.61
C SER B 30 -28.19 -15.60 -14.48
N SER B 31 -28.44 -14.79 -15.51
CA SER B 31 -27.40 -14.50 -16.48
C SER B 31 -27.74 -13.20 -17.21
N TYR B 32 -26.72 -12.66 -17.88
CA TYR B 32 -26.84 -11.44 -18.66
C TYR B 32 -26.58 -11.74 -20.12
N LEU B 33 -27.50 -11.30 -20.97
CA LEU B 33 -27.56 -11.68 -22.38
C LEU B 33 -27.14 -10.50 -23.25
N ALA B 34 -26.38 -10.79 -24.31
CA ALA B 34 -25.90 -9.76 -25.21
C ALA B 34 -25.88 -10.31 -26.64
N TRP B 35 -25.79 -9.38 -27.59
CA TRP B 35 -25.74 -9.71 -29.02
C TRP B 35 -24.64 -8.90 -29.69
N TYR B 36 -23.87 -9.55 -30.57
CA TYR B 36 -22.76 -8.91 -31.24
C TYR B 36 -22.88 -9.09 -32.76
N GLN B 37 -22.41 -8.09 -33.48
CA GLN B 37 -22.34 -8.11 -34.93
C GLN B 37 -20.88 -8.20 -35.36
N LEU B 38 -20.57 -9.16 -36.21
CA LEU B 38 -19.22 -9.36 -36.74
C LEU B 38 -19.28 -9.14 -38.24
N LYS B 39 -18.90 -7.95 -38.68
CA LYS B 39 -18.89 -7.63 -40.10
C LYS B 39 -17.58 -8.11 -40.74
N PRO B 40 -17.58 -8.30 -42.07
CA PRO B 40 -16.36 -8.76 -42.74
C PRO B 40 -15.16 -7.88 -42.45
N GLY B 41 -14.10 -8.47 -41.89
CA GLY B 41 -12.86 -7.76 -41.64
C GLY B 41 -12.95 -6.67 -40.59
N GLN B 42 -13.74 -6.88 -39.54
CA GLN B 42 -13.95 -5.85 -38.53
C GLN B 42 -14.10 -6.49 -37.16
N ALA B 43 -13.73 -5.73 -36.13
CA ALA B 43 -13.88 -6.19 -34.77
C ALA B 43 -15.36 -6.38 -34.44
N PRO B 44 -15.70 -7.30 -33.54
CA PRO B 44 -17.09 -7.43 -33.09
C PRO B 44 -17.61 -6.12 -32.55
N ARG B 45 -18.93 -5.95 -32.63
CA ARG B 45 -19.59 -4.73 -32.21
C ARG B 45 -20.81 -5.08 -31.38
N LEU B 46 -20.90 -4.49 -30.18
CA LEU B 46 -22.02 -4.73 -29.30
C LEU B 46 -23.28 -4.08 -29.85
N LEU B 47 -24.36 -4.87 -29.97
CA LEU B 47 -25.66 -4.36 -30.40
C LEU B 47 -26.61 -4.21 -29.22
N ILE B 48 -26.96 -5.33 -28.59
CA ILE B 48 -27.88 -5.37 -27.47
C ILE B 48 -27.12 -5.92 -26.26
N TYR B 49 -27.46 -5.40 -25.09
CA TYR B 49 -26.91 -5.92 -23.85
C TYR B 49 -28.00 -5.97 -22.80
N ASP B 50 -27.87 -6.91 -21.86
CA ASP B 50 -28.92 -7.17 -20.86
C ASP B 50 -30.24 -7.58 -21.54
N ALA B 51 -30.14 -8.18 -22.72
CA ALA B 51 -31.21 -8.85 -23.46
C ALA B 51 -32.20 -7.91 -24.14
N SER B 52 -32.23 -6.61 -23.77
CA SER B 52 -33.13 -5.67 -24.44
C SER B 52 -32.63 -4.25 -24.56
N ARG B 53 -31.43 -3.92 -24.08
N ARG B 53 -31.43 -3.92 -24.08
CA ARG B 53 -30.94 -2.54 -24.08
CA ARG B 53 -30.94 -2.53 -24.09
C ARG B 53 -29.96 -2.32 -25.22
C ARG B 53 -29.97 -2.32 -25.23
N ARG B 54 -30.05 -1.15 -25.84
CA ARG B 54 -29.38 -0.85 -27.09
C ARG B 54 -28.07 -0.13 -26.81
N ALA B 55 -26.96 -0.66 -27.35
CA ALA B 55 -25.68 0.01 -27.22
C ALA B 55 -25.74 1.38 -27.88
N ALA B 56 -24.87 2.27 -27.43
CA ALA B 56 -24.84 3.62 -27.98
C ALA B 56 -24.38 3.58 -29.43
N GLY B 57 -25.04 4.40 -30.26
CA GLY B 57 -24.77 4.42 -31.68
C GLY B 57 -25.56 3.42 -32.50
N ILE B 58 -26.26 2.50 -31.84
CA ILE B 58 -27.03 1.47 -32.55
C ILE B 58 -28.41 2.04 -32.84
N PRO B 59 -28.97 1.85 -34.04
CA PRO B 59 -30.26 2.43 -34.35
C PRO B 59 -31.42 1.61 -33.81
N ALA B 60 -32.58 2.27 -33.69
CA ALA B 60 -33.78 1.61 -33.20
C ALA B 60 -34.19 0.43 -34.07
N ARG B 61 -33.66 0.36 -35.30
CA ARG B 61 -33.91 -0.80 -36.15
C ARG B 61 -33.57 -2.11 -35.44
N PHE B 62 -32.59 -2.10 -34.55
CA PHE B 62 -32.20 -3.28 -33.80
C PHE B 62 -32.90 -3.31 -32.45
N SER B 63 -33.38 -4.49 -32.07
CA SER B 63 -34.05 -4.65 -30.78
C SER B 63 -33.94 -6.10 -30.34
N GLY B 64 -33.99 -6.32 -29.02
CA GLY B 64 -33.91 -7.64 -28.47
C GLY B 64 -35.00 -7.85 -27.42
N SER B 65 -35.29 -9.13 -27.16
CA SER B 65 -36.31 -9.50 -26.21
C SER B 65 -36.03 -10.92 -25.71
N GLU B 66 -36.76 -11.33 -24.69
CA GLU B 66 -36.61 -12.63 -24.08
C GLU B 66 -37.98 -13.21 -23.75
N SER B 67 -38.12 -14.53 -23.77
CA SER B 67 -39.38 -15.27 -23.50
C SER B 67 -39.06 -16.59 -22.82
N GLY B 68 -38.80 -16.57 -21.52
CA GLY B 68 -38.43 -17.77 -20.80
C GLY B 68 -37.05 -18.26 -21.15
N THR B 69 -36.96 -19.51 -21.62
CA THR B 69 -35.73 -20.14 -22.07
C THR B 69 -35.52 -19.88 -23.57
N ASP B 70 -35.54 -18.59 -23.92
CA ASP B 70 -35.29 -18.18 -25.29
C ASP B 70 -35.21 -16.66 -25.33
N PHE B 71 -34.30 -16.14 -26.15
CA PHE B 71 -34.19 -14.70 -26.34
C PHE B 71 -33.70 -14.42 -27.76
N THR B 72 -34.18 -13.31 -28.32
CA THR B 72 -34.14 -13.07 -29.75
C THR B 72 -33.63 -11.68 -30.05
N LEU B 73 -33.02 -11.55 -31.23
CA LEU B 73 -32.62 -10.28 -31.82
C LEU B 73 -33.43 -10.05 -33.08
N THR B 74 -33.92 -8.82 -33.27
CA THR B 74 -34.69 -8.49 -34.46
C THR B 74 -34.11 -7.25 -35.13
N ILE B 75 -34.05 -7.29 -36.46
CA ILE B 75 -33.59 -6.18 -37.29
C ILE B 75 -34.66 -5.95 -38.36
N SER B 76 -35.20 -4.73 -38.42
CA SER B 76 -36.45 -4.48 -39.12
C SER B 76 -36.26 -3.97 -40.55
N SER B 77 -35.64 -2.80 -40.73
CA SER B 77 -35.47 -2.24 -42.08
C SER B 77 -34.12 -2.68 -42.65
N LEU B 78 -34.01 -3.98 -42.88
CA LEU B 78 -32.76 -4.59 -43.30
C LEU B 78 -32.11 -3.81 -44.44
N GLU B 79 -30.81 -3.57 -44.29
CA GLU B 79 -29.98 -2.89 -45.27
C GLU B 79 -28.84 -3.79 -45.68
N PRO B 80 -28.26 -3.57 -46.86
CA PRO B 80 -27.07 -4.35 -47.25
C PRO B 80 -25.95 -4.31 -46.22
N GLU B 81 -25.85 -3.22 -45.45
CA GLU B 81 -24.84 -3.14 -44.40
C GLU B 81 -25.01 -4.22 -43.34
N ASP B 82 -26.19 -4.83 -43.24
CA ASP B 82 -26.43 -5.79 -42.18
C ASP B 82 -25.86 -7.18 -42.47
N SER B 83 -25.23 -7.36 -43.62
CA SER B 83 -24.59 -8.63 -43.93
C SER B 83 -23.44 -8.87 -42.96
N ALA B 84 -23.53 -9.94 -42.17
CA ALA B 84 -22.57 -10.21 -41.11
C ALA B 84 -22.90 -11.50 -40.38
N VAL B 85 -22.04 -11.90 -39.46
CA VAL B 85 -22.31 -13.03 -38.56
C VAL B 85 -22.72 -12.45 -37.21
N TYR B 86 -23.78 -13.01 -36.63
CA TYR B 86 -24.32 -12.53 -35.37
C TYR B 86 -24.14 -13.61 -34.30
N TYR B 87 -23.75 -13.18 -33.11
CA TYR B 87 -23.48 -14.07 -32.00
C TYR B 87 -24.29 -13.62 -30.79
N CYS B 88 -24.95 -14.56 -30.14
CA CYS B 88 -25.53 -14.32 -28.82
C CYS B 88 -24.49 -14.60 -27.76
N HIS B 89 -24.66 -13.96 -26.61
CA HIS B 89 -23.65 -13.99 -25.55
C HIS B 89 -24.32 -14.02 -24.20
N GLN B 90 -23.96 -15.02 -23.40
CA GLN B 90 -24.51 -15.21 -22.06
C GLN B 90 -23.38 -15.27 -21.05
N ARG B 91 -23.46 -14.45 -20.00
CA ARG B 91 -22.57 -14.54 -18.85
C ARG B 91 -23.38 -14.91 -17.62
N SER B 92 -22.96 -15.98 -16.94
CA SER B 92 -23.52 -16.29 -15.64
C SER B 92 -23.11 -15.21 -14.63
N ASN B 93 -23.79 -15.22 -13.49
CA ASN B 93 -23.35 -14.37 -12.39
C ASN B 93 -22.12 -15.00 -11.73
N TRP B 94 -21.45 -14.21 -10.93
CA TRP B 94 -20.18 -14.60 -10.34
C TRP B 94 -20.28 -16.01 -9.74
N PRO B 95 -19.29 -16.89 -10.00
CA PRO B 95 -18.09 -16.69 -10.81
C PRO B 95 -18.41 -16.61 -12.31
N PRO B 96 -17.97 -15.55 -12.98
CA PRO B 96 -18.40 -15.34 -14.37
C PRO B 96 -18.01 -16.49 -15.27
N VAL B 97 -19.01 -17.02 -15.98
CA VAL B 97 -18.82 -17.99 -17.04
C VAL B 97 -19.48 -17.45 -18.30
N HIS B 98 -18.74 -17.42 -19.40
CA HIS B 98 -19.23 -16.87 -20.66
C HIS B 98 -19.44 -17.98 -21.66
N THR B 99 -20.55 -17.91 -22.39
CA THR B 99 -20.80 -18.81 -23.52
C THR B 99 -21.35 -18.00 -24.67
N PHE B 100 -20.88 -18.32 -25.87
CA PHE B 100 -21.38 -17.72 -27.09
C PHE B 100 -22.13 -18.76 -27.90
N GLY B 101 -23.11 -18.30 -28.68
CA GLY B 101 -23.79 -19.17 -29.61
C GLY B 101 -22.92 -19.51 -30.80
N GLN B 102 -23.34 -20.52 -31.56
CA GLN B 102 -22.58 -20.96 -32.72
C GLN B 102 -22.54 -19.91 -33.82
N GLY B 103 -23.46 -18.95 -33.80
CA GLY B 103 -23.45 -17.86 -34.76
C GLY B 103 -24.55 -18.00 -35.79
N THR B 104 -24.84 -16.89 -36.46
CA THR B 104 -25.82 -16.86 -37.53
C THR B 104 -25.25 -16.00 -38.66
N LYS B 105 -25.02 -16.62 -39.81
CA LYS B 105 -24.53 -15.91 -40.98
C LYS B 105 -25.74 -15.31 -41.71
N LEU B 106 -25.79 -13.99 -41.78
CA LEU B 106 -26.90 -13.26 -42.37
C LEU B 106 -26.50 -12.77 -43.76
N GLU B 107 -27.06 -13.38 -44.79
CA GLU B 107 -26.89 -12.93 -46.16
C GLU B 107 -28.04 -12.00 -46.53
N ILE B 108 -27.70 -10.85 -47.14
CA ILE B 108 -28.69 -9.92 -47.66
C ILE B 108 -28.84 -10.18 -49.15
N LYS B 109 -30.07 -10.39 -49.60
CA LYS B 109 -30.33 -10.76 -50.98
C LYS B 109 -30.23 -9.54 -51.90
N ARG B 110 -29.92 -9.81 -53.17
CA ARG B 110 -29.96 -8.81 -54.22
C ARG B 110 -30.40 -9.51 -55.50
N THR B 111 -30.49 -8.74 -56.59
CA THR B 111 -30.83 -9.32 -57.86
C THR B 111 -29.64 -10.09 -58.43
N VAL B 112 -29.95 -11.00 -59.36
CA VAL B 112 -28.91 -11.85 -59.93
C VAL B 112 -27.88 -10.99 -60.64
N ALA B 113 -26.61 -11.24 -60.35
CA ALA B 113 -25.49 -10.52 -60.97
C ALA B 113 -24.50 -11.54 -61.48
N ALA B 114 -24.30 -11.57 -62.81
CA ALA B 114 -23.39 -12.54 -63.41
C ALA B 114 -21.95 -12.14 -63.12
N PRO B 115 -21.07 -13.12 -62.97
CA PRO B 115 -19.65 -12.81 -62.70
C PRO B 115 -18.94 -12.28 -63.93
N SER B 116 -18.07 -11.30 -63.72
CA SER B 116 -17.04 -10.98 -64.68
C SER B 116 -15.88 -11.94 -64.46
N VAL B 117 -15.42 -12.58 -65.54
CA VAL B 117 -14.43 -13.64 -65.43
C VAL B 117 -13.11 -13.17 -66.04
N PHE B 118 -12.02 -13.49 -65.36
CA PHE B 118 -10.67 -13.17 -65.80
C PHE B 118 -9.76 -14.35 -65.52
N ILE B 119 -8.81 -14.57 -66.41
CA ILE B 119 -7.81 -15.61 -66.26
C ILE B 119 -6.44 -14.97 -66.36
N PHE B 120 -5.53 -15.38 -65.46
CA PHE B 120 -4.20 -14.82 -65.39
C PHE B 120 -3.17 -15.94 -65.59
N PRO B 121 -2.28 -15.85 -66.57
CA PRO B 121 -1.20 -16.83 -66.66
C PRO B 121 -0.14 -16.58 -65.60
N PRO B 122 0.68 -17.58 -65.28
CA PRO B 122 1.74 -17.36 -64.29
C PRO B 122 2.71 -16.28 -64.75
N SER B 123 3.19 -15.49 -63.80
CA SER B 123 4.21 -14.50 -64.10
C SER B 123 5.52 -15.19 -64.47
N ASP B 124 6.31 -14.51 -65.32
CA ASP B 124 7.64 -15.03 -65.64
C ASP B 124 8.52 -15.10 -64.41
N GLU B 125 8.28 -14.23 -63.42
CA GLU B 125 9.08 -14.29 -62.20
C GLU B 125 8.80 -15.57 -61.42
N GLN B 126 7.53 -15.98 -61.33
CA GLN B 126 7.23 -17.24 -60.67
C GLN B 126 7.84 -18.42 -61.42
N LEU B 127 7.75 -18.39 -62.75
CA LEU B 127 8.31 -19.50 -63.53
C LEU B 127 9.81 -19.66 -63.27
N LYS B 128 10.52 -18.55 -63.07
CA LYS B 128 11.92 -18.64 -62.65
C LYS B 128 12.08 -19.22 -61.26
N SER B 129 10.98 -19.45 -60.54
CA SER B 129 11.04 -20.07 -59.22
C SER B 129 10.84 -21.58 -59.25
N GLY B 130 10.43 -22.14 -60.39
CA GLY B 130 10.18 -23.56 -60.50
C GLY B 130 8.73 -23.97 -60.32
N THR B 131 7.83 -23.03 -60.08
CA THR B 131 6.42 -23.33 -59.89
C THR B 131 5.58 -22.43 -60.79
N ALA B 132 4.32 -22.82 -61.00
CA ALA B 132 3.43 -22.10 -61.90
C ALA B 132 2.03 -22.12 -61.31
N SER B 133 1.45 -20.94 -61.12
CA SER B 133 0.08 -20.78 -60.63
C SER B 133 -0.74 -20.09 -61.71
N VAL B 134 -1.89 -20.65 -62.04
CA VAL B 134 -2.85 -20.06 -62.96
C VAL B 134 -4.11 -19.69 -62.17
N VAL B 135 -4.53 -18.43 -62.26
CA VAL B 135 -5.61 -17.89 -61.45
C VAL B 135 -6.79 -17.53 -62.34
N CYS B 136 -7.99 -17.93 -61.91
CA CYS B 136 -9.24 -17.59 -62.57
C CYS B 136 -10.07 -16.78 -61.58
N LEU B 137 -10.38 -15.54 -61.94
CA LEU B 137 -11.10 -14.62 -61.06
C LEU B 137 -12.55 -14.50 -61.51
N LEU B 138 -13.47 -14.62 -60.55
CA LEU B 138 -14.90 -14.36 -60.73
C LEU B 138 -15.25 -13.21 -59.80
N ASN B 139 -15.68 -12.07 -60.37
CA ASN B 139 -15.83 -10.83 -59.62
C ASN B 139 -17.30 -10.40 -59.58
N ASN B 140 -17.76 -10.05 -58.37
CA ASN B 140 -18.99 -9.28 -58.17
C ASN B 140 -20.22 -9.99 -58.74
N PHE B 141 -20.54 -11.16 -58.18
CA PHE B 141 -21.65 -11.97 -58.64
C PHE B 141 -22.54 -12.36 -57.47
N TYR B 142 -23.79 -12.71 -57.80
CA TYR B 142 -24.75 -13.21 -56.82
C TYR B 142 -25.77 -14.06 -57.56
N PRO B 143 -26.17 -15.23 -57.03
CA PRO B 143 -25.85 -15.83 -55.73
C PRO B 143 -24.45 -16.43 -55.62
N ARG B 144 -24.15 -17.01 -54.47
CA ARG B 144 -22.81 -17.52 -54.18
C ARG B 144 -22.51 -18.81 -54.91
N GLU B 145 -23.54 -19.57 -55.31
CA GLU B 145 -23.32 -20.81 -56.03
C GLU B 145 -22.62 -20.54 -57.35
N ALA B 146 -21.54 -21.29 -57.61
CA ALA B 146 -20.80 -21.14 -58.85
C ALA B 146 -19.90 -22.36 -59.02
N LYS B 147 -19.71 -22.76 -60.28
CA LYS B 147 -18.86 -23.90 -60.62
C LYS B 147 -17.74 -23.44 -61.52
N VAL B 148 -16.53 -23.89 -61.22
CA VAL B 148 -15.33 -23.53 -61.98
C VAL B 148 -14.59 -24.82 -62.32
N GLN B 149 -14.52 -25.12 -63.61
CA GLN B 149 -13.78 -26.29 -64.11
C GLN B 149 -12.55 -25.81 -64.88
N TRP B 150 -11.40 -26.39 -64.57
CA TRP B 150 -10.17 -26.09 -65.29
C TRP B 150 -9.98 -27.09 -66.41
N LYS B 151 -9.51 -26.60 -67.55
CA LYS B 151 -9.20 -27.43 -68.71
C LYS B 151 -7.81 -27.07 -69.22
N VAL B 152 -6.97 -28.08 -69.40
CA VAL B 152 -5.61 -27.91 -69.90
C VAL B 152 -5.46 -28.79 -71.13
N ASP B 153 -5.17 -28.16 -72.28
CA ASP B 153 -5.21 -28.85 -73.57
C ASP B 153 -6.53 -29.59 -73.73
N ASN B 154 -7.60 -28.98 -73.23
CA ASN B 154 -8.98 -29.48 -73.30
C ASN B 154 -9.22 -30.68 -72.38
N ALA B 155 -8.27 -31.03 -71.52
CA ALA B 155 -8.44 -32.11 -70.57
C ALA B 155 -8.94 -31.55 -69.24
N LEU B 156 -10.04 -32.10 -68.74
CA LEU B 156 -10.63 -31.61 -67.50
C LEU B 156 -9.71 -31.92 -66.33
N GLN B 157 -9.22 -30.88 -65.65
CA GLN B 157 -8.46 -31.06 -64.43
C GLN B 157 -9.39 -31.40 -63.27
N SER B 158 -8.83 -31.99 -62.22
CA SER B 158 -9.64 -32.47 -61.12
C SER B 158 -9.12 -31.99 -59.76
N GLY B 159 -7.95 -32.48 -59.35
CA GLY B 159 -7.50 -32.27 -57.98
C GLY B 159 -6.24 -31.43 -57.79
N ASN B 160 -6.08 -30.39 -58.60
CA ASN B 160 -4.92 -29.51 -58.49
C ASN B 160 -5.34 -28.04 -58.44
N SER B 161 -6.50 -27.77 -57.86
CA SER B 161 -7.02 -26.41 -57.78
C SER B 161 -7.62 -26.16 -56.40
N GLN B 162 -7.31 -24.99 -55.84
CA GLN B 162 -7.95 -24.49 -54.64
C GLN B 162 -8.63 -23.18 -54.97
N GLU B 163 -9.86 -23.00 -54.48
CA GLU B 163 -10.57 -21.74 -54.69
C GLU B 163 -10.83 -21.07 -53.35
N SER B 164 -11.03 -19.76 -53.42
CA SER B 164 -11.23 -18.91 -52.26
C SER B 164 -12.27 -17.86 -52.59
N VAL B 165 -13.20 -17.63 -51.68
CA VAL B 165 -14.35 -16.76 -51.92
C VAL B 165 -14.41 -15.71 -50.82
N THR B 166 -14.71 -14.47 -51.21
CA THR B 166 -14.80 -13.39 -50.25
C THR B 166 -16.09 -13.51 -49.43
N GLU B 167 -16.17 -12.74 -48.37
CA GLU B 167 -17.45 -12.58 -47.68
C GLU B 167 -18.26 -11.56 -48.45
N GLN B 168 -19.59 -11.61 -48.28
CA GLN B 168 -20.49 -10.74 -49.00
C GLN B 168 -20.13 -9.27 -48.76
N ASP B 169 -19.99 -8.52 -49.84
CA ASP B 169 -19.67 -7.10 -49.72
C ASP B 169 -20.79 -6.37 -49.00
N SER B 170 -20.41 -5.42 -48.15
CA SER B 170 -21.39 -4.67 -47.37
C SER B 170 -22.17 -3.68 -48.22
N LYS B 171 -21.62 -3.26 -49.36
CA LYS B 171 -22.25 -2.21 -50.17
C LYS B 171 -23.14 -2.80 -51.27
N ASP B 172 -22.57 -3.60 -52.16
CA ASP B 172 -23.29 -4.10 -53.32
C ASP B 172 -23.81 -5.53 -53.15
N SER B 173 -23.48 -6.18 -52.04
CA SER B 173 -24.04 -7.49 -51.70
C SER B 173 -23.61 -8.58 -52.68
N THR B 174 -22.42 -8.46 -53.26
CA THR B 174 -21.88 -9.45 -54.19
C THR B 174 -20.75 -10.24 -53.54
N TYR B 175 -20.46 -11.39 -54.14
CA TYR B 175 -19.33 -12.22 -53.78
C TYR B 175 -18.29 -12.19 -54.89
N SER B 176 -17.05 -12.53 -54.54
CA SER B 176 -15.99 -12.70 -55.50
C SER B 176 -15.25 -13.99 -55.17
N LEU B 177 -14.68 -14.61 -56.20
CA LEU B 177 -14.10 -15.94 -56.07
C LEU B 177 -12.88 -16.06 -56.95
N SER B 178 -11.83 -16.70 -56.41
CA SER B 178 -10.62 -17.00 -57.16
C SER B 178 -10.41 -18.50 -57.15
N SER B 179 -10.05 -19.06 -58.30
CA SER B 179 -9.65 -20.45 -58.42
C SER B 179 -8.24 -20.47 -58.97
N THR B 180 -7.35 -21.17 -58.26
CA THR B 180 -5.91 -21.15 -58.55
C THR B 180 -5.48 -22.56 -58.92
N LEU B 181 -5.12 -22.74 -60.18
CA LEU B 181 -4.53 -23.99 -60.67
C LEU B 181 -3.02 -23.89 -60.48
N THR B 182 -2.44 -24.85 -59.76
CA THR B 182 -1.02 -24.82 -59.43
C THR B 182 -0.34 -26.05 -60.02
N LEU B 183 0.66 -25.81 -60.87
CA LEU B 183 1.42 -26.85 -61.53
C LEU B 183 2.91 -26.60 -61.33
N SER B 184 3.71 -27.65 -61.51
CA SER B 184 5.14 -27.46 -61.59
C SER B 184 5.50 -26.71 -62.87
N LYS B 185 6.59 -25.96 -62.82
CA LYS B 185 7.06 -25.24 -64.00
C LYS B 185 7.18 -26.19 -65.20
N ALA B 186 7.74 -27.38 -64.98
CA ALA B 186 7.89 -28.34 -66.07
C ALA B 186 6.53 -28.70 -66.66
N ASP B 187 5.60 -29.13 -65.81
CA ASP B 187 4.27 -29.51 -66.30
C ASP B 187 3.57 -28.34 -66.98
N TYR B 188 3.75 -27.13 -66.47
CA TYR B 188 3.13 -25.97 -67.10
C TYR B 188 3.70 -25.73 -68.48
N GLU B 189 5.02 -25.87 -68.63
CA GLU B 189 5.68 -25.61 -69.91
C GLU B 189 5.36 -26.65 -70.97
N LYS B 190 4.79 -27.80 -70.61
CA LYS B 190 4.52 -28.85 -71.57
C LYS B 190 3.17 -28.73 -72.26
N HIS B 191 2.27 -27.86 -71.79
CA HIS B 191 0.93 -27.71 -72.31
C HIS B 191 0.79 -26.38 -73.04
N LYS B 192 -0.26 -26.27 -73.86
CA LYS B 192 -0.47 -25.11 -74.71
C LYS B 192 -1.67 -24.27 -74.31
N VAL B 193 -2.85 -24.88 -74.16
CA VAL B 193 -4.09 -24.15 -73.90
C VAL B 193 -4.48 -24.32 -72.44
N TYR B 194 -4.87 -23.21 -71.81
CA TYR B 194 -5.35 -23.19 -70.43
C TYR B 194 -6.65 -22.41 -70.39
N ALA B 195 -7.68 -22.99 -69.76
CA ALA B 195 -9.00 -22.37 -69.72
C ALA B 195 -9.70 -22.72 -68.41
N CYS B 196 -10.51 -21.78 -67.92
CA CYS B 196 -11.45 -22.04 -66.85
C CYS B 196 -12.87 -21.81 -67.37
N GLU B 197 -13.78 -22.72 -67.01
CA GLU B 197 -15.17 -22.69 -67.46
C GLU B 197 -16.06 -22.37 -66.28
N VAL B 198 -16.87 -21.31 -66.40
CA VAL B 198 -17.68 -20.80 -65.31
C VAL B 198 -19.15 -21.05 -65.61
N THR B 199 -19.87 -21.61 -64.64
CA THR B 199 -21.32 -21.79 -64.71
C THR B 199 -21.95 -20.95 -63.61
N HIS B 200 -23.08 -20.32 -63.92
CA HIS B 200 -23.74 -19.45 -62.94
C HIS B 200 -25.14 -19.15 -63.41
N GLN B 201 -26.03 -18.91 -62.45
CA GLN B 201 -27.44 -18.64 -62.77
C GLN B 201 -27.57 -17.41 -63.65
N GLY B 202 -26.67 -16.44 -63.53
CA GLY B 202 -26.67 -15.25 -64.33
C GLY B 202 -26.06 -15.41 -65.70
N LEU B 203 -25.66 -16.62 -66.06
CA LEU B 203 -25.08 -16.92 -67.36
C LEU B 203 -26.03 -17.82 -68.12
N SER B 204 -26.55 -17.32 -69.25
CA SER B 204 -27.38 -18.15 -70.11
C SER B 204 -26.68 -19.44 -70.50
N SER B 205 -25.35 -19.40 -70.61
CA SER B 205 -24.56 -20.56 -70.97
C SER B 205 -23.21 -20.43 -70.30
N PRO B 206 -22.55 -21.54 -69.96
CA PRO B 206 -21.23 -21.44 -69.31
C PRO B 206 -20.27 -20.59 -70.13
N VAL B 207 -19.43 -19.83 -69.43
CA VAL B 207 -18.44 -18.95 -70.04
C VAL B 207 -17.06 -19.57 -69.89
N THR B 208 -16.19 -19.28 -70.85
CA THR B 208 -14.83 -19.82 -70.88
C THR B 208 -13.85 -18.69 -71.16
N LYS B 209 -12.81 -18.61 -70.36
CA LYS B 209 -11.70 -17.69 -70.58
C LYS B 209 -10.42 -18.51 -70.68
N SER B 210 -9.61 -18.21 -71.69
CA SER B 210 -8.46 -19.07 -71.99
C SER B 210 -7.32 -18.23 -72.52
N PHE B 211 -6.13 -18.85 -72.53
CA PHE B 211 -4.98 -18.27 -73.21
C PHE B 211 -4.12 -19.41 -73.77
N ASN B 212 -3.32 -19.06 -74.77
CA ASN B 212 -2.29 -19.94 -75.28
C ASN B 212 -0.95 -19.49 -74.72
N ARG B 213 -0.26 -20.39 -74.03
CA ARG B 213 1.05 -20.07 -73.49
C ARG B 213 1.96 -19.54 -74.59
N GLY B 214 2.52 -18.34 -74.34
CA GLY B 214 3.41 -17.70 -75.29
C GLY B 214 2.74 -16.67 -76.18
N GLU B 215 1.40 -16.64 -76.21
CA GLU B 215 0.67 -15.68 -77.03
C GLU B 215 -0.18 -14.77 -76.15
N GLN C 1 -36.84 23.94 4.76
CA GLN C 1 -38.25 24.33 4.46
C GLN C 1 -39.23 23.38 5.13
N VAL C 2 -38.72 22.33 5.78
CA VAL C 2 -39.59 21.39 6.47
C VAL C 2 -40.31 22.12 7.59
N GLN C 3 -41.63 21.92 7.66
CA GLN C 3 -42.46 22.45 8.73
C GLN C 3 -43.26 21.31 9.34
N LEU C 4 -43.28 21.26 10.67
CA LEU C 4 -44.07 20.31 11.43
C LEU C 4 -44.92 21.13 12.40
N VAL C 5 -46.23 21.17 12.16
CA VAL C 5 -47.14 22.01 12.91
C VAL C 5 -48.02 21.10 13.75
N GLN C 6 -47.81 21.09 15.06
CA GLN C 6 -48.59 20.29 15.97
C GLN C 6 -49.82 21.04 16.46
N SER C 7 -50.78 20.30 16.99
CA SER C 7 -51.96 20.88 17.60
C SER C 7 -52.55 19.86 18.56
N GLY C 8 -53.43 20.35 19.42
CA GLY C 8 -54.07 19.52 20.42
C GLY C 8 -53.37 19.59 21.76
N GLY C 9 -53.60 18.55 22.56
CA GLY C 9 -53.00 18.47 23.88
C GLY C 9 -53.83 19.21 24.92
N GLY C 10 -53.16 19.72 25.95
CA GLY C 10 -53.85 20.48 26.99
C GLY C 10 -54.08 19.71 28.26
N LEU C 11 -55.16 20.06 28.97
CA LEU C 11 -55.46 19.52 30.28
C LEU C 11 -56.45 18.37 30.17
N VAL C 12 -56.20 17.30 30.94
CA VAL C 12 -57.08 16.14 30.96
C VAL C 12 -57.00 15.50 32.34
N LYS C 13 -58.11 14.90 32.75
CA LYS C 13 -58.14 14.19 34.03
C LYS C 13 -57.51 12.81 33.89
N PRO C 14 -56.94 12.28 34.97
CA PRO C 14 -56.46 10.89 34.94
C PRO C 14 -57.53 9.94 34.43
N GLY C 15 -57.12 8.99 33.60
CA GLY C 15 -58.03 8.08 32.95
C GLY C 15 -58.67 8.61 31.70
N GLY C 16 -58.53 9.90 31.41
CA GLY C 16 -59.11 10.51 30.23
C GLY C 16 -58.29 10.25 28.99
N SER C 17 -58.71 10.91 27.91
CA SER C 17 -58.13 10.70 26.59
C SER C 17 -57.87 12.04 25.92
N LEU C 18 -56.73 12.14 25.24
CA LEU C 18 -56.40 13.29 24.40
C LEU C 18 -55.93 12.79 23.05
N ARG C 19 -55.97 13.68 22.06
N ARG C 19 -55.97 13.68 22.06
CA ARG C 19 -55.56 13.36 20.69
CA ARG C 19 -55.56 13.37 20.70
C ARG C 19 -54.64 14.46 20.20
C ARG C 19 -54.63 14.47 20.21
N LEU C 20 -53.39 14.09 19.92
CA LEU C 20 -52.40 15.01 19.36
C LEU C 20 -52.34 14.81 17.85
N SER C 21 -52.19 15.92 17.12
CA SER C 21 -52.10 15.87 15.68
C SER C 21 -50.90 16.69 15.22
N CYS C 22 -50.38 16.32 14.04
CA CYS C 22 -49.18 16.95 13.50
C CYS C 22 -49.30 16.98 11.98
N THR C 23 -49.11 18.15 11.40
CA THR C 23 -49.22 18.35 9.95
C THR C 23 -47.85 18.74 9.40
N ALA C 24 -47.49 18.13 8.27
CA ALA C 24 -46.14 18.22 7.73
C ALA C 24 -46.15 18.68 6.29
N SER C 25 -45.13 19.46 5.93
CA SER C 25 -44.90 19.85 4.54
C SER C 25 -43.39 19.96 4.32
N GLY C 26 -43.00 19.95 3.04
CA GLY C 26 -41.63 20.14 2.65
C GLY C 26 -40.83 18.86 2.40
N PHE C 27 -41.49 17.71 2.35
CA PHE C 27 -40.81 16.44 2.08
C PHE C 27 -41.88 15.44 1.64
N SER C 28 -41.43 14.24 1.27
CA SER C 28 -42.34 13.22 0.74
C SER C 28 -42.94 12.47 1.91
N PHE C 29 -44.00 13.07 2.48
CA PHE C 29 -44.60 12.54 3.69
C PHE C 29 -44.99 11.07 3.54
N SER C 30 -45.49 10.68 2.36
CA SER C 30 -45.99 9.33 2.19
C SER C 30 -44.89 8.28 2.15
N ASP C 31 -43.64 8.69 1.92
CA ASP C 31 -42.52 7.77 1.94
C ASP C 31 -41.80 7.73 3.29
N SER C 32 -42.08 8.67 4.19
CA SER C 32 -41.31 8.84 5.41
C SER C 32 -41.98 8.20 6.61
N TYR C 33 -41.16 7.58 7.47
CA TYR C 33 -41.61 7.27 8.82
C TYR C 33 -41.88 8.56 9.59
N MET C 34 -42.63 8.43 10.68
CA MET C 34 -42.92 9.53 11.59
C MET C 34 -42.98 8.98 13.00
N SER C 35 -42.60 9.82 13.97
CA SER C 35 -42.46 9.36 15.35
C SER C 35 -42.92 10.45 16.31
N TRP C 36 -43.22 10.04 17.55
CA TRP C 36 -43.58 10.93 18.65
C TRP C 36 -42.59 10.74 19.80
N ILE C 37 -42.12 11.85 20.36
CA ILE C 37 -41.17 11.85 21.46
C ILE C 37 -41.64 12.86 22.49
N ARG C 38 -41.45 12.52 23.77
CA ARG C 38 -41.88 13.40 24.85
C ARG C 38 -40.71 13.67 25.80
N GLN C 39 -40.90 14.69 26.64
CA GLN C 39 -39.91 15.08 27.63
C GLN C 39 -40.66 15.65 28.82
N ALA C 40 -40.71 14.90 29.91
CA ALA C 40 -41.36 15.37 31.13
C ALA C 40 -40.52 16.48 31.77
N PRO C 41 -41.11 17.25 32.69
CA PRO C 41 -40.36 18.34 33.34
C PRO C 41 -39.06 17.86 33.98
N GLY C 42 -37.93 18.44 33.55
CA GLY C 42 -36.64 18.13 34.12
C GLY C 42 -36.12 16.74 33.87
N LYS C 43 -36.74 15.98 32.97
CA LYS C 43 -36.33 14.62 32.66
C LYS C 43 -35.71 14.55 31.27
N GLY C 44 -35.26 13.36 30.88
CA GLY C 44 -34.67 13.16 29.58
C GLY C 44 -35.70 12.89 28.50
N LEU C 45 -35.22 12.90 27.26
CA LEU C 45 -36.06 12.55 26.12
C LEU C 45 -36.51 11.10 26.21
N GLU C 46 -37.77 10.85 25.85
CA GLU C 46 -38.34 9.50 25.87
C GLU C 46 -39.03 9.22 24.54
N TRP C 47 -38.41 8.36 23.73
CA TRP C 47 -39.01 7.93 22.49
C TRP C 47 -40.26 7.09 22.76
N LEU C 48 -41.32 7.32 21.98
CA LEU C 48 -42.62 6.72 22.27
C LEU C 48 -43.05 5.73 21.20
N THR C 49 -43.13 6.15 19.93
CA THR C 49 -43.68 5.31 18.88
C THR C 49 -43.31 5.91 17.53
N TYR C 50 -43.34 5.06 16.50
CA TYR C 50 -43.23 5.55 15.13
C TYR C 50 -44.15 4.72 14.24
N ILE C 51 -44.33 5.21 13.01
CA ILE C 51 -45.24 4.58 12.05
C ILE C 51 -44.63 4.71 10.67
N SER C 52 -44.58 3.61 9.93
CA SER C 52 -44.05 3.65 8.57
C SER C 52 -44.98 4.47 7.67
N GLY C 53 -44.47 4.78 6.47
CA GLY C 53 -45.25 5.58 5.53
C GLY C 53 -46.55 4.92 5.13
N SER C 54 -46.53 3.60 4.93
CA SER C 54 -47.73 2.86 4.57
C SER C 54 -48.67 2.66 5.75
N GLY C 55 -48.15 2.74 6.98
CA GLY C 55 -48.94 2.46 8.16
C GLY C 55 -48.92 1.02 8.61
N GLU C 56 -48.21 0.14 7.90
CA GLU C 56 -48.23 -1.28 8.25
C GLU C 56 -47.23 -1.64 9.34
N ILE C 57 -46.18 -0.83 9.53
CA ILE C 57 -45.19 -1.07 10.59
C ILE C 57 -45.39 -0.02 11.67
N ILE C 58 -45.55 -0.48 12.91
CA ILE C 58 -45.76 0.39 14.06
C ILE C 58 -45.01 -0.20 15.26
N SER C 59 -44.42 0.67 16.07
CA SER C 59 -43.73 0.26 17.28
C SER C 59 -44.09 1.20 18.42
N TYR C 60 -44.21 0.64 19.63
CA TYR C 60 -44.53 1.41 20.83
C TYR C 60 -43.52 1.11 21.92
N ALA C 61 -43.11 2.16 22.64
CA ALA C 61 -42.27 1.95 23.81
C ALA C 61 -43.04 1.17 24.87
N ASP C 62 -42.30 0.44 25.71
CA ASP C 62 -42.94 -0.37 26.75
C ASP C 62 -43.78 0.49 27.69
N SER C 63 -43.34 1.71 27.96
CA SER C 63 -44.06 2.59 28.87
C SER C 63 -45.41 3.04 28.34
N VAL C 64 -45.70 2.82 27.05
CA VAL C 64 -46.91 3.33 26.42
C VAL C 64 -47.71 2.26 25.70
N LYS C 65 -47.12 1.12 25.35
CA LYS C 65 -47.84 0.05 24.67
C LYS C 65 -49.18 -0.23 25.36
N GLY C 66 -50.23 -0.33 24.56
CA GLY C 66 -51.55 -0.66 25.08
C GLY C 66 -52.39 0.53 25.48
N ARG C 67 -51.80 1.72 25.63
CA ARG C 67 -52.51 2.92 26.02
C ARG C 67 -52.59 3.97 24.92
N PHE C 68 -51.54 4.12 24.11
CA PHE C 68 -51.53 5.07 23.02
C PHE C 68 -51.67 4.35 21.68
N THR C 69 -52.12 5.10 20.68
CA THR C 69 -52.32 4.58 19.33
C THR C 69 -51.87 5.64 18.34
N ILE C 70 -50.91 5.27 17.48
CA ILE C 70 -50.42 6.16 16.43
C ILE C 70 -51.14 5.82 15.13
N SER C 71 -51.40 6.84 14.32
CA SER C 71 -52.05 6.68 13.03
C SER C 71 -51.64 7.85 12.15
N ARG C 72 -51.93 7.73 10.86
CA ARG C 72 -51.55 8.76 9.90
C ARG C 72 -52.54 8.82 8.76
N ASP C 73 -52.62 9.98 8.12
CA ASP C 73 -53.42 10.20 6.92
C ASP C 73 -52.53 10.87 5.88
N ASN C 74 -51.97 10.07 4.97
CA ASN C 74 -51.03 10.60 4.00
C ASN C 74 -51.65 11.66 3.10
N ALA C 75 -52.96 11.57 2.86
CA ALA C 75 -53.63 12.58 2.04
C ALA C 75 -53.65 13.94 2.73
N LYS C 76 -53.73 13.96 4.05
CA LYS C 76 -53.66 15.20 4.81
C LYS C 76 -52.25 15.53 5.27
N LYS C 77 -51.28 14.67 4.97
CA LYS C 77 -49.90 14.88 5.40
C LYS C 77 -49.85 15.09 6.91
N SER C 78 -50.56 14.22 7.63
CA SER C 78 -50.73 14.37 9.07
C SER C 78 -50.53 13.04 9.77
N VAL C 79 -50.02 13.10 11.00
CA VAL C 79 -49.83 11.94 11.85
C VAL C 79 -50.42 12.26 13.21
N TYR C 80 -51.07 11.27 13.81
CA TYR C 80 -51.87 11.46 15.01
C TYR C 80 -51.38 10.56 16.13
N LEU C 81 -51.68 10.96 17.37
CA LEU C 81 -51.40 10.14 18.55
C LEU C 81 -52.61 10.20 19.46
N GLN C 82 -53.36 9.09 19.51
CA GLN C 82 -54.50 8.96 20.42
C GLN C 82 -53.98 8.45 21.76
N MET C 83 -54.06 9.28 22.80
CA MET C 83 -53.53 8.95 24.12
C MET C 83 -54.71 8.62 25.04
N ASP C 84 -54.77 7.38 25.49
CA ASP C 84 -55.87 6.89 26.32
C ASP C 84 -55.35 6.43 27.67
N SER C 85 -56.24 6.40 28.65
CA SER C 85 -55.93 5.93 30.00
C SER C 85 -54.76 6.70 30.59
N LEU C 86 -54.75 8.01 30.35
CA LEU C 86 -53.62 8.84 30.76
C LEU C 86 -53.43 8.80 32.28
N ARG C 87 -52.21 9.06 32.70
CA ARG C 87 -51.84 9.11 34.11
C ARG C 87 -50.99 10.36 34.35
N ALA C 88 -50.85 10.72 35.63
CA ALA C 88 -50.02 11.87 35.98
C ALA C 88 -48.61 11.71 35.45
N GLU C 89 -48.17 10.46 35.27
CA GLU C 89 -46.82 10.22 34.75
C GLU C 89 -46.67 10.73 33.33
N ASP C 90 -47.77 10.78 32.58
CA ASP C 90 -47.72 11.15 31.16
C ASP C 90 -47.55 12.65 30.93
N THR C 91 -47.65 13.46 31.98
CA THR C 91 -47.46 14.90 31.84
C THR C 91 -46.09 15.19 31.23
N ALA C 92 -46.07 15.88 30.10
CA ALA C 92 -44.83 16.14 29.38
C ALA C 92 -45.14 17.01 28.17
N VAL C 93 -44.08 17.51 27.55
CA VAL C 93 -44.18 18.15 26.24
C VAL C 93 -43.99 17.06 25.18
N TYR C 94 -44.91 17.01 24.23
CA TYR C 94 -44.92 15.96 23.21
C TYR C 94 -44.48 16.54 21.88
N TYR C 95 -43.55 15.85 21.23
CA TYR C 95 -42.93 16.31 19.98
C TYR C 95 -43.28 15.39 18.83
N CYS C 96 -43.66 16.01 17.71
CA CYS C 96 -43.69 15.34 16.41
C CYS C 96 -42.29 15.39 15.80
N ALA C 97 -41.86 14.28 15.20
CA ALA C 97 -40.52 14.23 14.61
C ALA C 97 -40.54 13.58 13.25
N ARG C 98 -39.74 14.13 12.33
CA ARG C 98 -39.49 13.59 10.99
C ARG C 98 -38.07 13.07 10.88
N PRO C 99 -37.86 11.91 10.26
CA PRO C 99 -36.50 11.36 10.15
C PRO C 99 -35.73 11.98 8.98
N SER C 100 -34.42 11.71 8.96
CA SER C 100 -33.52 12.32 7.99
C SER C 100 -33.65 11.71 6.60
N ASP C 101 -34.26 10.53 6.47
CA ASP C 101 -34.46 9.89 5.19
C ASP C 101 -35.67 8.98 5.30
N TYR C 102 -35.85 8.10 4.31
CA TYR C 102 -37.11 7.37 4.11
C TYR C 102 -36.98 5.88 4.42
N PHE C 103 -36.07 5.52 5.32
CA PHE C 103 -35.91 4.14 5.77
C PHE C 103 -36.37 4.00 7.21
N GLU C 104 -36.55 2.75 7.64
CA GLU C 104 -37.02 2.48 8.99
C GLU C 104 -35.95 2.76 10.04
N THR C 105 -34.69 2.89 9.63
CA THR C 105 -33.58 3.18 10.52
C THR C 105 -33.21 4.66 10.53
N SER C 106 -33.85 5.47 9.69
CA SER C 106 -33.47 6.87 9.57
C SER C 106 -33.74 7.61 10.87
N GLU C 107 -32.75 8.39 11.33
CA GLU C 107 -32.81 9.01 12.63
C GLU C 107 -33.64 10.28 12.61
N GLU C 108 -34.30 10.57 13.74
CA GLU C 108 -35.08 11.79 13.88
C GLU C 108 -34.21 13.00 13.55
N LEU C 109 -34.81 13.97 12.86
CA LEU C 109 -34.07 15.14 12.40
C LEU C 109 -34.81 16.42 12.72
N ASP C 110 -36.06 16.51 12.26
CA ASP C 110 -36.86 17.72 12.38
C ASP C 110 -37.98 17.50 13.39
N TRP C 111 -38.18 18.50 14.24
CA TRP C 111 -39.10 18.40 15.37
C TRP C 111 -40.19 19.45 15.25
N GLY C 112 -41.40 19.08 15.63
CA GLY C 112 -42.48 20.05 15.77
C GLY C 112 -42.20 20.99 16.92
N GLN C 113 -43.11 21.95 17.10
CA GLN C 113 -42.91 22.96 18.14
C GLN C 113 -43.12 22.40 19.54
N GLY C 114 -43.73 21.24 19.68
CA GLY C 114 -43.99 20.66 20.98
C GLY C 114 -45.35 21.05 21.52
N THR C 115 -46.00 20.13 22.22
CA THR C 115 -47.32 20.35 22.79
C THR C 115 -47.31 19.95 24.25
N LEU C 116 -47.78 20.85 25.12
CA LEU C 116 -47.85 20.57 26.54
C LEU C 116 -49.10 19.77 26.84
N VAL C 117 -48.91 18.59 27.43
CA VAL C 117 -50.01 17.74 27.88
C VAL C 117 -49.90 17.65 29.40
N THR C 118 -50.98 18.01 30.10
CA THR C 118 -51.03 18.00 31.55
C THR C 118 -52.12 17.06 32.00
N VAL C 119 -51.75 16.05 32.79
CA VAL C 119 -52.70 15.09 33.34
C VAL C 119 -52.79 15.37 34.83
N SER C 120 -53.95 15.88 35.27
CA SER C 120 -54.13 16.28 36.65
C SER C 120 -55.63 16.33 36.95
N SER C 121 -55.99 15.88 38.15
CA SER C 121 -57.35 16.00 38.64
C SER C 121 -57.60 17.34 39.32
N ALA C 122 -56.63 18.25 39.29
CA ALA C 122 -56.75 19.53 39.96
C ALA C 122 -57.63 20.49 39.14
N SER C 123 -58.08 21.53 39.81
CA SER C 123 -58.83 22.62 39.19
C SER C 123 -57.98 23.88 39.18
N THR C 124 -58.31 24.78 38.27
CA THR C 124 -57.60 26.05 38.20
C THR C 124 -57.73 26.80 39.52
N LYS C 125 -56.60 27.20 40.09
CA LYS C 125 -56.57 27.92 41.35
C LYS C 125 -55.49 28.98 41.30
N GLY C 126 -55.82 30.17 41.81
CA GLY C 126 -54.87 31.26 41.88
C GLY C 126 -53.93 31.09 43.05
N PRO C 127 -52.74 31.70 42.98
CA PRO C 127 -51.74 31.52 44.03
C PRO C 127 -52.01 32.37 45.26
N SER C 128 -51.46 31.91 46.37
CA SER C 128 -51.30 32.71 47.58
C SER C 128 -49.85 33.16 47.69
N VAL C 129 -49.64 34.43 47.99
CA VAL C 129 -48.32 35.02 48.03
C VAL C 129 -48.01 35.44 49.46
N PHE C 130 -47.00 34.82 50.06
CA PHE C 130 -46.56 35.12 51.41
C PHE C 130 -45.12 35.64 51.40
N PRO C 131 -44.78 36.57 52.28
CA PRO C 131 -43.42 37.13 52.24
C PRO C 131 -42.39 36.23 52.89
N LEU C 132 -41.12 36.48 52.56
CA LEU C 132 -39.96 35.85 53.17
C LEU C 132 -39.10 36.99 53.69
N ALA C 133 -39.22 37.29 55.00
CA ALA C 133 -38.79 38.57 55.52
C ALA C 133 -37.32 38.55 55.94
N PRO C 134 -36.61 39.67 55.75
CA PRO C 134 -35.25 39.77 56.28
C PRO C 134 -35.21 39.59 57.79
N SER C 135 -34.01 39.40 58.30
CA SER C 135 -33.79 39.24 59.74
C SER C 135 -32.90 40.35 60.29
N GLY C 142 -23.11 41.07 55.66
CA GLY C 142 -22.90 42.06 54.62
C GLY C 142 -24.14 42.30 53.78
N THR C 143 -24.72 41.21 53.25
CA THR C 143 -25.92 41.28 52.43
C THR C 143 -27.04 40.50 53.07
N ALA C 144 -28.28 40.93 52.81
CA ALA C 144 -29.47 40.30 53.34
C ALA C 144 -30.25 39.64 52.21
N ALA C 145 -31.23 38.81 52.59
CA ALA C 145 -32.05 38.07 51.66
C ALA C 145 -33.52 38.22 52.00
N LEU C 146 -34.35 38.24 50.97
CA LEU C 146 -35.80 38.37 51.12
C LEU C 146 -36.44 37.78 49.88
N GLY C 147 -37.72 37.47 49.98
CA GLY C 147 -38.38 36.82 48.86
C GLY C 147 -39.88 36.76 49.03
N CYS C 148 -40.51 36.09 48.07
CA CYS C 148 -41.94 35.84 48.04
C CYS C 148 -42.18 34.37 47.76
N LEU C 149 -43.13 33.78 48.50
CA LEU C 149 -43.50 32.38 48.32
C LEU C 149 -44.84 32.33 47.60
N VAL C 150 -44.81 31.90 46.34
CA VAL C 150 -46.03 31.73 45.54
C VAL C 150 -46.46 30.28 45.69
N LYS C 151 -47.61 30.07 46.33
CA LYS C 151 -47.99 28.76 46.84
C LYS C 151 -49.38 28.37 46.38
N ASP C 152 -49.56 27.09 46.04
CA ASP C 152 -50.86 26.48 45.77
C ASP C 152 -51.57 27.16 44.60
N TYR C 153 -51.00 26.97 43.41
CA TYR C 153 -51.62 27.43 42.17
C TYR C 153 -51.62 26.33 41.12
N PHE C 154 -52.54 26.47 40.17
CA PHE C 154 -52.66 25.53 39.06
C PHE C 154 -53.47 26.19 37.96
N PRO C 155 -53.12 26.01 36.69
CA PRO C 155 -51.93 25.31 36.17
C PRO C 155 -50.72 26.24 36.10
N GLU C 156 -49.60 25.74 35.60
CA GLU C 156 -48.46 26.60 35.33
C GLU C 156 -48.77 27.51 34.14
N PRO C 157 -48.05 28.63 33.99
CA PRO C 157 -46.98 29.22 34.81
C PRO C 157 -47.45 30.41 35.65
N VAL C 158 -46.53 31.01 36.39
CA VAL C 158 -46.73 32.31 37.03
C VAL C 158 -45.52 33.18 36.68
N THR C 159 -45.74 34.49 36.70
CA THR C 159 -44.68 35.47 36.47
C THR C 159 -44.43 36.24 37.76
N VAL C 160 -43.17 36.61 37.96
CA VAL C 160 -42.76 37.30 39.18
C VAL C 160 -41.66 38.29 38.84
N SER C 161 -41.87 39.55 39.17
CA SER C 161 -40.87 40.59 39.12
C SER C 161 -40.75 41.23 40.51
N TRP C 162 -39.91 42.27 40.59
CA TRP C 162 -39.67 42.98 41.85
C TRP C 162 -39.66 44.47 41.57
N ASN C 163 -40.54 45.22 42.25
CA ASN C 163 -40.71 46.66 42.01
C ASN C 163 -41.04 46.93 40.55
N SER C 164 -41.73 45.99 39.90
CA SER C 164 -42.16 46.12 38.52
C SER C 164 -40.97 46.35 37.59
N GLY C 165 -40.01 45.44 37.67
CA GLY C 165 -38.87 45.45 36.79
C GLY C 165 -37.72 46.36 37.21
N ALA C 166 -37.85 47.08 38.33
CA ALA C 166 -36.78 47.96 38.78
C ALA C 166 -35.69 47.19 39.52
N LEU C 167 -35.97 45.99 40.01
CA LEU C 167 -35.01 45.17 40.72
C LEU C 167 -34.79 43.89 39.93
N THR C 168 -33.57 43.71 39.43
CA THR C 168 -33.23 42.54 38.62
C THR C 168 -31.96 41.85 39.09
N SER C 169 -30.97 42.59 39.59
CA SER C 169 -29.73 41.96 40.03
C SER C 169 -29.93 41.23 41.34
N GLY C 170 -29.33 40.04 41.44
CA GLY C 170 -29.47 39.23 42.62
C GLY C 170 -30.77 38.45 42.72
N VAL C 171 -31.60 38.46 41.67
CA VAL C 171 -32.89 37.79 41.69
C VAL C 171 -32.71 36.35 41.26
N HIS C 172 -33.30 35.42 42.02
CA HIS C 172 -33.32 33.99 41.68
C HIS C 172 -34.74 33.50 41.89
N THR C 173 -35.50 33.33 40.79
CA THR C 173 -36.85 32.78 40.84
C THR C 173 -36.75 31.30 40.51
N PHE C 174 -36.94 30.46 41.50
CA PHE C 174 -36.69 29.03 41.36
C PHE C 174 -37.78 28.37 40.52
N PRO C 175 -37.46 27.29 39.81
CA PRO C 175 -38.51 26.55 39.09
C PRO C 175 -39.52 25.96 40.07
N ALA C 176 -40.76 25.89 39.63
CA ALA C 176 -41.84 25.42 40.49
C ALA C 176 -41.71 23.92 40.76
N VAL C 177 -42.19 23.50 41.92
CA VAL C 177 -42.29 22.09 42.27
C VAL C 177 -43.77 21.72 42.33
N LEU C 178 -44.04 20.46 42.01
CA LEU C 178 -45.40 19.91 42.08
C LEU C 178 -45.56 19.22 43.43
N GLN C 179 -46.58 19.62 44.18
CA GLN C 179 -46.80 19.13 45.53
C GLN C 179 -47.72 17.92 45.52
N SER C 180 -47.74 17.20 46.65
CA SER C 180 -48.61 16.05 46.80
C SER C 180 -50.08 16.40 46.60
N SER C 181 -50.45 17.66 46.81
CA SER C 181 -51.81 18.11 46.58
C SER C 181 -52.15 18.28 45.10
N GLY C 182 -51.17 18.20 44.21
CA GLY C 182 -51.41 18.49 42.81
C GLY C 182 -51.36 19.95 42.45
N LEU C 183 -50.99 20.81 43.39
CA LEU C 183 -50.81 22.23 43.12
C LEU C 183 -49.31 22.57 43.13
N TYR C 184 -48.97 23.65 42.46
CA TYR C 184 -47.59 24.08 42.30
C TYR C 184 -47.22 25.15 43.32
N SER C 185 -45.91 25.30 43.52
CA SER C 185 -45.38 26.34 44.39
C SER C 185 -43.97 26.69 43.91
N LEU C 186 -43.59 27.95 44.12
CA LEU C 186 -42.23 28.38 43.85
C LEU C 186 -41.89 29.53 44.78
N SER C 187 -40.61 29.89 44.79
CA SER C 187 -40.12 31.01 45.56
C SER C 187 -39.23 31.88 44.69
N SER C 188 -39.34 33.19 44.88
CA SER C 188 -38.45 34.16 44.25
C SER C 188 -37.75 34.93 45.36
N VAL C 189 -36.41 35.00 45.28
CA VAL C 189 -35.61 35.61 46.33
C VAL C 189 -34.67 36.64 45.71
N VAL C 190 -34.32 37.64 46.50
CA VAL C 190 -33.43 38.71 46.08
C VAL C 190 -32.42 38.96 47.19
N THR C 191 -31.18 39.25 46.82
CA THR C 191 -30.11 39.53 47.77
C THR C 191 -29.72 41.00 47.65
N VAL C 192 -29.66 41.68 48.78
CA VAL C 192 -29.45 43.13 48.80
C VAL C 192 -28.53 43.50 49.95
N PRO C 193 -27.95 44.70 49.91
CA PRO C 193 -27.15 45.17 51.05
C PRO C 193 -27.99 45.34 52.29
N SER C 194 -27.37 45.09 53.45
CA SER C 194 -28.08 45.21 54.72
C SER C 194 -28.53 46.65 54.96
N SER C 195 -27.71 47.62 54.54
CA SER C 195 -28.02 49.01 54.81
C SER C 195 -29.33 49.44 54.15
N SER C 196 -29.54 49.06 52.90
CA SER C 196 -30.67 49.56 52.12
C SER C 196 -32.03 49.09 52.63
N LEU C 197 -32.06 48.12 53.55
CA LEU C 197 -33.32 47.49 53.94
C LEU C 197 -34.34 48.53 54.41
N GLY C 198 -34.04 49.23 55.50
CA GLY C 198 -34.99 50.19 56.04
C GLY C 198 -35.29 51.33 55.09
N THR C 199 -34.32 51.70 54.24
CA THR C 199 -34.46 52.82 53.33
C THR C 199 -34.95 52.41 51.94
N GLN C 200 -35.48 51.19 51.80
CA GLN C 200 -35.92 50.69 50.50
C GLN C 200 -37.15 49.82 50.67
N THR C 201 -38.17 50.07 49.85
CA THR C 201 -39.38 49.26 49.83
C THR C 201 -39.27 48.24 48.70
N TYR C 202 -39.42 46.96 49.05
CA TYR C 202 -39.35 45.86 48.09
C TYR C 202 -40.73 45.23 47.94
N ILE C 203 -41.19 45.11 46.69
CA ILE C 203 -42.47 44.48 46.39
C ILE C 203 -42.28 43.52 45.23
N CYS C 204 -42.90 42.35 45.32
CA CYS C 204 -42.88 41.35 44.26
C CYS C 204 -44.22 41.36 43.54
N ASN C 205 -44.17 41.32 42.21
CA ASN C 205 -45.35 41.39 41.36
C ASN C 205 -45.63 40.01 40.80
N VAL C 206 -46.65 39.34 41.34
CA VAL C 206 -46.99 37.97 40.97
C VAL C 206 -48.18 38.01 40.02
N ASN C 207 -48.06 37.28 38.90
CA ASN C 207 -49.10 37.26 37.88
C ASN C 207 -49.37 35.82 37.47
N HIS C 208 -50.66 35.44 37.48
CA HIS C 208 -51.12 34.10 37.14
C HIS C 208 -52.26 34.27 36.14
N LYS C 209 -51.92 34.20 34.85
CA LYS C 209 -52.91 34.47 33.80
C LYS C 209 -54.10 33.51 33.77
N PRO C 210 -53.93 32.18 33.92
CA PRO C 210 -55.10 31.30 33.78
C PRO C 210 -56.24 31.60 34.75
N SER C 211 -55.93 31.99 35.98
CA SER C 211 -56.96 32.32 36.96
C SER C 211 -57.32 33.80 36.98
N ASN C 212 -56.62 34.64 36.22
CA ASN C 212 -56.83 36.09 36.22
C ASN C 212 -56.61 36.65 37.63
N THR C 213 -55.38 36.46 38.12
CA THR C 213 -54.96 36.90 39.45
C THR C 213 -53.74 37.78 39.34
N LYS C 214 -53.73 38.90 40.07
CA LYS C 214 -52.54 39.78 40.15
C LYS C 214 -52.35 40.08 41.65
N VAL C 215 -51.13 40.03 42.17
CA VAL C 215 -50.81 40.28 43.57
C VAL C 215 -49.53 41.09 43.65
N ASP C 216 -49.50 42.06 44.58
CA ASP C 216 -48.37 42.95 44.80
C ASP C 216 -48.06 42.98 46.30
N LYS C 217 -47.58 41.86 46.82
CA LYS C 217 -47.38 41.72 48.26
C LYS C 217 -46.16 42.51 48.72
N ARG C 218 -46.32 43.27 49.80
CA ARG C 218 -45.19 43.89 50.49
C ARG C 218 -44.33 42.81 51.13
N VAL C 219 -43.03 43.10 51.25
CA VAL C 219 -42.08 42.22 51.92
C VAL C 219 -41.33 43.06 52.94
N GLU C 220 -41.80 43.03 54.19
CA GLU C 220 -41.22 43.79 55.30
C GLU C 220 -40.45 42.86 56.23
N PRO C 221 -39.43 43.37 56.95
CA PRO C 221 -38.78 42.55 57.97
C PRO C 221 -39.76 42.02 59.02
N GLU D 1 -36.36 -4.08 25.12
CA GLU D 1 -35.84 -2.73 24.75
C GLU D 1 -34.32 -2.65 24.89
N ILE D 2 -33.67 -2.07 23.89
CA ILE D 2 -32.24 -1.83 23.97
C ILE D 2 -31.99 -0.68 24.95
N VAL D 3 -31.31 -0.98 26.04
CA VAL D 3 -30.99 0.04 27.04
C VAL D 3 -29.73 0.78 26.59
N MET D 4 -29.80 2.10 26.56
CA MET D 4 -28.68 2.97 26.24
C MET D 4 -28.21 3.63 27.53
N THR D 5 -26.93 3.41 27.86
CA THR D 5 -26.36 3.90 29.12
C THR D 5 -25.20 4.85 28.85
N GLN D 6 -25.43 6.13 29.13
CA GLN D 6 -24.45 7.19 28.98
C GLN D 6 -23.68 7.41 30.28
N SER D 7 -22.40 7.71 30.14
CA SER D 7 -21.63 8.19 31.25
C SER D 7 -20.75 9.31 30.72
N PRO D 8 -20.41 10.30 31.58
CA PRO D 8 -21.01 10.55 32.89
C PRO D 8 -22.40 11.17 32.76
N SER D 9 -23.09 11.37 33.88
CA SER D 9 -24.36 12.08 33.88
C SER D 9 -24.17 13.59 33.86
N SER D 10 -23.10 14.07 34.49
CA SER D 10 -22.76 15.48 34.51
C SER D 10 -21.28 15.63 34.20
N LEU D 11 -20.90 16.82 33.75
CA LEU D 11 -19.52 17.08 33.38
C LEU D 11 -19.30 18.59 33.37
N SER D 12 -18.28 19.04 34.09
CA SER D 12 -17.87 20.43 34.09
C SER D 12 -16.56 20.56 33.34
N ALA D 13 -16.44 21.63 32.55
CA ALA D 13 -15.22 21.87 31.79
C ALA D 13 -15.18 23.35 31.41
N SER D 14 -14.00 23.78 30.97
CA SER D 14 -13.76 25.17 30.61
C SER D 14 -13.65 25.29 29.09
N VAL D 15 -13.81 26.53 28.61
CA VAL D 15 -13.67 26.80 27.18
C VAL D 15 -12.28 26.38 26.73
N GLY D 16 -12.21 25.48 25.77
CA GLY D 16 -10.96 24.98 25.22
C GLY D 16 -10.61 23.57 25.62
N ASP D 17 -11.38 22.96 26.52
CA ASP D 17 -11.06 21.61 26.99
C ASP D 17 -11.47 20.56 25.95
N ARG D 18 -10.99 19.33 26.18
CA ARG D 18 -11.35 18.18 25.37
C ARG D 18 -12.30 17.31 26.17
N VAL D 19 -13.55 17.21 25.72
CA VAL D 19 -14.59 16.47 26.41
C VAL D 19 -14.86 15.16 25.68
N THR D 20 -15.15 14.10 26.43
CA THR D 20 -15.54 12.82 25.86
C THR D 20 -16.71 12.26 26.65
N ILE D 21 -17.81 11.98 25.96
CA ILE D 21 -18.98 11.33 26.52
C ILE D 21 -19.06 9.93 25.93
N THR D 22 -19.38 8.94 26.76
CA THR D 22 -19.49 7.56 26.33
C THR D 22 -20.94 7.09 26.42
N CYS D 23 -21.27 6.11 25.58
CA CYS D 23 -22.61 5.53 25.52
C CYS D 23 -22.44 4.02 25.30
N ARG D 24 -23.06 3.23 26.18
CA ARG D 24 -22.97 1.77 26.11
C ARG D 24 -24.37 1.21 25.85
N ALA D 25 -24.48 0.39 24.80
CA ALA D 25 -25.76 -0.20 24.43
C ALA D 25 -25.93 -1.57 25.07
N SER D 26 -27.19 -1.95 25.30
CA SER D 26 -27.49 -3.24 25.91
C SER D 26 -27.06 -4.40 25.03
N GLN D 27 -26.99 -4.17 23.71
CA GLN D 27 -26.60 -5.22 22.77
C GLN D 27 -25.89 -4.56 21.60
N SER D 28 -25.33 -5.39 20.73
CA SER D 28 -24.65 -4.89 19.54
C SER D 28 -25.66 -4.19 18.64
N ILE D 29 -25.43 -2.90 18.39
CA ILE D 29 -26.27 -2.10 17.51
C ILE D 29 -25.50 -1.65 16.26
N SER D 30 -24.36 -2.27 15.97
CA SER D 30 -23.54 -1.96 14.80
C SER D 30 -23.22 -0.47 14.86
N THR D 31 -23.43 0.28 13.77
CA THR D 31 -23.14 1.71 13.73
C THR D 31 -24.40 2.57 13.85
N TYR D 32 -25.53 1.99 14.24
CA TYR D 32 -26.80 2.71 14.27
C TYR D 32 -26.96 3.48 15.59
N LEU D 33 -26.00 4.37 15.83
CA LEU D 33 -25.95 5.18 17.05
C LEU D 33 -25.87 6.64 16.68
N ASN D 34 -26.73 7.46 17.27
CA ASN D 34 -26.85 8.86 16.94
C ASN D 34 -26.67 9.72 18.19
N TRP D 35 -26.19 10.95 17.99
CA TRP D 35 -25.90 11.88 19.07
C TRP D 35 -26.66 13.18 18.83
N TYR D 36 -27.36 13.65 19.86
CA TYR D 36 -28.15 14.87 19.79
C TYR D 36 -27.69 15.85 20.87
N GLN D 37 -27.84 17.14 20.57
CA GLN D 37 -27.61 18.22 21.51
C GLN D 37 -28.95 18.89 21.80
N GLN D 38 -29.19 19.22 23.07
CA GLN D 38 -30.39 19.94 23.46
C GLN D 38 -30.04 21.05 24.43
N LYS D 39 -30.45 22.25 24.10
CA LYS D 39 -30.41 23.37 25.03
C LYS D 39 -31.78 23.57 25.66
N PRO D 40 -31.85 24.15 26.86
CA PRO D 40 -33.13 24.20 27.57
C PRO D 40 -34.20 24.95 26.77
N GLY D 41 -35.42 24.43 26.81
CA GLY D 41 -36.54 25.00 26.09
C GLY D 41 -36.54 24.76 24.61
N LYS D 42 -35.49 24.14 24.06
CA LYS D 42 -35.36 23.94 22.63
C LYS D 42 -35.43 22.46 22.28
N ALA D 43 -35.82 22.17 21.05
CA ALA D 43 -35.84 20.79 20.59
C ALA D 43 -34.41 20.33 20.27
N PRO D 44 -34.14 19.03 20.38
CA PRO D 44 -32.77 18.56 20.16
C PRO D 44 -32.31 18.80 18.73
N ASN D 45 -31.00 18.93 18.57
CA ASN D 45 -30.36 19.05 17.26
C ASN D 45 -29.42 17.86 17.05
N LEU D 46 -29.59 17.17 15.93
CA LEU D 46 -28.72 16.05 15.60
C LEU D 46 -27.31 16.54 15.34
N LEU D 47 -26.34 15.92 16.02
CA LEU D 47 -24.93 16.18 15.80
C LEU D 47 -24.31 15.15 14.88
N ILE D 48 -24.52 13.87 15.19
CA ILE D 48 -23.86 12.77 14.51
C ILE D 48 -24.87 11.66 14.26
N TYR D 49 -24.78 11.04 13.08
CA TYR D 49 -25.58 9.88 12.74
C TYR D 49 -24.66 8.77 12.25
N ALA D 50 -25.16 7.54 12.32
CA ALA D 50 -24.39 6.35 11.92
C ALA D 50 -23.09 6.22 12.71
N ALA D 51 -23.04 6.80 13.92
CA ALA D 51 -21.97 6.67 14.89
C ALA D 51 -20.68 7.41 14.53
N SER D 52 -20.53 7.86 13.28
CA SER D 52 -19.34 8.58 12.84
C SER D 52 -19.62 9.76 11.93
N SER D 53 -20.83 9.89 11.37
CA SER D 53 -21.09 10.86 10.31
C SER D 53 -21.62 12.17 10.90
N LEU D 54 -20.95 13.27 10.55
CA LEU D 54 -21.38 14.60 10.96
C LEU D 54 -22.58 15.04 10.11
N HIS D 55 -23.60 15.56 10.77
CA HIS D 55 -24.71 16.15 10.06
C HIS D 55 -24.31 17.52 9.51
N SER D 56 -24.95 17.92 8.41
CA SER D 56 -24.63 19.18 7.77
C SER D 56 -24.79 20.34 8.74
N GLY D 57 -23.80 21.23 8.77
CA GLY D 57 -23.82 22.38 9.64
C GLY D 57 -23.19 22.17 11.00
N VAL D 58 -22.93 20.93 11.39
CA VAL D 58 -22.30 20.62 12.67
C VAL D 58 -20.81 20.91 12.57
N PRO D 59 -20.24 21.74 13.44
CA PRO D 59 -18.81 22.05 13.31
C PRO D 59 -17.92 20.82 13.50
N SER D 60 -16.72 20.89 12.94
CA SER D 60 -15.81 19.76 12.93
C SER D 60 -15.33 19.37 14.32
N ARG D 61 -15.42 20.26 15.31
CA ARG D 61 -14.96 19.91 16.65
C ARG D 61 -15.72 18.73 17.24
N PHE D 62 -16.89 18.42 16.71
CA PHE D 62 -17.64 17.25 17.14
C PHE D 62 -17.21 16.03 16.34
N ARG D 63 -16.94 14.93 17.04
CA ARG D 63 -16.52 13.69 16.40
C ARG D 63 -17.11 12.52 17.16
N GLY D 64 -17.60 11.53 16.41
CA GLY D 64 -18.16 10.33 17.00
C GLY D 64 -17.39 9.11 16.54
N SER D 65 -17.35 8.09 17.39
CA SER D 65 -16.63 6.87 17.09
C SER D 65 -17.27 5.70 17.82
N GLY D 66 -17.03 4.51 17.31
CA GLY D 66 -17.47 3.28 17.95
C GLY D 66 -18.33 2.41 17.05
N SER D 67 -18.39 1.12 17.36
CA SER D 67 -19.22 0.18 16.64
C SER D 67 -19.49 -1.01 17.54
N GLY D 68 -20.72 -1.50 17.52
CA GLY D 68 -21.12 -2.60 18.37
C GLY D 68 -21.90 -2.14 19.59
N THR D 69 -21.24 -2.11 20.75
CA THR D 69 -21.87 -1.73 22.00
C THR D 69 -21.31 -0.46 22.62
N ASP D 70 -20.08 -0.07 22.30
CA ASP D 70 -19.38 1.02 22.97
C ASP D 70 -19.14 2.16 21.98
N PHE D 71 -19.54 3.37 22.38
CA PHE D 71 -19.51 4.54 21.51
C PHE D 71 -19.02 5.74 22.29
N THR D 72 -18.54 6.75 21.56
CA THR D 72 -17.94 7.93 22.18
C THR D 72 -18.22 9.15 21.32
N LEU D 73 -18.64 10.24 21.96
CA LEU D 73 -18.70 11.57 21.37
C LEU D 73 -17.58 12.40 21.94
N THR D 74 -16.83 13.07 21.08
CA THR D 74 -15.70 13.90 21.48
C THR D 74 -15.91 15.34 20.99
N ILE D 75 -15.54 16.30 21.84
CA ILE D 75 -15.48 17.70 21.48
C ILE D 75 -14.03 18.12 21.67
N THR D 76 -13.35 18.42 20.55
CA THR D 76 -11.90 18.59 20.59
C THR D 76 -11.50 19.86 21.34
N SER D 77 -12.16 20.98 21.03
CA SER D 77 -11.90 22.26 21.68
C SER D 77 -13.26 22.88 22.02
N LEU D 78 -13.63 22.80 23.29
CA LEU D 78 -14.94 23.27 23.72
C LEU D 78 -15.10 24.76 23.45
N GLN D 79 -16.31 25.15 23.07
CA GLN D 79 -16.66 26.52 22.74
C GLN D 79 -17.79 27.01 23.65
N PRO D 80 -18.01 28.33 23.73
CA PRO D 80 -19.08 28.83 24.63
C PRO D 80 -20.46 28.28 24.35
N ASP D 81 -20.78 27.99 23.08
CA ASP D 81 -22.11 27.50 22.72
C ASP D 81 -22.26 25.99 22.92
N ASP D 82 -21.22 25.29 23.36
CA ASP D 82 -21.28 23.83 23.52
C ASP D 82 -21.84 23.38 24.85
N PHE D 83 -22.06 24.29 25.80
CA PHE D 83 -22.58 23.90 27.11
C PHE D 83 -24.07 23.64 26.98
N ALA D 84 -24.46 22.38 27.13
CA ALA D 84 -25.83 21.91 26.91
C ALA D 84 -25.91 20.48 27.42
N THR D 85 -27.03 19.81 27.15
CA THR D 85 -27.19 18.40 27.44
C THR D 85 -27.07 17.58 26.15
N TYR D 86 -26.44 16.41 26.26
CA TYR D 86 -26.15 15.54 25.13
C TYR D 86 -26.76 14.17 25.35
N TYR D 87 -27.40 13.63 24.31
CA TYR D 87 -28.07 12.34 24.35
C TYR D 87 -27.53 11.46 23.23
N CYS D 88 -27.32 10.17 23.52
CA CYS D 88 -27.15 9.18 22.48
C CYS D 88 -28.49 8.54 22.17
N HIS D 89 -28.55 7.84 21.04
CA HIS D 89 -29.82 7.40 20.47
C HIS D 89 -29.55 6.29 19.49
N GLN D 90 -30.18 5.13 19.69
CA GLN D 90 -30.05 4.00 18.80
C GLN D 90 -31.30 3.90 17.93
N SER D 91 -31.10 3.70 16.63
CA SER D 91 -32.18 3.39 15.70
C SER D 91 -31.96 2.02 15.09
N TYR D 92 -31.23 1.15 15.81
CA TYR D 92 -30.95 -0.18 15.32
C TYR D 92 -32.24 -1.01 15.23
N SER D 93 -33.06 -0.95 16.28
CA SER D 93 -34.31 -1.68 16.30
C SER D 93 -35.35 -0.88 17.08
N ALA D 94 -36.61 -1.03 16.69
CA ALA D 94 -37.69 -0.36 17.40
C ALA D 94 -38.17 -1.24 18.56
N PRO D 95 -38.58 -0.65 19.69
CA PRO D 95 -38.66 0.79 19.94
C PRO D 95 -37.29 1.44 20.14
N ARG D 96 -37.12 2.63 19.59
CA ARG D 96 -35.87 3.36 19.76
C ARG D 96 -35.76 3.85 21.20
N THR D 97 -34.54 4.21 21.59
CA THR D 97 -34.27 4.63 22.95
C THR D 97 -33.17 5.67 22.97
N PHE D 98 -33.38 6.73 23.73
CA PHE D 98 -32.33 7.68 24.07
C PHE D 98 -31.60 7.22 25.33
N GLY D 99 -30.34 7.59 25.44
CA GLY D 99 -29.64 7.51 26.72
C GLY D 99 -30.22 8.51 27.71
N GLN D 100 -29.85 8.41 29.00
CA GLN D 100 -30.41 9.29 30.05
C GLN D 100 -29.90 10.71 29.87
N GLY D 101 -28.90 10.96 29.05
CA GLY D 101 -28.43 12.31 28.85
C GLY D 101 -27.19 12.62 29.68
N THR D 102 -26.44 13.62 29.22
CA THR D 102 -25.21 14.06 29.87
C THR D 102 -25.19 15.58 29.82
N LYS D 103 -25.23 16.22 30.99
CA LYS D 103 -25.23 17.68 31.05
C LYS D 103 -23.81 18.18 31.14
N LEU D 104 -23.49 19.18 30.31
CA LEU D 104 -22.15 19.75 30.22
C LEU D 104 -22.21 21.17 30.77
N GLU D 105 -21.65 21.36 31.97
CA GLU D 105 -21.69 22.63 32.67
C GLU D 105 -20.35 23.35 32.58
N ILE D 106 -20.36 24.61 32.99
CA ILE D 106 -19.18 25.46 32.96
C ILE D 106 -18.41 25.28 34.27
N LYS D 107 -17.10 25.15 34.18
CA LYS D 107 -16.24 24.99 35.34
C LYS D 107 -15.81 26.36 35.88
N ARG D 108 -15.59 26.41 37.18
CA ARG D 108 -15.12 27.63 37.83
C ARG D 108 -14.65 27.28 39.24
N THR D 109 -14.20 28.29 39.97
CA THR D 109 -13.67 28.09 41.31
C THR D 109 -14.78 27.69 42.28
N VAL D 110 -14.41 26.86 43.26
CA VAL D 110 -15.34 26.51 44.33
C VAL D 110 -15.81 27.79 45.01
N ALA D 111 -17.06 27.77 45.47
CA ALA D 111 -17.65 28.93 46.13
C ALA D 111 -18.67 28.46 47.15
N ALA D 112 -18.51 28.88 48.40
CA ALA D 112 -19.44 28.49 49.44
C ALA D 112 -20.77 29.21 49.28
N PRO D 113 -21.88 28.57 49.62
CA PRO D 113 -23.17 29.26 49.56
C PRO D 113 -23.37 30.17 50.76
N SER D 114 -24.06 31.28 50.52
CA SER D 114 -24.59 32.12 51.60
C SER D 114 -25.94 31.54 52.01
N VAL D 115 -26.05 31.13 53.26
CA VAL D 115 -27.22 30.41 53.75
C VAL D 115 -28.15 31.38 54.47
N PHE D 116 -29.46 31.20 54.26
CA PHE D 116 -30.48 32.06 54.87
C PHE D 116 -31.71 31.22 55.15
N ILE D 117 -32.26 31.35 56.35
CA ILE D 117 -33.46 30.63 56.76
C ILE D 117 -34.59 31.63 56.97
N PHE D 118 -35.80 31.26 56.55
CA PHE D 118 -36.97 32.12 56.64
C PHE D 118 -38.08 31.41 57.41
N PRO D 119 -38.63 32.01 58.46
CA PRO D 119 -39.81 31.43 59.12
C PRO D 119 -41.06 31.71 58.31
N PRO D 120 -42.13 30.94 58.54
CA PRO D 120 -43.37 31.19 57.80
C PRO D 120 -44.00 32.50 58.24
N SER D 121 -44.60 33.21 57.28
CA SER D 121 -45.28 34.45 57.59
C SER D 121 -46.46 34.19 58.54
N ASP D 122 -46.83 35.24 59.28
CA ASP D 122 -48.03 35.16 60.10
C ASP D 122 -49.27 35.02 59.23
N GLU D 123 -49.30 35.74 58.10
CA GLU D 123 -50.43 35.62 57.17
C GLU D 123 -50.65 34.16 56.76
N GLN D 124 -49.56 33.42 56.53
CA GLN D 124 -49.71 32.02 56.15
C GLN D 124 -50.26 31.19 57.30
N LEU D 125 -49.76 31.41 58.51
CA LEU D 125 -50.21 30.61 59.65
C LEU D 125 -51.71 30.73 59.87
N LYS D 126 -52.31 31.88 59.52
CA LYS D 126 -53.75 32.03 59.64
C LYS D 126 -54.52 31.14 58.68
N SER D 127 -53.85 30.53 57.71
CA SER D 127 -54.50 29.61 56.79
C SER D 127 -54.40 28.15 57.22
N GLY D 128 -53.56 27.85 58.21
CA GLY D 128 -53.41 26.49 58.70
C GLY D 128 -52.24 25.72 58.12
N THR D 129 -51.27 26.40 57.52
CA THR D 129 -50.07 25.73 57.01
C THR D 129 -48.86 26.61 57.30
N ALA D 130 -47.71 25.96 57.46
CA ALA D 130 -46.46 26.64 57.77
C ALA D 130 -45.38 26.13 56.83
N SER D 131 -44.75 27.05 56.10
CA SER D 131 -43.66 26.74 55.19
C SER D 131 -42.39 27.41 55.69
N VAL D 132 -41.35 26.63 55.90
CA VAL D 132 -40.04 27.12 56.33
C VAL D 132 -39.06 26.92 55.19
N VAL D 133 -38.40 28.00 54.77
CA VAL D 133 -37.57 28.01 53.58
C VAL D 133 -36.12 28.22 53.98
N CYS D 134 -35.24 27.38 53.43
CA CYS D 134 -33.79 27.51 53.55
C CYS D 134 -33.23 27.85 52.18
N LEU D 135 -32.42 28.90 52.11
CA LEU D 135 -31.89 29.41 50.85
C LEU D 135 -30.38 29.30 50.82
N LEU D 136 -29.86 28.69 49.75
CA LEU D 136 -28.43 28.66 49.45
C LEU D 136 -28.20 29.49 48.19
N ASN D 137 -27.34 30.50 48.29
CA ASN D 137 -27.18 31.51 47.25
C ASN D 137 -25.79 31.45 46.65
N ASN D 138 -25.73 31.29 45.32
CA ASN D 138 -24.54 31.54 44.49
C ASN D 138 -23.34 30.73 44.96
N PHE D 139 -23.46 29.41 44.76
CA PHE D 139 -22.41 28.46 45.12
C PHE D 139 -22.08 27.57 43.93
N TYR D 140 -21.03 26.77 44.12
CA TYR D 140 -20.55 25.86 43.09
C TYR D 140 -19.52 24.93 43.73
N PRO D 141 -19.53 23.63 43.42
CA PRO D 141 -20.41 22.88 42.51
C PRO D 141 -21.84 22.72 43.00
N ARG D 142 -22.64 22.00 42.22
CA ARG D 142 -24.06 21.78 42.56
C ARG D 142 -24.19 20.91 43.80
N GLU D 143 -23.31 19.92 43.96
CA GLU D 143 -23.41 18.97 45.06
C GLU D 143 -23.53 19.69 46.39
N ALA D 144 -24.66 19.47 47.07
CA ALA D 144 -24.92 20.09 48.36
C ALA D 144 -25.97 19.27 49.10
N LYS D 145 -25.86 19.26 50.43
CA LYS D 145 -26.80 18.57 51.30
C LYS D 145 -27.51 19.59 52.17
N VAL D 146 -28.84 19.46 52.28
CA VAL D 146 -29.68 20.35 53.07
C VAL D 146 -30.51 19.49 54.00
N GLN D 147 -30.29 19.66 55.30
CA GLN D 147 -30.84 18.78 56.34
C GLN D 147 -31.65 19.60 57.33
N TRP D 148 -32.94 19.30 57.42
CA TRP D 148 -33.85 20.03 58.31
C TRP D 148 -33.88 19.36 59.68
N LYS D 149 -33.75 20.17 60.72
CA LYS D 149 -33.82 19.72 62.11
C LYS D 149 -34.88 20.52 62.84
N VAL D 150 -35.79 19.83 63.50
CA VAL D 150 -36.86 20.45 64.29
C VAL D 150 -36.67 20.01 65.74
N ASP D 151 -36.30 20.95 66.60
CA ASP D 151 -35.94 20.64 67.99
C ASP D 151 -34.85 19.57 68.03
N ASN D 152 -33.84 19.76 67.19
CA ASN D 152 -32.68 18.87 67.10
C ASN D 152 -33.03 17.51 66.54
N ALA D 153 -34.17 17.38 65.84
CA ALA D 153 -34.61 16.12 65.27
C ALA D 153 -34.62 16.22 63.75
N LEU D 154 -33.95 15.27 63.10
CA LEU D 154 -33.78 15.31 61.65
C LEU D 154 -35.09 14.96 60.95
N GLN D 155 -35.50 15.81 60.01
CA GLN D 155 -36.76 15.65 59.30
C GLN D 155 -36.55 14.87 58.00
N SER D 156 -37.57 14.11 57.61
CA SER D 156 -37.52 13.32 56.39
C SER D 156 -38.90 13.27 55.74
N GLY D 157 -38.93 13.54 54.44
CA GLY D 157 -40.15 13.37 53.66
C GLY D 157 -41.13 14.50 53.71
N ASN D 158 -40.76 15.65 54.30
CA ASN D 158 -41.64 16.81 54.37
C ASN D 158 -40.95 18.05 53.82
N SER D 159 -39.99 17.86 52.90
CA SER D 159 -39.27 18.97 52.29
C SER D 159 -39.11 18.71 50.80
N GLN D 160 -38.99 19.79 50.04
CA GLN D 160 -38.78 19.73 48.60
C GLN D 160 -37.75 20.77 48.20
N GLU D 161 -36.79 20.36 47.38
CA GLU D 161 -35.74 21.25 46.92
C GLU D 161 -36.04 21.75 45.51
N SER D 162 -35.41 22.86 45.16
CA SER D 162 -35.51 23.43 43.82
C SER D 162 -34.23 24.18 43.52
N VAL D 163 -33.69 23.98 42.33
CA VAL D 163 -32.39 24.52 41.96
C VAL D 163 -32.53 25.34 40.69
N THR D 164 -31.61 26.29 40.51
CA THR D 164 -31.50 27.07 39.30
C THR D 164 -30.36 26.55 38.42
N GLU D 165 -30.39 26.94 37.16
CA GLU D 165 -29.28 26.66 36.26
C GLU D 165 -28.15 27.65 36.52
N GLN D 166 -26.98 27.37 35.93
CA GLN D 166 -25.82 28.20 36.18
C GLN D 166 -26.08 29.63 35.75
N ASP D 167 -25.64 30.57 36.59
CA ASP D 167 -25.88 31.99 36.35
C ASP D 167 -24.94 32.51 35.28
N SER D 168 -25.46 33.45 34.47
CA SER D 168 -24.68 33.96 33.35
C SER D 168 -23.42 34.68 33.83
N LYS D 169 -23.57 35.53 34.85
CA LYS D 169 -22.46 36.40 35.25
C LYS D 169 -21.39 35.64 36.01
N ASP D 170 -21.78 34.70 36.88
CA ASP D 170 -20.85 34.05 37.78
C ASP D 170 -20.85 32.53 37.68
N SER D 171 -21.72 31.93 36.87
CA SER D 171 -21.72 30.50 36.64
C SER D 171 -21.94 29.71 37.94
N THR D 172 -22.73 30.26 38.86
CA THR D 172 -23.02 29.61 40.13
C THR D 172 -24.46 29.11 40.16
N TYR D 173 -24.73 28.24 41.12
CA TYR D 173 -26.06 27.70 41.37
C TYR D 173 -26.70 28.39 42.57
N SER D 174 -28.02 28.31 42.64
CA SER D 174 -28.78 28.73 43.81
C SER D 174 -29.85 27.68 44.07
N LEU D 175 -30.09 27.37 45.34
CA LEU D 175 -30.99 26.31 45.73
C LEU D 175 -31.90 26.77 46.87
N SER D 176 -33.11 26.22 46.88
CA SER D 176 -34.06 26.47 47.95
C SER D 176 -34.59 25.14 48.47
N SER D 177 -34.77 25.04 49.78
CA SER D 177 -35.38 23.88 50.40
C SER D 177 -36.54 24.36 51.25
N THR D 178 -37.71 23.74 51.09
CA THR D 178 -38.94 24.19 51.71
C THR D 178 -39.49 23.07 52.59
N LEU D 179 -39.56 23.33 53.89
CA LEU D 179 -40.15 22.41 54.85
C LEU D 179 -41.60 22.83 55.10
N THR D 180 -42.54 21.96 54.76
CA THR D 180 -43.96 22.26 54.88
C THR D 180 -44.56 21.49 56.05
N LEU D 181 -45.30 22.21 56.91
CA LEU D 181 -45.95 21.64 58.07
C LEU D 181 -47.33 22.28 58.21
N SER D 182 -48.16 21.68 59.06
CA SER D 182 -49.39 22.32 59.48
C SER D 182 -49.10 23.31 60.61
N LYS D 183 -49.99 24.30 60.75
CA LYS D 183 -49.87 25.24 61.85
C LYS D 183 -49.80 24.51 63.19
N ALA D 184 -50.64 23.50 63.36
CA ALA D 184 -50.64 22.71 64.60
C ALA D 184 -49.25 22.15 64.87
N ASP D 185 -48.69 21.43 63.90
CA ASP D 185 -47.37 20.84 64.09
C ASP D 185 -46.31 21.92 64.28
N TYR D 186 -46.44 23.04 63.57
CA TYR D 186 -45.41 24.07 63.62
C TYR D 186 -45.26 24.66 65.02
N GLU D 187 -46.38 24.86 65.72
CA GLU D 187 -46.36 25.51 67.02
C GLU D 187 -46.05 24.56 68.17
N LYS D 188 -45.82 23.27 67.90
CA LYS D 188 -45.46 22.32 68.94
C LYS D 188 -43.95 22.21 69.12
N HIS D 189 -43.16 23.05 68.45
CA HIS D 189 -41.70 23.02 68.58
C HIS D 189 -41.17 24.44 68.64
N LYS D 190 -39.92 24.55 69.09
CA LYS D 190 -39.27 25.84 69.27
C LYS D 190 -38.19 26.11 68.22
N VAL D 191 -37.24 25.20 68.06
CA VAL D 191 -36.05 25.44 67.25
C VAL D 191 -36.22 24.82 65.88
N TYR D 192 -36.02 25.61 64.81
CA TYR D 192 -36.07 25.16 63.41
C TYR D 192 -34.75 25.55 62.78
N ALA D 193 -34.07 24.65 62.11
CA ALA D 193 -32.77 24.92 61.51
C ALA D 193 -32.58 24.04 60.27
N CYS D 194 -31.72 24.51 59.38
CA CYS D 194 -31.29 23.73 58.22
C CYS D 194 -29.76 23.66 58.23
N GLU D 195 -29.24 22.43 58.24
CA GLU D 195 -27.81 22.19 58.18
C GLU D 195 -27.40 22.02 56.72
N VAL D 196 -26.45 22.83 56.26
CA VAL D 196 -26.00 22.83 54.87
C VAL D 196 -24.59 22.28 54.83
N THR D 197 -24.39 21.25 54.01
CA THR D 197 -23.08 20.63 53.82
C THR D 197 -22.63 20.86 52.39
N HIS D 198 -21.39 21.33 52.23
CA HIS D 198 -20.86 21.68 50.92
C HIS D 198 -19.33 21.69 51.03
N GLN D 199 -18.65 21.18 50.01
CA GLN D 199 -17.20 21.03 50.09
C GLN D 199 -16.51 22.38 50.27
N GLY D 200 -17.11 23.45 49.74
CA GLY D 200 -16.56 24.78 49.96
C GLY D 200 -16.60 25.26 51.39
N LEU D 201 -17.32 24.56 52.26
CA LEU D 201 -17.39 24.89 53.68
C LEU D 201 -16.49 23.94 54.46
N SER D 202 -15.58 24.51 55.26
CA SER D 202 -14.71 23.69 56.09
C SER D 202 -15.52 22.79 57.01
N SER D 203 -16.65 23.30 57.51
CA SER D 203 -17.53 22.55 58.39
C SER D 203 -18.98 22.82 57.99
N PRO D 204 -19.89 21.90 58.29
CA PRO D 204 -21.31 22.15 58.02
C PRO D 204 -21.77 23.46 58.66
N VAL D 205 -22.73 24.11 58.02
CA VAL D 205 -23.24 25.40 58.46
C VAL D 205 -24.71 25.24 58.83
N THR D 206 -25.10 25.84 59.95
CA THR D 206 -26.46 25.75 60.46
C THR D 206 -27.01 27.15 60.69
N LYS D 207 -28.21 27.40 60.16
CA LYS D 207 -28.92 28.66 60.37
C LYS D 207 -30.25 28.31 61.02
N SER D 208 -30.50 28.89 62.20
CA SER D 208 -31.65 28.51 63.01
C SER D 208 -32.47 29.74 63.38
N PHE D 209 -33.72 29.49 63.74
CA PHE D 209 -34.57 30.51 64.34
C PHE D 209 -35.47 29.84 65.37
N ASN D 210 -35.95 30.63 66.32
CA ASN D 210 -36.85 30.17 67.36
C ASN D 210 -38.21 30.82 67.16
N ARG D 211 -39.25 29.99 67.14
CA ARG D 211 -40.61 30.45 66.87
C ARG D 211 -41.01 31.64 67.73
N ALA E 1 -11.78 -1.06 2.60
CA ALA E 1 -13.14 -0.90 3.08
C ALA E 1 -14.08 -0.54 1.93
N ALA E 2 -13.76 0.56 1.24
CA ALA E 2 -14.52 0.91 0.04
C ALA E 2 -14.20 -0.04 -1.10
N ARG E 3 -12.96 -0.52 -1.17
CA ARG E 3 -12.60 -1.51 -2.18
C ARG E 3 -13.22 -2.87 -1.85
N ARG E 4 -13.28 -3.22 -0.57
CA ARG E 4 -13.89 -4.49 -0.18
C ARG E 4 -15.36 -4.55 -0.58
N CYS E 5 -16.05 -3.40 -0.53
CA CYS E 5 -17.45 -3.38 -0.95
C CYS E 5 -17.56 -3.46 -2.48
N GLN E 6 -16.65 -2.78 -3.18
CA GLN E 6 -16.56 -2.92 -4.63
C GLN E 6 -16.51 -4.38 -5.04
N SER E 7 -15.70 -5.19 -4.35
CA SER E 7 -15.54 -6.58 -4.72
C SER E 7 -16.77 -7.40 -4.35
N GLN E 8 -17.37 -7.12 -3.18
CA GLN E 8 -18.56 -7.85 -2.77
C GLN E 8 -19.72 -7.61 -3.74
N LEU E 9 -19.81 -6.40 -4.28
CA LEU E 9 -20.90 -6.10 -5.19
C LEU E 9 -20.72 -6.82 -6.52
N GLU E 10 -19.48 -6.89 -7.04
CA GLU E 10 -19.23 -7.66 -8.25
C GLU E 10 -19.62 -9.12 -8.09
N ARG E 11 -19.56 -9.64 -6.87
CA ARG E 11 -19.87 -11.04 -6.60
C ARG E 11 -21.34 -11.31 -6.35
N ALA E 12 -22.16 -10.26 -6.25
CA ALA E 12 -23.55 -10.40 -5.81
C ALA E 12 -24.47 -10.67 -6.99
N ASN E 13 -25.51 -11.46 -6.74
CA ASN E 13 -26.58 -11.71 -7.69
C ASN E 13 -27.84 -11.05 -7.16
N LEU E 14 -28.01 -9.76 -7.47
CA LEU E 14 -29.16 -8.99 -7.02
C LEU E 14 -30.31 -8.98 -8.03
N ARG E 15 -30.21 -9.76 -9.10
CA ARG E 15 -31.34 -9.91 -10.01
C ARG E 15 -32.60 -10.45 -9.33
N PRO E 16 -32.56 -11.45 -8.46
CA PRO E 16 -33.80 -11.87 -7.78
C PRO E 16 -34.46 -10.76 -6.98
N CYS E 17 -33.69 -9.79 -6.50
CA CYS E 17 -34.29 -8.63 -5.85
C CYS E 17 -35.11 -7.81 -6.84
N GLU E 18 -34.58 -7.60 -8.04
CA GLU E 18 -35.34 -6.94 -9.08
C GLU E 18 -36.63 -7.71 -9.37
N GLN E 19 -36.53 -9.03 -9.49
CA GLN E 19 -37.70 -9.84 -9.83
C GLN E 19 -38.72 -9.83 -8.70
N HIS E 20 -38.26 -10.05 -7.46
CA HIS E 20 -39.16 -9.98 -6.32
C HIS E 20 -39.89 -8.63 -6.29
N LEU E 21 -39.17 -7.54 -6.55
CA LEU E 21 -39.79 -6.22 -6.50
C LEU E 21 -40.75 -6.02 -7.66
N MET E 22 -40.38 -6.49 -8.86
N MET E 22 -40.40 -6.51 -8.85
CA MET E 22 -41.25 -6.37 -10.01
CA MET E 22 -41.30 -6.33 -9.99
C MET E 22 -42.55 -7.15 -9.79
C MET E 22 -42.57 -7.16 -9.83
N GLN E 23 -42.44 -8.40 -9.37
CA GLN E 23 -43.63 -9.22 -9.13
C GLN E 23 -44.40 -8.72 -7.91
N LYS E 24 -43.72 -8.13 -6.93
CA LYS E 24 -44.42 -7.52 -5.81
C LYS E 24 -45.26 -6.32 -6.28
N ILE E 25 -44.80 -5.62 -7.31
CA ILE E 25 -45.59 -4.52 -7.86
C ILE E 25 -46.64 -5.02 -8.83
N GLN E 26 -46.40 -6.16 -9.49
CA GLN E 26 -47.39 -6.70 -10.41
C GLN E 26 -48.71 -6.98 -9.70
N ARG E 27 -48.64 -7.58 -8.52
CA ARG E 27 -49.84 -7.88 -7.75
C ARG E 27 -50.44 -6.60 -7.16
N SER E 57 -41.12 -16.50 -1.20
CA SER E 57 -41.20 -16.50 -2.65
C SER E 57 -39.95 -17.10 -3.27
N GLN E 58 -40.03 -17.42 -4.56
CA GLN E 58 -38.89 -18.03 -5.25
C GLN E 58 -37.68 -17.09 -5.24
N HIS E 59 -37.91 -15.80 -5.48
CA HIS E 59 -36.83 -14.85 -5.59
C HIS E 59 -36.47 -14.17 -4.27
N GLN E 60 -37.39 -14.12 -3.31
CA GLN E 60 -37.10 -13.44 -2.06
C GLN E 60 -36.06 -14.20 -1.25
N GLU E 61 -36.18 -15.53 -1.19
CA GLU E 61 -35.20 -16.33 -0.47
C GLU E 61 -33.79 -16.06 -0.98
N ARG E 62 -33.63 -16.08 -2.30
N ARG E 62 -33.63 -16.08 -2.30
CA ARG E 62 -32.33 -15.79 -2.90
CA ARG E 62 -32.32 -15.80 -2.89
C ARG E 62 -31.93 -14.34 -2.68
C ARG E 62 -31.92 -14.34 -2.67
N CYS E 63 -32.85 -13.40 -2.88
CA CYS E 63 -32.53 -11.99 -2.73
C CYS E 63 -32.07 -11.67 -1.32
N CYS E 64 -32.74 -12.24 -0.32
CA CYS E 64 -32.38 -11.92 1.07
C CYS E 64 -31.01 -12.49 1.43
N ASN E 65 -30.73 -13.73 0.99
CA ASN E 65 -29.39 -14.26 1.18
C ASN E 65 -28.33 -13.35 0.57
N GLU E 66 -28.63 -12.77 -0.59
CA GLU E 66 -27.67 -11.90 -1.26
C GLU E 66 -27.52 -10.58 -0.51
N LEU E 67 -28.63 -9.97 -0.10
CA LEU E 67 -28.54 -8.74 0.67
C LEU E 67 -27.84 -8.95 1.99
N ASN E 68 -27.92 -10.17 2.54
CA ASN E 68 -27.30 -10.44 3.83
C ASN E 68 -25.80 -10.15 3.82
N GLU E 69 -25.16 -10.27 2.66
CA GLU E 69 -23.72 -10.00 2.57
C GLU E 69 -23.38 -8.56 2.89
N PHE E 70 -24.36 -7.66 2.93
CA PHE E 70 -24.14 -6.26 3.25
C PHE E 70 -24.76 -5.87 4.59
N GLU E 71 -25.26 -6.84 5.35
CA GLU E 71 -25.97 -6.52 6.59
C GLU E 71 -25.06 -5.76 7.55
N ASN E 72 -25.63 -4.74 8.19
CA ASN E 72 -24.95 -3.95 9.21
C ASN E 72 -23.73 -3.22 8.67
N ASN E 73 -23.62 -3.11 7.34
CA ASN E 73 -22.61 -2.30 6.66
C ASN E 73 -23.40 -1.25 5.90
N GLN E 74 -23.50 -0.05 6.46
CA GLN E 74 -24.47 0.93 5.96
C GLN E 74 -24.06 1.45 4.59
N ARG E 75 -22.79 1.81 4.42
CA ARG E 75 -22.34 2.32 3.13
C ARG E 75 -22.55 1.30 2.03
N CYS E 76 -22.26 0.02 2.31
CA CYS E 76 -22.31 -0.99 1.27
C CYS E 76 -23.75 -1.45 1.01
N MET E 77 -24.58 -1.54 2.05
CA MET E 77 -25.99 -1.81 1.81
C MET E 77 -26.60 -0.71 0.95
N CYS E 78 -26.20 0.54 1.19
CA CYS E 78 -26.68 1.65 0.38
C CYS E 78 -26.27 1.48 -1.08
N GLU E 79 -25.00 1.14 -1.31
CA GLU E 79 -24.52 1.03 -2.68
C GLU E 79 -25.23 -0.10 -3.43
N ALA E 80 -25.55 -1.19 -2.73
CA ALA E 80 -26.31 -2.27 -3.35
C ALA E 80 -27.69 -1.77 -3.77
N LEU E 81 -28.41 -1.10 -2.87
CA LEU E 81 -29.70 -0.54 -3.22
C LEU E 81 -29.58 0.43 -4.38
N GLN E 82 -28.51 1.23 -4.39
CA GLN E 82 -28.33 2.19 -5.47
C GLN E 82 -28.08 1.50 -6.81
N GLN E 83 -27.33 0.38 -6.79
CA GLN E 83 -27.07 -0.32 -8.05
C GLN E 83 -28.32 -1.00 -8.59
N ILE E 84 -29.25 -1.40 -7.70
CA ILE E 84 -30.53 -1.90 -8.18
C ILE E 84 -31.33 -0.78 -8.85
N MET E 85 -31.32 0.42 -8.26
CA MET E 85 -31.96 1.56 -8.91
C MET E 85 -31.29 1.85 -10.25
N GLU E 86 -29.95 1.84 -10.28
CA GLU E 86 -29.21 2.13 -11.51
C GLU E 86 -29.62 1.18 -12.63
N ASN E 87 -29.67 -0.12 -12.34
CA ASN E 87 -29.98 -1.11 -13.34
C ASN E 87 -31.42 -1.00 -13.86
N GLN E 88 -32.32 -0.45 -13.05
CA GLN E 88 -33.74 -0.37 -13.39
C GLN E 88 -34.18 0.96 -13.97
N SER E 89 -33.28 1.94 -14.07
CA SER E 89 -33.68 3.28 -14.49
C SER E 89 -34.24 3.28 -15.91
N ASP E 90 -33.60 2.54 -16.82
CA ASP E 90 -34.03 2.53 -18.21
C ASP E 90 -35.33 1.77 -18.41
N ARG E 91 -35.65 0.83 -17.53
CA ARG E 91 -36.76 -0.09 -17.73
C ARG E 91 -38.06 0.41 -17.12
N LEU E 92 -38.05 1.54 -16.41
CA LEU E 92 -39.26 2.10 -15.84
C LEU E 92 -39.84 3.16 -16.77
N GLN E 93 -41.17 3.19 -16.86
CA GLN E 93 -41.88 3.86 -17.94
C GLN E 93 -42.22 5.31 -17.64
N GLY E 94 -42.02 5.76 -16.40
CA GLY E 94 -42.34 7.13 -16.05
C GLY E 94 -42.01 7.39 -14.60
N ARG E 95 -42.13 8.67 -14.24
CA ARG E 95 -41.77 9.10 -12.89
C ARG E 95 -42.55 8.32 -11.84
N GLN E 96 -43.87 8.17 -12.03
CA GLN E 96 -44.67 7.51 -11.01
C GLN E 96 -44.22 6.07 -10.80
N GLN E 97 -43.93 5.36 -11.89
CA GLN E 97 -43.37 4.02 -11.76
C GLN E 97 -42.01 4.06 -11.09
N GLU E 98 -41.23 5.12 -11.32
CA GLU E 98 -39.94 5.27 -10.66
C GLU E 98 -40.11 5.42 -9.16
N GLN E 99 -41.08 6.23 -8.72
CA GLN E 99 -41.27 6.45 -7.29
C GLN E 99 -41.81 5.20 -6.61
N GLN E 100 -42.73 4.49 -7.27
CA GLN E 100 -43.24 3.25 -6.68
C GLN E 100 -42.11 2.23 -6.50
N PHE E 101 -41.21 2.15 -7.47
CA PHE E 101 -40.11 1.19 -7.36
C PHE E 101 -39.16 1.57 -6.22
N LYS E 102 -38.83 2.85 -6.12
CA LYS E 102 -37.99 3.31 -5.02
C LYS E 102 -38.61 2.95 -3.66
N ARG E 103 -39.91 3.18 -3.50
CA ARG E 103 -40.57 2.90 -2.22
C ARG E 103 -40.40 1.44 -1.83
N GLU E 104 -40.68 0.54 -2.78
CA GLU E 104 -40.57 -0.88 -2.52
C GLU E 104 -39.13 -1.26 -2.23
N LEU E 105 -38.20 -0.55 -2.85
CA LEU E 105 -36.80 -0.88 -2.66
C LEU E 105 -36.33 -0.51 -1.26
N ARG E 106 -36.84 0.61 -0.72
CA ARG E 106 -36.45 1.01 0.62
C ARG E 106 -36.94 0.03 1.67
N ASN E 107 -38.03 -0.69 1.39
CA ASN E 107 -38.56 -1.68 2.30
C ASN E 107 -37.97 -3.07 2.10
N LEU E 108 -37.06 -3.25 1.13
CA LEU E 108 -36.57 -4.59 0.84
C LEU E 108 -35.68 -5.12 1.97
N PRO E 109 -34.70 -4.38 2.48
CA PRO E 109 -33.94 -4.90 3.63
C PRO E 109 -34.82 -5.29 4.81
N GLN E 110 -35.75 -4.42 5.19
CA GLN E 110 -36.63 -4.71 6.33
C GLN E 110 -37.43 -5.98 6.09
N GLN E 111 -37.96 -6.16 4.88
CA GLN E 111 -38.77 -7.34 4.54
C GLN E 111 -37.88 -8.58 4.50
N CYS E 112 -36.55 -8.42 4.44
CA CYS E 112 -35.64 -9.55 4.53
C CYS E 112 -35.13 -9.80 5.95
N GLY E 113 -35.64 -9.05 6.93
CA GLY E 113 -35.12 -9.15 8.28
C GLY E 113 -33.81 -8.45 8.49
N LEU E 114 -33.48 -7.47 7.65
CA LEU E 114 -32.21 -6.75 7.70
C LEU E 114 -32.45 -5.28 7.99
N ARG E 115 -31.38 -4.59 8.35
CA ARG E 115 -31.42 -3.15 8.56
C ARG E 115 -31.08 -2.44 7.25
N ALA E 116 -31.88 -1.46 6.89
CA ALA E 116 -31.54 -0.57 5.81
C ALA E 116 -30.53 0.46 6.30
N PRO E 117 -29.82 1.13 5.40
CA PRO E 117 -28.99 2.27 5.83
C PRO E 117 -29.87 3.42 6.28
N GLN E 118 -29.36 4.17 7.27
CA GLN E 118 -30.11 5.31 7.78
C GLN E 118 -30.34 6.36 6.70
N ARG E 119 -29.34 6.58 5.85
CA ARG E 119 -29.43 7.55 4.78
C ARG E 119 -28.86 6.93 3.50
N CYS E 120 -29.61 7.06 2.40
CA CYS E 120 -29.15 6.52 1.13
C CYS E 120 -29.90 7.21 0.00
N ASP E 121 -29.19 8.03 -0.77
CA ASP E 121 -29.79 8.69 -1.92
C ASP E 121 -30.02 7.69 -3.04
N LEU E 122 -31.26 7.55 -3.48
CA LEU E 122 -31.62 6.66 -4.58
C LEU E 122 -32.03 7.42 -5.84
N ASP E 123 -31.74 8.72 -5.91
CA ASP E 123 -32.13 9.55 -7.05
C ASP E 123 -31.04 9.45 -8.11
N VAL E 124 -31.22 8.55 -9.07
CA VAL E 124 -30.27 8.39 -10.16
C VAL E 124 -30.82 9.06 -11.42
N ALA F 1 38.27 0.15 1.88
CA ALA F 1 38.94 1.26 2.53
C ALA F 1 38.07 1.82 3.67
N ALA F 2 38.39 3.03 4.13
CA ALA F 2 37.60 3.65 5.18
C ALA F 2 36.17 3.91 4.68
N ARG F 3 35.21 3.72 5.59
CA ARG F 3 33.78 3.81 5.27
C ARG F 3 33.20 5.04 5.98
N ARG F 4 33.26 6.18 5.31
CA ARG F 4 32.47 7.34 5.67
C ARG F 4 31.00 7.19 5.27
N CYS F 5 30.65 6.08 4.61
CA CYS F 5 29.25 5.80 4.29
C CYS F 5 28.39 5.70 5.54
N GLN F 6 28.98 5.30 6.68
CA GLN F 6 28.25 5.32 7.93
C GLN F 6 27.74 6.72 8.23
N SER F 7 28.58 7.73 8.06
CA SER F 7 28.16 9.10 8.31
C SER F 7 27.04 9.51 7.36
N GLN F 8 27.13 9.13 6.08
CA GLN F 8 26.11 9.52 5.12
C GLN F 8 24.77 8.87 5.45
N LEU F 9 24.79 7.66 5.97
CA LEU F 9 23.54 6.99 6.33
C LEU F 9 22.89 7.64 7.55
N GLU F 10 23.70 8.00 8.55
CA GLU F 10 23.16 8.70 9.71
C GLU F 10 22.41 9.97 9.31
N ARG F 11 22.86 10.63 8.26
CA ARG F 11 22.21 11.85 7.78
C ARG F 11 21.06 11.58 6.83
N ALA F 12 20.83 10.33 6.44
CA ALA F 12 19.83 10.00 5.45
C ALA F 12 18.44 9.99 6.05
N ASN F 13 17.44 10.25 5.19
CA ASN F 13 16.02 10.26 5.57
C ASN F 13 15.29 9.35 4.58
N LEU F 14 15.34 8.05 4.85
CA LEU F 14 14.81 7.04 3.94
C LEU F 14 13.38 6.64 4.27
N ARG F 15 12.75 7.26 5.27
CA ARG F 15 11.34 6.98 5.55
C ARG F 15 10.44 7.19 4.33
N PRO F 16 10.60 8.24 3.50
CA PRO F 16 9.82 8.31 2.26
C PRO F 16 9.95 7.07 1.39
N CYS F 17 11.17 6.50 1.29
CA CYS F 17 11.32 5.26 0.54
C CYS F 17 10.47 4.15 1.12
N GLU F 18 10.42 4.06 2.46
CA GLU F 18 9.54 3.09 3.10
C GLU F 18 8.09 3.34 2.74
N GLN F 19 7.65 4.60 2.86
CA GLN F 19 6.27 4.94 2.55
C GLN F 19 5.94 4.61 1.10
N HIS F 20 6.83 4.99 0.18
CA HIS F 20 6.61 4.69 -1.23
C HIS F 20 6.43 3.20 -1.47
N LEU F 21 7.23 2.38 -0.79
CA LEU F 21 7.18 0.93 -1.02
C LEU F 21 5.89 0.34 -0.47
N MET F 22 5.51 0.71 0.76
CA MET F 22 4.28 0.17 1.33
C MET F 22 3.07 0.53 0.49
N GLN F 23 2.98 1.79 0.05
CA GLN F 23 1.88 2.18 -0.82
C GLN F 23 1.92 1.43 -2.15
N LYS F 24 3.12 1.08 -2.62
CA LYS F 24 3.24 0.38 -3.90
C LYS F 24 2.53 -0.98 -3.84
N ILE F 25 2.64 -1.67 -2.71
CA ILE F 25 1.89 -2.92 -2.55
C ILE F 25 0.40 -2.63 -2.50
N GLN F 26 0.01 -1.66 -1.68
CA GLN F 26 -1.39 -1.34 -1.47
C GLN F 26 -1.97 -0.60 -2.67
N HIS F 59 6.23 11.67 -2.30
CA HIS F 59 7.04 10.71 -1.56
C HIS F 59 8.19 10.20 -2.41
N GLN F 60 7.88 9.72 -3.62
CA GLN F 60 8.92 9.19 -4.49
C GLN F 60 9.94 10.26 -4.84
N GLU F 61 9.48 11.51 -5.03
CA GLU F 61 10.42 12.59 -5.26
C GLU F 61 11.41 12.73 -4.10
N ARG F 62 10.92 12.57 -2.86
CA ARG F 62 11.80 12.65 -1.70
C ARG F 62 12.73 11.45 -1.65
N CYS F 63 12.20 10.25 -1.82
CA CYS F 63 13.01 9.04 -1.72
C CYS F 63 14.20 9.08 -2.66
N CYS F 64 13.95 9.37 -3.93
CA CYS F 64 15.01 9.27 -4.93
C CYS F 64 16.11 10.29 -4.71
N ASN F 65 15.78 11.48 -4.18
CA ASN F 65 16.82 12.44 -3.84
C ASN F 65 17.70 11.93 -2.71
N GLU F 66 17.15 11.14 -1.78
CA GLU F 66 17.94 10.60 -0.69
C GLU F 66 18.80 9.42 -1.16
N LEU F 67 18.23 8.54 -1.99
CA LEU F 67 19.04 7.47 -2.57
C LEU F 67 20.15 8.02 -3.44
N ASN F 68 19.89 9.15 -4.12
CA ASN F 68 20.90 9.75 -5.00
C ASN F 68 22.20 9.99 -4.25
N GLU F 69 22.15 10.18 -2.94
CA GLU F 69 23.37 10.37 -2.16
C GLU F 69 24.26 9.15 -2.19
N PHE F 70 23.73 7.99 -2.57
CA PHE F 70 24.48 6.75 -2.60
C PHE F 70 24.76 6.26 -4.02
N GLU F 71 24.33 6.99 -5.04
CA GLU F 71 24.44 6.54 -6.41
C GLU F 71 25.89 6.27 -6.78
N ASN F 72 26.12 5.13 -7.45
CA ASN F 72 27.42 4.70 -7.96
C ASN F 72 28.40 4.33 -6.86
N ASN F 73 27.92 4.16 -5.63
CA ASN F 73 28.70 3.61 -4.52
C ASN F 73 28.02 2.31 -4.13
N GLN F 74 28.45 1.20 -4.75
CA GLN F 74 27.72 -0.06 -4.63
C GLN F 74 27.56 -0.47 -3.17
N ARG F 75 28.65 -0.46 -2.40
CA ARG F 75 28.56 -0.87 -1.00
C ARG F 75 27.59 0.01 -0.23
N CYS F 76 27.68 1.33 -0.42
CA CYS F 76 26.83 2.23 0.34
C CYS F 76 25.38 2.11 -0.08
N MET F 77 25.13 2.02 -1.39
CA MET F 77 23.77 1.78 -1.86
C MET F 77 23.23 0.47 -1.30
N CYS F 78 24.09 -0.54 -1.17
CA CYS F 78 23.66 -1.80 -0.58
C CYS F 78 23.28 -1.61 0.89
N GLU F 79 24.07 -0.82 1.64
CA GLU F 79 23.77 -0.61 3.04
C GLU F 79 22.40 0.05 3.21
N ALA F 80 22.16 1.14 2.50
CA ALA F 80 20.85 1.79 2.56
C ALA F 80 19.72 0.79 2.36
N LEU F 81 19.78 0.02 1.28
CA LEU F 81 18.72 -0.96 1.02
C LEU F 81 18.62 -1.98 2.15
N GLN F 82 19.76 -2.36 2.74
CA GLN F 82 19.72 -3.31 3.85
C GLN F 82 19.06 -2.69 5.08
N GLN F 83 19.36 -1.43 5.37
CA GLN F 83 18.77 -0.78 6.54
C GLN F 83 17.26 -0.62 6.36
N ILE F 84 16.83 -0.18 5.18
CA ILE F 84 15.40 -0.15 4.89
C ILE F 84 14.77 -1.51 5.18
N MET F 85 15.44 -2.58 4.76
CA MET F 85 14.90 -3.91 5.03
C MET F 85 14.89 -4.20 6.52
N GLU F 86 15.97 -3.86 7.24
CA GLU F 86 16.03 -4.10 8.67
C GLU F 86 14.87 -3.41 9.39
N ASN F 87 14.63 -2.14 9.06
CA ASN F 87 13.64 -1.36 9.80
C ASN F 87 12.24 -1.91 9.63
N GLN F 88 11.97 -2.59 8.51
CA GLN F 88 10.62 -3.02 8.17
C GLN F 88 10.34 -4.48 8.49
N SER F 89 11.37 -5.29 8.72
CA SER F 89 11.17 -6.73 8.88
C SER F 89 10.11 -7.04 9.93
N ASP F 90 10.10 -6.29 11.04
CA ASP F 90 9.15 -6.57 12.11
C ASP F 90 7.72 -6.26 11.67
N ARG F 91 7.53 -5.18 10.91
CA ARG F 91 6.20 -4.72 10.53
C ARG F 91 5.65 -5.39 9.29
N LEU F 92 6.30 -6.46 8.79
CA LEU F 92 5.81 -7.23 7.66
C LEU F 92 5.13 -8.49 8.17
N GLN F 93 3.95 -8.79 7.63
CA GLN F 93 3.09 -9.82 8.21
C GLN F 93 3.54 -11.23 7.83
N GLY F 94 3.48 -11.56 6.54
CA GLY F 94 3.73 -12.91 6.07
C GLY F 94 4.95 -12.98 5.18
N ARG F 95 5.41 -14.21 4.93
CA ARG F 95 6.54 -14.41 4.03
C ARG F 95 6.19 -13.93 2.62
N GLN F 96 4.95 -14.12 2.20
CA GLN F 96 4.51 -13.59 0.92
C GLN F 96 4.69 -12.08 0.88
N GLN F 97 4.29 -11.39 1.94
CA GLN F 97 4.53 -9.95 2.01
C GLN F 97 6.02 -9.66 2.09
N GLU F 98 6.76 -10.46 2.86
CA GLU F 98 8.22 -10.30 2.93
C GLU F 98 8.83 -10.36 1.54
N GLN F 99 8.36 -11.29 0.70
CA GLN F 99 8.91 -11.43 -0.64
C GLN F 99 8.54 -10.25 -1.53
N GLN F 100 7.25 -9.92 -1.58
CA GLN F 100 6.81 -8.79 -2.42
C GLN F 100 7.56 -7.52 -2.06
N PHE F 101 7.80 -7.30 -0.77
CA PHE F 101 8.54 -6.11 -0.35
C PHE F 101 9.98 -6.16 -0.82
N LYS F 102 10.61 -7.33 -0.75
CA LYS F 102 11.98 -7.48 -1.26
C LYS F 102 12.04 -7.14 -2.75
N ARG F 103 11.16 -7.76 -3.55
CA ARG F 103 11.15 -7.48 -4.98
C ARG F 103 11.12 -5.98 -5.27
N GLU F 104 10.22 -5.26 -4.60
CA GLU F 104 10.07 -3.83 -4.85
C GLU F 104 11.26 -3.04 -4.31
N LEU F 105 11.89 -3.51 -3.25
CA LEU F 105 13.09 -2.84 -2.76
C LEU F 105 14.24 -2.98 -3.74
N ARG F 106 14.48 -4.20 -4.24
CA ARG F 106 15.53 -4.41 -5.22
C ARG F 106 15.29 -3.57 -6.47
N ASN F 107 14.04 -3.30 -6.82
CA ASN F 107 13.71 -2.51 -7.99
C ASN F 107 13.73 -1.01 -7.73
N LEU F 108 13.83 -0.57 -6.48
CA LEU F 108 13.62 0.84 -6.18
C LEU F 108 14.68 1.73 -6.82
N PRO F 109 15.98 1.43 -6.75
CA PRO F 109 16.96 2.33 -7.37
C PRO F 109 16.73 2.56 -8.85
N GLN F 110 16.33 1.53 -9.61
CA GLN F 110 16.10 1.74 -11.04
C GLN F 110 14.81 2.51 -11.28
N GLN F 111 13.79 2.31 -10.45
CA GLN F 111 12.60 3.14 -10.54
C GLN F 111 12.90 4.60 -10.24
N CYS F 112 13.97 4.87 -9.49
CA CYS F 112 14.42 6.22 -9.23
C CYS F 112 15.33 6.78 -10.32
N GLY F 113 15.64 5.99 -11.34
CA GLY F 113 16.66 6.39 -12.30
C GLY F 113 18.07 6.20 -11.80
N LEU F 114 18.27 5.30 -10.84
CA LEU F 114 19.56 5.06 -10.22
C LEU F 114 19.98 3.62 -10.50
N ARG F 115 21.20 3.29 -10.09
CA ARG F 115 21.77 1.96 -10.30
C ARG F 115 21.80 1.21 -8.99
N ALA F 116 21.17 0.04 -8.96
CA ALA F 116 21.30 -0.86 -7.83
C ALA F 116 22.73 -1.38 -7.73
N PRO F 117 23.10 -1.96 -6.60
CA PRO F 117 24.39 -2.64 -6.52
C PRO F 117 24.34 -4.00 -7.21
N GLN F 118 25.50 -4.44 -7.70
CA GLN F 118 25.56 -5.71 -8.40
C GLN F 118 25.17 -6.86 -7.48
N ARG F 119 25.69 -6.88 -6.25
CA ARG F 119 25.33 -7.88 -5.26
C ARG F 119 24.96 -7.18 -3.95
N CYS F 120 23.87 -7.63 -3.33
CA CYS F 120 23.44 -7.08 -2.05
C CYS F 120 22.50 -8.07 -1.39
N ASP F 121 22.90 -8.57 -0.23
CA ASP F 121 22.09 -9.56 0.49
C ASP F 121 21.03 -8.84 1.32
N LEU F 122 19.76 -9.24 1.10
CA LEU F 122 18.64 -8.67 1.83
C LEU F 122 17.89 -9.70 2.65
N ASP F 123 18.34 -10.97 2.64
CA ASP F 123 17.73 -12.02 3.45
C ASP F 123 18.43 -12.13 4.79
N VAL F 124 18.38 -11.04 5.54
CA VAL F 124 18.98 -10.97 6.88
C VAL F 124 17.89 -10.89 7.93
N GLU F 125 17.41 -12.04 8.39
CA GLU F 125 16.33 -12.08 9.37
C GLU F 125 16.85 -12.52 10.73
N GLU G 1 25.61 -7.08 31.68
CA GLU G 1 24.83 -6.04 32.41
C GLU G 1 25.33 -4.64 32.02
N VAL G 2 24.53 -3.95 31.20
CA VAL G 2 24.90 -2.62 30.73
C VAL G 2 24.67 -1.62 31.85
N GLN G 3 25.57 -0.65 31.97
CA GLN G 3 25.51 0.34 33.03
C GLN G 3 26.16 1.63 32.57
N LEU G 4 25.70 2.74 33.16
CA LEU G 4 26.26 4.07 32.91
C LEU G 4 26.47 4.75 34.26
N VAL G 5 27.74 4.99 34.60
CA VAL G 5 28.11 5.59 35.88
C VAL G 5 28.77 6.93 35.59
N GLU G 6 28.07 8.02 35.89
CA GLU G 6 28.56 9.37 35.62
C GLU G 6 28.91 10.07 36.92
N SER G 7 29.89 10.99 36.83
CA SER G 7 30.39 11.69 37.99
C SER G 7 30.86 13.06 37.58
N GLY G 8 31.25 13.87 38.57
CA GLY G 8 31.83 15.16 38.33
C GLY G 8 30.91 16.35 38.49
N GLY G 9 29.82 16.22 39.24
CA GLY G 9 28.86 17.29 39.43
C GLY G 9 29.02 17.97 40.78
N GLY G 10 28.80 19.29 40.79
CA GLY G 10 28.91 20.07 42.00
C GLY G 10 28.46 21.50 41.82
N VAL G 11 29.29 22.45 42.27
CA VAL G 11 28.99 23.87 42.18
C VAL G 11 29.96 24.52 41.22
N VAL G 12 29.49 25.55 40.52
CA VAL G 12 30.30 26.28 39.54
C VAL G 12 29.93 27.75 39.60
N GLN G 13 30.94 28.60 39.80
CA GLN G 13 30.72 30.03 39.74
C GLN G 13 30.40 30.45 38.31
N PRO G 14 29.70 31.57 38.12
CA PRO G 14 29.55 32.11 36.77
C PRO G 14 30.92 32.52 36.22
N GLY G 15 31.13 32.24 34.94
CA GLY G 15 32.44 32.42 34.35
C GLY G 15 33.43 31.32 34.64
N GLY G 16 33.03 30.31 35.42
CA GLY G 16 33.86 29.15 35.67
C GLY G 16 33.58 28.04 34.69
N SER G 17 33.97 26.83 35.08
CA SER G 17 33.76 25.67 34.20
C SER G 17 33.77 24.40 35.05
N LEU G 18 33.07 23.38 34.55
CA LEU G 18 33.00 22.09 35.20
C LEU G 18 32.84 21.00 34.14
N ARG G 19 33.48 19.85 34.37
CA ARG G 19 33.53 18.76 33.42
C ARG G 19 32.86 17.54 34.02
N LEU G 20 31.69 17.18 33.47
CA LEU G 20 31.02 15.94 33.85
C LEU G 20 31.60 14.77 33.07
N SER G 21 31.56 13.59 33.69
CA SER G 21 32.08 12.38 33.09
C SER G 21 31.05 11.27 33.20
N CYS G 22 31.02 10.41 32.19
CA CYS G 22 30.10 9.27 32.16
C CYS G 22 30.86 8.06 31.66
N VAL G 23 30.95 7.03 32.50
CA VAL G 23 31.70 5.81 32.20
C VAL G 23 30.71 4.72 31.79
N ALA G 24 30.96 4.11 30.63
CA ALA G 24 30.10 3.07 30.09
C ALA G 24 30.64 1.69 30.44
N SER G 25 29.72 0.74 30.61
CA SER G 25 30.08 -0.62 30.99
C SER G 25 29.08 -1.60 30.37
N GLY G 26 29.60 -2.68 29.81
CA GLY G 26 28.77 -3.76 29.34
C GLY G 26 28.33 -3.71 27.89
N PHE G 27 28.96 -2.87 27.07
CA PHE G 27 28.61 -2.80 25.66
C PHE G 27 29.70 -2.05 24.91
N LYS G 28 29.71 -2.22 23.58
CA LYS G 28 30.70 -1.58 22.71
C LYS G 28 30.38 -0.10 22.62
N PHE G 29 30.85 0.65 23.63
CA PHE G 29 30.61 2.08 23.71
C PHE G 29 31.00 2.81 22.42
N GLN G 30 31.96 2.28 21.67
CA GLN G 30 32.44 2.98 20.49
C GLN G 30 31.45 2.92 19.34
N ASN G 31 30.49 1.99 19.37
CA ASN G 31 29.58 1.77 18.26
C ASN G 31 28.21 2.42 18.46
N TYR G 32 28.06 3.28 19.46
CA TYR G 32 26.77 3.88 19.77
C TYR G 32 26.92 5.39 19.97
N GLY G 33 25.97 6.14 19.41
CA GLY G 33 25.87 7.54 19.75
C GLY G 33 25.45 7.74 21.20
N MET G 34 25.82 8.89 21.74
CA MET G 34 25.57 9.21 23.15
C MET G 34 24.98 10.61 23.25
N SER G 35 24.23 10.83 24.32
CA SER G 35 23.53 12.09 24.52
C SER G 35 23.59 12.50 25.98
N TRP G 36 23.55 13.81 26.21
CA TRP G 36 23.34 14.39 27.53
C TRP G 36 21.95 15.01 27.55
N VAL G 37 21.19 14.70 28.60
CA VAL G 37 19.86 15.27 28.80
C VAL G 37 19.79 15.73 30.25
N ARG G 38 19.27 16.92 30.48
CA ARG G 38 19.18 17.49 31.81
C ARG G 38 17.72 17.66 32.22
N GLN G 39 17.51 17.75 33.53
CA GLN G 39 16.19 18.02 34.09
C GLN G 39 16.35 19.08 35.17
N ALA G 40 15.92 20.29 34.87
CA ALA G 40 16.00 21.37 35.85
C ALA G 40 14.84 21.26 36.85
N PRO G 41 15.06 21.63 38.10
CA PRO G 41 14.01 21.46 39.11
C PRO G 41 12.75 22.25 38.73
N GLY G 42 11.62 21.57 38.74
CA GLY G 42 10.37 22.19 38.34
C GLY G 42 10.20 22.31 36.84
N LYS G 43 10.94 21.53 36.06
CA LYS G 43 10.83 21.55 34.61
C LYS G 43 10.92 20.10 34.10
N GLY G 44 10.69 19.94 32.80
CA GLY G 44 10.70 18.64 32.18
C GLY G 44 12.08 18.25 31.69
N LEU G 45 12.11 17.22 30.84
CA LEU G 45 13.36 16.76 30.24
C LEU G 45 13.76 17.70 29.11
N GLU G 46 15.04 18.05 29.07
CA GLU G 46 15.59 18.95 28.07
C GLU G 46 16.86 18.34 27.49
N TRP G 47 16.91 18.24 26.17
CA TRP G 47 18.09 17.71 25.49
C TRP G 47 19.20 18.76 25.47
N VAL G 48 20.44 18.29 25.60
CA VAL G 48 21.60 19.17 25.73
C VAL G 48 22.55 19.00 24.54
N ALA G 49 23.02 17.78 24.29
CA ALA G 49 23.99 17.57 23.22
C ALA G 49 24.01 16.11 22.79
N ASP G 50 24.37 15.90 21.53
CA ASP G 50 24.49 14.59 20.89
C ASP G 50 25.90 14.50 20.33
N ILE G 51 26.48 13.32 20.32
CA ILE G 51 27.73 13.06 19.62
C ILE G 51 27.57 11.75 18.86
N SER G 52 27.95 11.76 17.59
CA SER G 52 27.80 10.58 16.73
C SER G 52 28.91 9.58 16.99
N GLY G 53 28.54 8.30 17.01
CA GLY G 53 29.50 7.24 17.27
C GLY G 53 30.35 6.81 16.11
N SER G 54 30.19 7.44 14.94
CA SER G 54 30.93 7.06 13.74
C SER G 54 31.92 8.11 13.29
N ASP G 55 31.49 9.38 13.20
CA ASP G 55 32.37 10.48 12.85
C ASP G 55 32.65 11.39 14.03
N GLU G 56 32.05 11.13 15.20
CA GLU G 56 32.26 11.93 16.41
C GLU G 56 31.86 13.39 16.23
N SER G 57 31.00 13.68 15.26
CA SER G 57 30.45 15.02 15.13
C SER G 57 29.47 15.29 16.26
N THR G 58 29.34 16.57 16.62
CA THR G 58 28.57 16.96 17.79
C THR G 58 27.46 17.94 17.40
N TYR G 59 26.36 17.86 18.15
CA TYR G 59 25.21 18.70 17.93
C TYR G 59 24.69 19.17 19.28
N TYR G 60 24.28 20.44 19.35
CA TYR G 60 23.89 21.07 20.60
C TYR G 60 22.52 21.70 20.48
N ALA G 61 21.90 21.92 21.64
CA ALA G 61 20.66 22.67 21.71
C ALA G 61 20.94 24.16 21.57
N ASP G 62 19.94 24.90 21.06
CA ASP G 62 20.10 26.33 20.85
C ASP G 62 20.36 27.07 22.16
N SER G 63 19.69 26.66 23.24
CA SER G 63 19.92 27.28 24.54
C SER G 63 21.33 27.07 25.05
N VAL G 64 22.06 26.09 24.52
CA VAL G 64 23.37 25.70 25.03
C VAL G 64 24.50 25.96 24.05
N LYS G 65 24.21 26.23 22.76
CA LYS G 65 25.25 26.27 21.73
C LYS G 65 26.29 27.35 22.02
N GLY G 66 27.55 26.97 21.88
CA GLY G 66 28.68 27.86 22.08
C GLY G 66 29.31 27.80 23.45
N ARG G 67 28.63 27.25 24.45
CA ARG G 67 29.20 27.20 25.81
C ARG G 67 29.62 25.77 26.16
N PHE G 68 28.78 24.76 25.95
CA PHE G 68 29.11 23.40 26.35
C PHE G 68 29.83 22.70 25.19
N THR G 69 30.58 21.65 25.53
CA THR G 69 31.20 20.81 24.50
C THR G 69 31.09 19.36 24.93
N ILE G 70 30.45 18.54 24.12
CA ILE G 70 30.36 17.10 24.36
C ILE G 70 31.51 16.41 23.64
N SER G 71 32.12 15.44 24.31
CA SER G 71 33.24 14.70 23.75
C SER G 71 33.22 13.30 24.31
N ARG G 72 33.91 12.38 23.63
CA ARG G 72 34.01 11.01 24.06
C ARG G 72 35.47 10.57 24.01
N ASP G 73 35.80 9.59 24.85
CA ASP G 73 37.15 9.04 24.94
C ASP G 73 37.03 7.52 24.73
N THR G 74 37.24 7.08 23.49
CA THR G 74 37.09 5.66 23.19
C THR G 74 38.17 4.83 23.90
N SER G 75 39.36 5.41 24.11
CA SER G 75 40.41 4.65 24.80
C SER G 75 40.03 4.37 26.25
N LYS G 76 39.40 5.34 26.92
CA LYS G 76 39.04 5.21 28.32
C LYS G 76 37.58 4.80 28.53
N ASN G 77 36.77 4.76 27.48
CA ASN G 77 35.39 4.28 27.55
C ASN G 77 34.49 5.23 28.32
N THR G 78 34.75 6.54 28.27
CA THR G 78 34.01 7.51 29.04
C THR G 78 33.57 8.68 28.16
N LEU G 79 32.34 9.16 28.41
CA LEU G 79 31.79 10.34 27.76
C LEU G 79 31.92 11.53 28.69
N HIS G 80 32.21 12.69 28.12
CA HIS G 80 32.45 13.91 28.89
C HIS G 80 31.54 15.04 28.40
N LEU G 81 31.30 16.00 29.30
CA LEU G 81 30.58 17.21 28.95
C LEU G 81 31.23 18.38 29.68
N GLN G 82 31.86 19.28 28.94
CA GLN G 82 32.46 20.47 29.51
C GLN G 82 31.45 21.61 29.51
N MET G 83 31.40 22.34 30.62
CA MET G 83 30.48 23.46 30.79
C MET G 83 31.29 24.72 31.03
N SER G 84 30.94 25.79 30.30
CA SER G 84 31.66 27.05 30.38
C SER G 84 30.68 28.21 30.38
N SER G 85 31.04 29.27 31.09
CA SER G 85 30.16 30.41 31.32
C SER G 85 28.75 29.93 31.65
N PRO G 86 28.56 29.27 32.79
CA PRO G 86 27.24 28.73 33.12
C PRO G 86 26.26 29.80 33.54
N ARG G 87 25.00 29.62 33.14
CA ARG G 87 23.90 30.51 33.47
C ARG G 87 22.92 29.80 34.40
N ALA G 88 21.96 30.56 34.91
CA ALA G 88 20.97 29.98 35.81
C ALA G 88 20.20 28.84 35.15
N GLU G 89 20.00 28.91 33.83
CA GLU G 89 19.33 27.82 33.12
C GLU G 89 20.06 26.49 33.29
N ASP G 90 21.35 26.51 33.60
CA ASP G 90 22.16 25.30 33.57
C ASP G 90 22.02 24.46 34.84
N THR G 91 21.56 25.04 35.94
CA THR G 91 21.40 24.27 37.17
C THR G 91 20.33 23.20 36.97
N ALA G 92 20.74 21.94 37.04
CA ALA G 92 19.83 20.84 36.74
C ALA G 92 20.51 19.52 37.08
N LEU G 93 19.72 18.46 36.99
CA LEU G 93 20.23 17.09 37.04
C LEU G 93 20.54 16.65 35.61
N TYR G 94 21.78 16.24 35.37
CA TYR G 94 22.27 15.93 34.02
C TYR G 94 22.36 14.43 33.84
N TYR G 95 21.69 13.91 32.81
CA TYR G 95 21.65 12.50 32.50
C TYR G 95 22.56 12.16 31.32
N CYS G 96 23.15 10.96 31.38
CA CYS G 96 23.97 10.41 30.31
C CYS G 96 23.21 9.23 29.70
N ALA G 97 23.05 9.25 28.39
CA ALA G 97 22.17 8.31 27.71
C ALA G 97 22.87 7.68 26.50
N LYS G 98 22.50 6.44 26.22
CA LYS G 98 23.01 5.67 25.10
C LYS G 98 21.89 5.47 24.09
N ALA G 99 22.19 5.69 22.81
CA ALA G 99 21.22 5.49 21.75
C ALA G 99 20.88 4.02 21.60
N THR G 100 19.60 3.73 21.36
CA THR G 100 19.17 2.34 21.18
C THR G 100 19.75 1.74 19.92
N ALA G 101 19.78 2.50 18.83
CA ALA G 101 20.35 1.99 17.58
C ALA G 101 21.83 2.33 17.49
N PRO G 102 22.67 1.41 17.03
CA PRO G 102 24.10 1.73 16.87
C PRO G 102 24.34 2.80 15.82
N ALA G 103 25.60 3.23 15.68
CA ALA G 103 25.95 4.28 14.74
C ALA G 103 25.94 3.76 13.31
N GLY G 104 25.64 4.66 12.38
CA GLY G 104 25.59 4.32 10.97
C GLY G 104 24.21 3.96 10.46
N LYS G 105 23.16 4.20 11.24
CA LYS G 105 21.78 3.88 10.86
C LYS G 105 21.02 5.18 10.62
N TYR G 106 20.16 5.18 9.60
CA TYR G 106 19.29 6.33 9.36
C TYR G 106 18.13 6.39 10.34
N TYR G 107 17.70 5.24 10.86
CA TYR G 107 16.57 5.18 11.77
C TYR G 107 17.01 5.40 13.21
N TYR G 108 16.18 6.11 13.97
CA TYR G 108 16.46 6.43 15.37
C TYR G 108 15.48 5.67 16.25
N TYR G 109 16.01 4.91 17.20
CA TYR G 109 15.20 4.10 18.10
C TYR G 109 15.22 4.61 19.54
N GLY G 110 15.51 5.89 19.74
CA GLY G 110 15.51 6.45 21.06
C GLY G 110 16.75 6.09 21.86
N MET G 111 16.67 6.39 23.15
CA MET G 111 17.71 6.08 24.13
C MET G 111 17.15 5.03 25.08
N ASP G 112 17.81 3.88 25.17
CA ASP G 112 17.32 2.78 26.00
C ASP G 112 18.12 2.60 27.28
N VAL G 113 19.20 3.34 27.48
CA VAL G 113 20.02 3.22 28.69
C VAL G 113 20.37 4.62 29.16
N TRP G 114 20.20 4.87 30.45
CA TRP G 114 20.46 6.15 31.06
C TRP G 114 21.27 5.96 32.33
N GLY G 115 22.18 6.88 32.60
CA GLY G 115 22.92 6.86 33.85
C GLY G 115 22.03 7.17 35.03
N GLN G 116 22.66 7.22 36.21
CA GLN G 116 21.89 7.50 37.42
C GLN G 116 21.63 9.00 37.59
N GLY G 117 22.49 9.83 37.03
CA GLY G 117 22.34 11.27 37.12
C GLY G 117 23.41 11.90 37.99
N THR G 118 23.71 13.17 37.71
CA THR G 118 24.63 13.95 38.51
C THR G 118 24.15 15.39 38.51
N THR G 119 24.13 16.02 39.68
CA THR G 119 23.52 17.32 39.87
C THR G 119 24.56 18.43 39.75
N VAL G 120 24.25 19.45 38.96
CA VAL G 120 25.08 20.63 38.79
C VAL G 120 24.28 21.83 39.26
N THR G 121 24.94 22.72 40.01
CA THR G 121 24.34 23.94 40.52
C THR G 121 25.22 25.13 40.21
N VAL G 122 24.61 26.22 39.77
CA VAL G 122 25.35 27.42 39.41
C VAL G 122 25.09 28.52 40.40
N SER G 123 26.11 28.89 41.18
CA SER G 123 25.96 29.92 42.20
C SER G 123 27.27 30.38 42.78
N SER G 124 27.28 31.56 43.41
CA SER G 124 28.49 32.01 44.10
C SER G 124 28.60 31.45 45.51
N ALA G 125 27.54 30.84 46.03
CA ALA G 125 27.55 30.33 47.39
C ALA G 125 28.62 29.24 47.55
N SER G 126 29.02 29.04 48.81
CA SER G 126 30.06 28.08 49.14
C SER G 126 29.44 26.74 49.55
N THR G 127 30.23 25.68 49.38
CA THR G 127 29.78 24.35 49.79
C THR G 127 29.72 24.26 51.31
N LYS G 128 28.67 23.63 51.81
CA LYS G 128 28.47 23.48 53.25
C LYS G 128 27.91 22.10 53.54
N GLY G 129 28.56 21.37 54.44
CA GLY G 129 28.08 20.09 54.89
C GLY G 129 26.85 20.24 55.76
N PRO G 130 26.12 19.16 55.98
CA PRO G 130 24.88 19.25 56.76
C PRO G 130 25.06 18.97 58.25
N SER G 131 24.17 19.57 59.03
CA SER G 131 23.96 19.18 60.41
C SER G 131 22.84 18.15 60.45
N VAL G 132 22.96 17.17 61.35
CA VAL G 132 22.01 16.07 61.44
C VAL G 132 21.47 16.03 62.86
N PHE G 133 20.16 16.22 62.99
CA PHE G 133 19.49 16.16 64.27
C PHE G 133 18.43 15.05 64.25
N PRO G 134 18.32 14.26 65.32
CA PRO G 134 17.36 13.16 65.32
C PRO G 134 15.95 13.62 65.64
N LEU G 135 14.98 12.95 65.02
CA LEU G 135 13.57 13.12 65.32
C LEU G 135 13.17 11.94 66.19
N ALA G 136 13.34 12.09 67.50
CA ALA G 136 13.23 10.96 68.41
C ALA G 136 11.78 10.49 68.49
N PRO G 137 11.55 9.19 68.64
CA PRO G 137 10.19 8.69 68.84
C PRO G 137 9.80 8.74 70.33
N SER G 138 8.53 8.45 70.59
CA SER G 138 8.03 8.39 71.95
C SER G 138 7.19 7.13 72.17
CA GLY G 145 1.41 -0.12 67.72
C GLY G 145 2.58 0.26 66.86
N THR G 146 2.44 1.35 66.11
CA THR G 146 3.46 1.83 65.21
C THR G 146 3.97 3.19 65.69
N ALA G 147 5.29 3.31 65.79
CA ALA G 147 5.95 4.56 66.14
C ALA G 147 6.74 5.08 64.95
N ALA G 148 7.12 6.35 65.02
CA ALA G 148 7.85 7.01 63.96
C ALA G 148 9.07 7.73 64.53
N LEU G 149 10.19 7.61 63.84
CA LEU G 149 11.41 8.33 64.14
C LEU G 149 11.96 8.90 62.84
N GLY G 150 13.11 9.56 62.91
CA GLY G 150 13.68 10.11 61.70
C GLY G 150 14.93 10.91 61.98
N CYS G 151 15.43 11.54 60.92
CA CYS G 151 16.61 12.38 60.96
C CYS G 151 16.31 13.68 60.21
N LEU G 152 16.90 14.76 60.71
CA LEU G 152 16.72 16.09 60.13
C LEU G 152 18.07 16.55 59.58
N VAL G 153 18.18 16.58 58.25
CA VAL G 153 19.38 17.06 57.57
C VAL G 153 19.14 18.52 57.22
N LYS G 154 19.92 19.42 57.81
CA LYS G 154 19.66 20.85 57.72
C LYS G 154 20.92 21.61 57.33
N ASP G 155 20.73 22.71 56.60
CA ASP G 155 21.77 23.71 56.32
C ASP G 155 22.96 23.09 55.57
N TYR G 156 22.67 22.68 54.33
CA TYR G 156 23.72 22.22 53.41
C TYR G 156 23.49 22.80 52.02
N PHE G 157 24.57 22.83 51.25
CA PHE G 157 24.57 23.32 49.89
C PHE G 157 25.72 22.65 49.17
N PRO G 158 25.51 22.12 47.94
CA PRO G 158 24.29 22.07 47.13
C PRO G 158 23.57 20.74 47.26
N GLU G 159 22.49 20.56 46.49
CA GLU G 159 21.87 19.25 46.39
C GLU G 159 22.82 18.28 45.70
N PRO G 160 22.65 16.97 45.91
CA PRO G 160 21.73 16.28 46.82
C PRO G 160 22.41 15.70 48.05
N VAL G 161 21.63 15.04 48.91
CA VAL G 161 22.15 14.22 49.99
C VAL G 161 21.46 12.87 49.91
N THR G 162 22.15 11.84 50.40
CA THR G 162 21.61 10.50 50.49
C THR G 162 21.43 10.12 51.95
N VAL G 163 20.32 9.43 52.24
CA VAL G 163 20.01 8.97 53.58
C VAL G 163 19.70 7.49 53.51
N SER G 164 20.44 6.69 54.28
CA SER G 164 20.10 5.29 54.52
C SER G 164 19.91 5.09 56.02
N TRP G 165 19.35 3.93 56.38
CA TRP G 165 19.05 3.63 57.78
C TRP G 165 19.68 2.31 58.16
N ASN G 166 20.52 2.33 59.20
CA ASN G 166 21.24 1.16 59.65
C ASN G 166 22.03 0.53 58.51
N SER G 167 22.70 1.38 57.73
CA SER G 167 23.57 0.95 56.63
C SER G 167 22.80 0.09 55.62
N GLY G 168 21.60 0.56 55.26
CA GLY G 168 20.81 -0.08 54.24
C GLY G 168 20.02 -1.29 54.70
N ALA G 169 20.28 -1.81 55.89
CA ALA G 169 19.51 -2.94 56.38
C ALA G 169 18.05 -2.59 56.66
N LEU G 170 17.72 -1.31 56.78
CA LEU G 170 16.36 -0.86 57.06
C LEU G 170 15.84 -0.08 55.85
N THR G 171 14.86 -0.64 55.16
CA THR G 171 14.40 -0.05 53.91
C THR G 171 12.89 0.11 53.89
N SER G 172 12.19 -0.84 54.52
CA SER G 172 10.73 -0.80 54.52
C SER G 172 10.24 0.27 55.47
N GLY G 173 9.18 0.97 55.06
CA GLY G 173 8.63 2.05 55.86
C GLY G 173 9.45 3.31 55.89
N VAL G 174 10.46 3.43 55.03
CA VAL G 174 11.33 4.59 55.01
C VAL G 174 10.77 5.61 54.02
N HIS G 175 10.72 6.87 54.45
CA HIS G 175 10.30 7.98 53.59
C HIS G 175 11.30 9.11 53.74
N THR G 176 12.02 9.42 52.67
CA THR G 176 12.96 10.53 52.64
C THR G 176 12.38 11.62 51.74
N PHE G 177 12.16 12.77 52.30
CA PHE G 177 11.45 13.83 51.58
C PHE G 177 12.40 14.63 50.71
N PRO G 178 11.93 15.12 49.56
CA PRO G 178 12.77 16.02 48.76
C PRO G 178 13.10 17.29 49.51
N ALA G 179 14.31 17.78 49.31
CA ALA G 179 14.78 18.95 50.05
C ALA G 179 13.94 20.17 49.71
N VAL G 180 14.03 21.18 50.57
CA VAL G 180 13.43 22.48 50.35
C VAL G 180 14.51 23.53 50.48
N LEU G 181 14.36 24.62 49.73
CA LEU G 181 15.31 25.72 49.75
C LEU G 181 14.80 26.78 50.72
N GLN G 182 15.55 27.00 51.80
CA GLN G 182 15.14 27.90 52.87
C GLN G 182 15.38 29.35 52.47
N SER G 183 14.99 30.27 53.35
CA SER G 183 15.24 31.68 53.10
C SER G 183 16.73 31.98 53.03
N SER G 184 17.54 31.22 53.76
CA SER G 184 18.98 31.44 53.78
C SER G 184 19.68 31.00 52.50
N GLY G 185 18.97 30.34 51.58
CA GLY G 185 19.62 29.76 50.43
C GLY G 185 20.29 28.44 50.71
N LEU G 186 19.94 27.78 51.82
CA LEU G 186 20.49 26.48 52.18
C LEU G 186 19.35 25.44 52.15
N TYR G 187 19.73 24.21 51.84
CA TYR G 187 18.75 23.13 51.71
C TYR G 187 18.57 22.40 53.04
N SER G 188 17.43 21.74 53.17
CA SER G 188 17.12 20.95 54.35
C SER G 188 16.06 19.92 53.99
N LEU G 189 16.16 18.75 54.60
CA LEU G 189 15.18 17.69 54.38
C LEU G 189 15.07 16.83 55.63
N SER G 190 13.99 16.06 55.69
CA SER G 190 13.77 15.07 56.73
C SER G 190 13.72 13.67 56.10
N SER G 191 14.14 12.69 56.88
CA SER G 191 14.02 11.28 56.52
C SER G 191 13.45 10.53 57.71
N VAL G 192 12.27 9.95 57.55
CA VAL G 192 11.53 9.32 58.64
C VAL G 192 11.28 7.87 58.27
N VAL G 193 10.98 7.06 59.29
CA VAL G 193 10.65 5.66 59.10
C VAL G 193 9.65 5.25 60.18
N THR G 194 8.70 4.41 59.80
CA THR G 194 7.77 3.80 60.75
C THR G 194 8.39 2.54 61.32
N VAL G 195 8.21 2.32 62.61
CA VAL G 195 8.81 1.18 63.29
C VAL G 195 7.83 0.65 64.35
N PRO G 196 7.99 -0.62 64.75
CA PRO G 196 7.17 -1.11 65.88
C PRO G 196 7.57 -0.42 67.18
N SER G 197 6.56 0.02 67.95
CA SER G 197 6.84 0.68 69.22
C SER G 197 7.26 -0.30 70.30
N SER G 198 6.91 -1.59 70.15
CA SER G 198 7.20 -2.56 71.20
C SER G 198 8.70 -2.80 71.35
N SER G 199 9.47 -2.66 70.27
CA SER G 199 10.90 -2.96 70.31
C SER G 199 11.77 -1.75 70.60
N LEU G 200 11.17 -0.58 70.85
CA LEU G 200 11.94 0.56 71.31
C LEU G 200 12.58 0.24 72.66
N GLY G 201 13.77 0.79 72.88
CA GLY G 201 14.55 0.48 74.06
C GLY G 201 15.50 -0.70 73.90
N THR G 202 15.39 -1.46 72.82
CA THR G 202 16.31 -2.55 72.53
C THR G 202 16.85 -2.48 71.11
N GLN G 203 16.02 -2.13 70.13
N GLN G 203 16.02 -2.13 70.13
CA GLN G 203 16.47 -1.95 68.76
CA GLN G 203 16.48 -1.96 68.76
C GLN G 203 17.16 -0.60 68.60
C GLN G 203 17.15 -0.59 68.58
N THR G 204 18.27 -0.58 67.86
CA THR G 204 19.05 0.62 67.60
C THR G 204 18.81 1.10 66.17
N TYR G 205 18.68 2.41 66.00
CA TYR G 205 18.46 3.01 64.69
C TYR G 205 19.51 4.09 64.47
N ILE G 206 20.20 4.00 63.33
CA ILE G 206 21.20 4.99 62.92
C ILE G 206 20.89 5.39 61.49
N CYS G 207 20.79 6.69 61.24
CA CYS G 207 20.63 7.21 59.90
C CYS G 207 21.99 7.61 59.34
N ASN G 208 22.27 7.18 58.12
CA ASN G 208 23.54 7.46 57.47
C ASN G 208 23.31 8.54 56.41
N VAL G 209 23.90 9.71 56.61
CA VAL G 209 23.76 10.84 55.71
C VAL G 209 25.09 11.04 55.00
N ASN G 210 25.05 11.14 53.67
CA ASN G 210 26.23 11.37 52.85
C ASN G 210 26.01 12.59 51.99
N HIS G 211 26.99 13.51 51.99
CA HIS G 211 26.95 14.72 51.17
C HIS G 211 28.27 14.75 50.39
N LYS G 212 28.26 14.09 49.23
CA LYS G 212 29.45 13.96 48.39
C LYS G 212 30.15 15.28 48.06
N PRO G 213 29.45 16.38 47.75
CA PRO G 213 30.19 17.61 47.39
C PRO G 213 31.13 18.13 48.48
N SER G 214 30.87 17.80 49.75
CA SER G 214 31.73 18.22 50.86
C SER G 214 32.54 17.07 51.46
N ASN G 215 32.50 15.88 50.85
CA ASN G 215 33.21 14.71 51.38
C ASN G 215 32.77 14.40 52.80
N THR G 216 31.47 14.57 53.07
CA THR G 216 30.91 14.46 54.40
C THR G 216 30.07 13.19 54.50
N LYS G 217 30.32 12.40 55.55
CA LYS G 217 29.53 11.22 55.86
C LYS G 217 29.27 11.24 57.36
N VAL G 218 27.99 11.24 57.74
CA VAL G 218 27.59 11.42 59.13
C VAL G 218 26.67 10.28 59.55
N ASP G 219 26.87 9.79 60.76
CA ASP G 219 25.99 8.81 61.38
C ASP G 219 25.49 9.37 62.70
N LYS G 220 24.18 9.27 62.93
CA LYS G 220 23.57 9.79 64.15
C LYS G 220 22.55 8.77 64.66
N ARG G 221 22.77 8.28 65.87
CA ARG G 221 21.82 7.36 66.47
C ARG G 221 20.53 8.10 66.84
N VAL G 222 19.40 7.45 66.59
CA VAL G 222 18.08 7.97 66.94
C VAL G 222 17.51 7.08 68.04
N GLU G 223 17.04 7.70 69.12
CA GLU G 223 16.77 6.99 70.35
C GLU G 223 15.69 7.73 71.13
N PRO G 224 14.82 7.02 71.84
CA PRO G 224 13.83 7.71 72.67
C PRO G 224 14.52 8.57 73.73
N LYS G 225 14.03 9.79 73.89
CA LYS G 225 14.51 10.65 74.97
C LYS G 225 14.03 10.10 76.31
N SER G 226 14.80 10.38 77.35
CA SER G 226 14.52 9.96 78.72
C SER G 226 14.30 11.18 79.61
N CYS G 227 13.98 10.91 80.87
CA CYS G 227 13.71 11.98 81.84
C CYS G 227 14.94 12.85 82.07
N GLN H 6 1.96 18.22 24.68
CA GLN H 6 1.53 17.04 25.41
C GLN H 6 0.25 17.33 26.19
N SER H 7 -0.59 16.30 26.35
CA SER H 7 -1.86 16.47 27.04
C SER H 7 -2.37 15.12 27.51
N PRO H 8 -3.03 15.04 28.68
CA PRO H 8 -3.25 16.15 29.62
C PRO H 8 -2.04 16.45 30.49
N ALA H 9 -2.08 17.56 31.22
CA ALA H 9 -0.97 17.89 32.10
C ALA H 9 -0.89 16.93 33.29
N THR H 10 -2.03 16.63 33.90
CA THR H 10 -2.13 15.66 34.98
C THR H 10 -3.24 14.68 34.64
N LEU H 11 -3.20 13.51 35.30
CA LEU H 11 -4.18 12.47 35.05
C LEU H 11 -4.30 11.60 36.30
N SER H 12 -5.53 11.31 36.69
CA SER H 12 -5.82 10.43 37.81
C SER H 12 -6.82 9.40 37.35
N LEU H 13 -6.42 8.12 37.37
CA LEU H 13 -7.25 7.04 36.88
C LEU H 13 -7.15 5.86 37.82
N SER H 14 -8.20 5.02 37.82
CA SER H 14 -8.27 3.88 38.70
C SER H 14 -7.49 2.69 38.13
N PRO H 15 -6.93 1.83 38.97
CA PRO H 15 -6.27 0.63 38.46
C PRO H 15 -7.25 -0.22 37.66
N GLY H 16 -6.73 -0.87 36.63
CA GLY H 16 -7.54 -1.62 35.70
C GLY H 16 -8.15 -0.81 34.58
N GLU H 17 -8.13 0.52 34.69
CA GLU H 17 -8.69 1.37 33.65
C GLU H 17 -7.67 1.59 32.53
N ILE H 18 -8.05 2.40 31.55
CA ILE H 18 -7.23 2.68 30.38
C ILE H 18 -6.77 4.13 30.46
N ALA H 19 -5.46 4.32 30.43
CA ALA H 19 -4.84 5.64 30.37
C ALA H 19 -4.29 5.87 28.97
N THR H 20 -4.57 7.03 28.40
CA THR H 20 -4.09 7.38 27.06
C THR H 20 -3.52 8.78 27.08
N LEU H 21 -2.34 8.95 26.50
CA LEU H 21 -1.57 10.20 26.49
C LEU H 21 -1.34 10.53 25.03
N SER H 22 -1.27 11.79 24.69
CA SER H 22 -1.10 12.20 23.31
C SER H 22 -0.15 13.39 23.23
N CYS H 23 0.66 13.41 22.17
CA CYS H 23 1.53 14.54 21.85
C CYS H 23 1.31 14.92 20.38
N ARG H 24 1.50 16.21 20.10
CA ARG H 24 1.28 16.77 18.77
C ARG H 24 2.63 17.13 18.16
N ALA H 25 3.02 16.38 17.12
CA ALA H 25 4.29 16.63 16.43
C ALA H 25 4.14 17.77 15.43
C SER H 30 11.48 13.22 10.35
N SER H 31 10.90 12.33 11.16
CA SER H 31 11.04 12.41 12.61
C SER H 31 10.81 11.02 13.19
N TYR H 32 11.34 10.83 14.41
CA TYR H 32 11.18 9.58 15.14
C TYR H 32 10.67 9.87 16.53
N LEU H 33 9.68 9.09 16.98
CA LEU H 33 8.89 9.40 18.15
C LEU H 33 9.05 8.31 19.19
N ALA H 34 9.16 8.70 20.47
CA ALA H 34 9.33 7.75 21.55
C ALA H 34 8.66 8.25 22.81
N TRP H 35 8.44 7.32 23.75
CA TRP H 35 7.84 7.60 25.04
C TRP H 35 8.74 7.06 26.14
N TYR H 36 8.85 7.81 27.24
CA TYR H 36 9.66 7.41 28.38
C TYR H 36 8.83 7.47 29.66
N GLN H 37 9.24 6.65 30.62
CA GLN H 37 8.62 6.60 31.94
C GLN H 37 9.65 7.01 32.99
N LEU H 38 9.25 7.88 33.90
CA LEU H 38 10.10 8.33 35.00
C LEU H 38 9.39 7.97 36.31
N LYS H 39 9.74 6.83 36.89
CA LYS H 39 9.22 6.45 38.19
C LYS H 39 9.94 7.23 39.28
N PRO H 40 9.34 7.32 40.47
CA PRO H 40 9.96 8.10 41.56
C PRO H 40 11.36 7.61 41.88
N GLY H 41 12.34 8.50 41.81
CA GLY H 41 13.70 8.20 42.20
C GLY H 41 14.51 7.39 41.22
N GLN H 42 13.98 7.12 40.02
CA GLN H 42 14.66 6.30 39.03
C GLN H 42 14.99 7.12 37.79
N ALA H 43 15.88 6.56 36.97
CA ALA H 43 16.23 7.16 35.71
C ALA H 43 15.16 6.86 34.67
N PRO H 44 15.08 7.64 33.60
CA PRO H 44 14.06 7.41 32.58
C PRO H 44 14.18 6.02 31.98
N ARG H 45 13.02 5.42 31.68
CA ARG H 45 12.94 4.08 31.09
C ARG H 45 12.24 4.18 29.75
N LEU H 46 12.91 3.73 28.69
CA LEU H 46 12.34 3.73 27.36
C LEU H 46 11.19 2.74 27.28
N LEU H 47 9.98 3.25 26.99
CA LEU H 47 8.82 2.40 26.83
C LEU H 47 8.60 2.00 25.37
N ILE H 48 8.56 2.98 24.48
CA ILE H 48 8.20 2.78 23.09
C ILE H 48 9.07 3.69 22.23
N TYR H 49 9.50 3.16 21.08
CA TYR H 49 10.31 3.91 20.13
C TYR H 49 9.72 3.74 18.73
N ASP H 50 10.02 4.70 17.86
CA ASP H 50 9.47 4.75 16.50
C ASP H 50 7.94 4.70 16.49
N ALA H 51 7.33 5.22 17.57
CA ALA H 51 5.91 5.49 17.69
C ALA H 51 5.01 4.27 17.84
N SER H 52 5.52 3.04 17.64
CA SER H 52 4.71 1.86 17.93
C SER H 52 5.49 0.65 18.43
N ARG H 53 6.81 0.71 18.56
CA ARG H 53 7.62 -0.44 18.93
C ARG H 53 7.94 -0.36 20.42
N ARG H 54 7.59 -1.41 21.17
CA ARG H 54 7.89 -1.47 22.59
C ARG H 54 9.23 -2.15 22.82
N ALA H 55 9.93 -1.70 23.85
CA ALA H 55 11.29 -2.14 24.11
C ALA H 55 11.28 -3.40 24.97
N ALA H 56 12.45 -3.79 25.48
CA ALA H 56 12.59 -5.03 26.22
C ALA H 56 11.91 -4.94 27.59
N GLY H 57 11.34 -6.05 28.02
CA GLY H 57 10.69 -6.11 29.32
C GLY H 57 9.49 -5.21 29.47
N ILE H 58 8.94 -4.71 28.37
CA ILE H 58 7.77 -3.85 28.38
C ILE H 58 6.58 -4.68 27.93
N PRO H 59 5.63 -4.99 28.82
CA PRO H 59 4.51 -5.85 28.41
C PRO H 59 3.61 -5.15 27.38
N ALA H 60 2.79 -5.96 26.72
CA ALA H 60 1.87 -5.44 25.72
C ALA H 60 0.88 -4.43 26.29
N ARG H 61 0.80 -4.31 27.62
CA ARG H 61 0.00 -3.29 28.28
C ARG H 61 0.20 -1.94 27.60
N PHE H 62 1.44 -1.61 27.25
CA PHE H 62 1.78 -0.34 26.64
C PHE H 62 1.76 -0.47 25.13
N SER H 63 1.23 0.56 24.46
CA SER H 63 1.15 0.56 23.01
C SER H 63 1.13 2.00 22.50
N GLY H 64 1.66 2.18 21.29
CA GLY H 64 1.73 3.48 20.65
C GLY H 64 1.06 3.49 19.30
N SER H 65 0.70 4.69 18.81
CA SER H 65 0.01 4.82 17.55
C SER H 65 0.23 6.23 17.01
N GLU H 66 -0.07 6.41 15.73
CA GLU H 66 0.07 7.69 15.03
C GLU H 66 -1.25 8.05 14.38
N SER H 67 -1.46 9.35 14.20
CA SER H 67 -2.64 9.85 13.51
C SER H 67 -2.37 11.29 13.10
N GLY H 68 -2.30 11.53 11.79
CA GLY H 68 -2.00 12.85 11.28
C GLY H 68 -0.65 13.35 11.76
N THR H 69 -0.66 14.37 12.62
CA THR H 69 0.53 14.82 13.34
C THR H 69 0.42 14.55 14.85
N ASP H 70 -0.46 13.62 15.24
CA ASP H 70 -0.66 13.24 16.63
C ASP H 70 -0.20 11.80 16.84
N PHE H 71 0.49 11.56 17.94
CA PHE H 71 0.88 10.22 18.36
C PHE H 71 0.58 10.06 19.85
N THR H 72 0.05 8.90 20.21
CA THR H 72 -0.47 8.66 21.55
C THR H 72 0.14 7.41 22.14
N LEU H 73 0.18 7.37 23.47
CA LEU H 73 0.59 6.19 24.24
C LEU H 73 -0.58 5.74 25.09
N THR H 74 -0.93 4.46 24.99
CA THR H 74 -2.04 3.89 25.73
C THR H 74 -1.52 2.87 26.74
N ILE H 75 -1.99 2.96 27.97
CA ILE H 75 -1.65 2.02 29.03
C ILE H 75 -2.96 1.38 29.49
N SER H 76 -3.17 0.12 29.14
CA SER H 76 -4.34 -0.61 29.58
C SER H 76 -4.07 -1.29 30.91
N SER H 77 -5.12 -1.91 31.47
CA SER H 77 -5.04 -2.66 32.72
C SER H 77 -4.05 -2.02 33.68
N LEU H 78 -4.34 -0.79 34.07
CA LEU H 78 -3.42 -0.01 34.89
C LEU H 78 -3.11 -0.72 36.21
N GLU H 79 -1.87 -0.57 36.66
CA GLU H 79 -1.40 -1.03 37.95
C GLU H 79 -0.86 0.16 38.75
N PRO H 80 -0.76 0.03 40.07
CA PRO H 80 -0.14 1.13 40.85
C PRO H 80 1.29 1.41 40.46
N GLU H 81 2.01 0.39 39.91
CA GLU H 81 3.38 0.57 39.46
C GLU H 81 3.49 1.62 38.36
N ASP H 82 2.37 1.97 37.69
CA ASP H 82 2.39 2.92 36.60
C ASP H 82 2.39 4.38 37.06
N SER H 83 2.16 4.63 38.35
CA SER H 83 2.31 5.98 38.88
C SER H 83 3.69 6.52 38.54
N ALA H 84 3.72 7.58 37.72
CA ALA H 84 4.98 8.10 37.21
C ALA H 84 4.67 9.29 36.31
N VAL H 85 5.74 9.95 35.87
CA VAL H 85 5.66 11.00 34.85
C VAL H 85 6.09 10.40 33.52
N TYR H 86 5.38 10.76 32.45
CA TYR H 86 5.63 10.23 31.12
C TYR H 86 5.97 11.38 30.18
N TYR H 87 7.01 11.18 29.37
CA TYR H 87 7.49 12.19 28.43
C TYR H 87 7.50 11.60 27.03
N CYS H 88 6.88 12.29 26.09
CA CYS H 88 7.08 11.96 24.68
C CYS H 88 8.36 12.59 24.18
N HIS H 89 8.96 11.97 23.16
CA HIS H 89 10.28 12.35 22.67
C HIS H 89 10.25 12.31 21.15
N GLN H 90 10.67 13.40 20.51
CA GLN H 90 10.65 13.55 19.06
C GLN H 90 12.02 14.00 18.59
N ARG H 91 12.70 13.15 17.81
CA ARG H 91 13.97 13.46 17.19
C ARG H 91 13.76 13.60 15.69
N SER H 92 14.20 14.73 15.14
CA SER H 92 14.06 14.99 13.72
C SER H 92 15.24 14.39 12.96
N ASN H 93 15.11 14.42 11.63
CA ASN H 93 16.19 13.98 10.74
C ASN H 93 17.41 14.86 10.90
N TRP H 94 18.57 14.37 10.46
CA TRP H 94 19.80 15.14 10.58
C TRP H 94 19.62 16.51 9.92
N PRO H 95 20.07 17.61 10.56
CA PRO H 95 20.80 17.78 11.84
C PRO H 95 19.91 17.43 13.04
N PRO H 96 20.35 16.55 13.95
CA PRO H 96 19.45 16.09 15.01
C PRO H 96 18.98 17.25 15.88
N VAL H 97 17.67 17.26 16.15
CA VAL H 97 17.04 18.21 17.05
C VAL H 97 16.04 17.40 17.86
N HIS H 98 16.29 17.26 19.16
CA HIS H 98 15.39 16.48 20.04
C HIS H 98 14.42 17.42 20.76
N THR H 99 13.16 17.06 20.87
CA THR H 99 12.20 17.86 21.65
C THR H 99 11.45 16.90 22.56
N PHE H 100 11.20 17.29 23.80
CA PHE H 100 10.40 16.52 24.75
C PHE H 100 9.09 17.25 25.02
N GLY H 101 8.04 16.47 25.24
CA GLY H 101 6.76 17.04 25.61
C GLY H 101 6.78 17.58 27.04
N GLN H 102 5.75 18.35 27.36
CA GLN H 102 5.66 18.97 28.68
C GLN H 102 5.66 17.94 29.80
N GLY H 103 5.25 16.71 29.53
CA GLY H 103 5.17 15.69 30.54
C GLY H 103 3.77 15.58 31.14
N THR H 104 3.48 14.40 31.68
CA THR H 104 2.19 14.15 32.30
C THR H 104 2.38 13.27 33.54
N LYS H 105 2.02 13.79 34.70
CA LYS H 105 2.02 13.02 35.93
C LYS H 105 0.76 12.16 35.98
N LEU H 106 0.95 10.85 36.06
CA LEU H 106 -0.16 9.89 36.05
C LEU H 106 -0.36 9.36 37.46
N GLU H 107 -1.49 9.73 38.07
CA GLU H 107 -1.85 9.26 39.40
C GLU H 107 -2.74 8.03 39.29
N ILE H 108 -2.46 7.03 40.12
CA ILE H 108 -3.29 5.83 40.21
C ILE H 108 -4.14 5.93 41.48
N LYS H 109 -5.46 5.88 41.31
CA LYS H 109 -6.36 6.08 42.44
C LYS H 109 -6.37 4.86 43.35
N ARG H 110 -6.79 5.10 44.60
CA ARG H 110 -6.98 4.04 45.58
C ARG H 110 -8.05 4.49 46.56
N THR H 111 -8.43 3.59 47.47
CA THR H 111 -9.39 3.95 48.50
C THR H 111 -8.80 5.02 49.42
N VAL H 112 -9.69 5.82 50.01
CA VAL H 112 -9.25 6.88 50.91
C VAL H 112 -8.45 6.28 52.05
N ALA H 113 -7.34 6.93 52.39
CA ALA H 113 -6.41 6.44 53.41
C ALA H 113 -6.19 7.54 54.43
N ALA H 114 -6.48 7.24 55.69
CA ALA H 114 -6.32 8.22 56.75
C ALA H 114 -4.84 8.40 57.07
N PRO H 115 -4.35 9.63 57.19
CA PRO H 115 -2.95 9.83 57.58
C PRO H 115 -2.70 9.47 59.03
N SER H 116 -1.53 8.88 59.28
CA SER H 116 -1.02 8.73 60.64
C SER H 116 -0.14 9.94 60.94
N VAL H 117 -0.42 10.62 62.06
CA VAL H 117 0.17 11.91 62.35
C VAL H 117 1.11 11.77 63.54
N PHE H 118 2.33 12.27 63.38
CA PHE H 118 3.33 12.28 64.43
C PHE H 118 3.94 13.67 64.51
N ILE H 119 4.15 14.16 65.73
CA ILE H 119 4.79 15.44 65.98
C ILE H 119 6.11 15.19 66.68
N PHE H 120 7.09 16.03 66.38
CA PHE H 120 8.47 15.84 66.83
C PHE H 120 9.01 17.14 67.40
N PRO H 121 9.35 17.19 68.68
CA PRO H 121 10.00 18.39 69.22
C PRO H 121 11.43 18.50 68.70
N PRO H 122 12.02 19.69 68.75
CA PRO H 122 13.42 19.82 68.38
C PRO H 122 14.31 19.07 69.36
N SER H 123 15.46 18.64 68.87
CA SER H 123 16.42 17.93 69.71
C SER H 123 17.19 18.91 70.60
N ASP H 124 17.70 18.40 71.71
CA ASP H 124 18.57 19.22 72.55
C ASP H 124 19.84 19.60 71.80
N GLU H 125 20.35 18.70 70.96
CA GLU H 125 21.57 19.01 70.21
C GLU H 125 21.36 20.21 69.30
N GLN H 126 20.17 20.34 68.72
CA GLN H 126 19.90 21.47 67.84
C GLN H 126 19.74 22.76 68.64
N LEU H 127 19.01 22.70 69.77
CA LEU H 127 18.83 23.90 70.58
C LEU H 127 20.16 24.52 70.98
N LYS H 128 21.20 23.69 71.14
CA LYS H 128 22.53 24.24 71.38
C LYS H 128 23.04 25.04 70.19
N SER H 129 22.49 24.79 68.99
CA SER H 129 22.94 25.47 67.79
C SER H 129 22.29 26.83 67.60
N GLY H 130 21.26 27.15 68.37
CA GLY H 130 20.57 28.43 68.25
C GLY H 130 19.31 28.40 67.42
N THR H 131 18.86 27.24 66.97
CA THR H 131 17.68 27.10 66.13
C THR H 131 16.80 25.99 66.68
N ALA H 132 15.52 26.02 66.31
CA ALA H 132 14.55 25.04 66.78
C ALA H 132 13.61 24.69 65.63
N SER H 133 13.55 23.40 65.30
CA SER H 133 12.71 22.90 64.22
C SER H 133 11.68 21.93 64.80
N VAL H 134 10.41 22.23 64.60
CA VAL H 134 9.31 21.35 64.98
C VAL H 134 8.78 20.71 63.71
N VAL H 135 8.57 19.40 63.74
CA VAL H 135 8.17 18.64 62.55
C VAL H 135 6.84 17.95 62.82
N CYS H 136 5.97 17.98 61.82
CA CYS H 136 4.69 17.28 61.82
C CYS H 136 4.68 16.36 60.61
N LEU H 137 4.49 15.07 60.85
CA LEU H 137 4.59 14.04 59.81
C LEU H 137 3.21 13.44 59.54
N LEU H 138 2.78 13.49 58.29
CA LEU H 138 1.57 12.83 57.82
C LEU H 138 2.02 11.69 56.91
N ASN H 139 1.75 10.45 57.32
CA ASN H 139 2.32 9.28 56.68
C ASN H 139 1.25 8.46 55.98
N ASN H 140 1.50 8.18 54.70
CA ASN H 140 0.77 7.16 53.93
C ASN H 140 -0.73 7.46 53.87
N PHE H 141 -1.05 8.60 53.25
CA PHE H 141 -2.43 9.03 53.10
C PHE H 141 -2.78 9.22 51.63
N TYR H 142 -4.08 9.43 51.37
CA TYR H 142 -4.61 9.66 50.05
C TYR H 142 -6.03 10.20 50.16
N PRO H 143 -6.44 11.16 49.32
CA PRO H 143 -5.68 11.83 48.25
C PRO H 143 -4.61 12.80 48.78
N ARG H 144 -3.86 13.42 47.86
CA ARG H 144 -2.79 14.32 48.27
C ARG H 144 -3.32 15.55 48.99
N GLU H 145 -4.61 15.86 48.84
CA GLU H 145 -5.17 17.07 49.43
C GLU H 145 -5.14 16.96 50.95
N ALA H 146 -4.47 17.92 51.60
CA ALA H 146 -4.36 17.91 53.05
C ALA H 146 -3.94 19.29 53.52
N LYS H 147 -4.45 19.70 54.68
CA LYS H 147 -4.13 20.99 55.28
C LYS H 147 -3.47 20.76 56.63
N VAL H 148 -2.33 21.40 56.85
CA VAL H 148 -1.59 21.30 58.09
C VAL H 148 -1.44 22.71 58.65
N GLN H 149 -2.10 22.98 59.77
CA GLN H 149 -2.04 24.28 60.44
C GLN H 149 -1.28 24.13 61.74
N TRP H 150 -0.33 25.03 61.97
CA TRP H 150 0.44 25.07 63.21
C TRP H 150 -0.23 25.99 64.22
N LYS H 151 -0.14 25.62 65.50
CA LYS H 151 -0.64 26.44 66.59
C LYS H 151 0.34 26.35 67.75
N VAL H 152 0.75 27.51 68.26
CA VAL H 152 1.69 27.61 69.39
C VAL H 152 1.01 28.42 70.48
N ASP H 153 0.78 27.78 71.62
CA ASP H 153 -0.07 28.33 72.69
C ASP H 153 -1.43 28.72 72.12
N ASN H 154 -1.92 27.91 71.18
CA ASN H 154 -3.23 28.04 70.53
C ASN H 154 -3.33 29.24 69.61
N ALA H 155 -2.21 29.91 69.27
CA ALA H 155 -2.24 30.96 68.26
C ALA H 155 -1.88 30.36 66.91
N LEU H 156 -2.75 30.58 65.91
CA LEU H 156 -2.51 30.04 64.58
C LEU H 156 -1.29 30.73 63.95
N GLN H 157 -0.28 29.94 63.62
CA GLN H 157 0.95 30.47 63.05
C GLN H 157 0.75 30.79 61.57
N SER H 158 1.73 31.48 60.99
CA SER H 158 1.68 31.84 59.58
C SER H 158 3.08 32.24 59.12
N GLY H 159 3.44 31.81 57.92
CA GLY H 159 4.69 32.23 57.29
C GLY H 159 5.90 31.42 57.70
N ASN H 160 5.97 31.02 58.97
CA ASN H 160 7.13 30.33 59.52
C ASN H 160 7.06 28.82 59.34
N SER H 161 6.44 28.33 58.27
CA SER H 161 6.24 26.90 58.06
C SER H 161 6.68 26.52 56.64
N GLN H 162 7.02 25.25 56.48
CA GLN H 162 7.54 24.73 55.22
C GLN H 162 7.09 23.29 55.05
N GLU H 163 6.46 23.00 53.92
CA GLU H 163 5.92 21.68 53.64
C GLU H 163 6.72 20.96 52.56
N SER H 164 6.64 19.63 52.59
CA SER H 164 7.34 18.78 51.63
C SER H 164 6.55 17.49 51.48
N VAL H 165 6.25 17.11 50.24
CA VAL H 165 5.44 15.95 49.94
C VAL H 165 6.23 15.01 49.03
N THR H 166 6.11 13.71 49.29
CA THR H 166 6.73 12.72 48.43
C THR H 166 5.84 12.43 47.22
N GLU H 167 6.44 11.86 46.19
CA GLU H 167 5.68 11.39 45.05
C GLU H 167 4.95 10.11 45.39
N GLN H 168 3.86 9.85 44.68
CA GLN H 168 2.99 8.72 44.98
C GLN H 168 3.79 7.42 45.07
N ASP H 169 3.38 6.56 46.00
CA ASP H 169 4.08 5.31 46.25
C ASP H 169 3.74 4.30 45.16
N SER H 170 4.77 3.67 44.59
CA SER H 170 4.55 2.74 43.49
C SER H 170 3.73 1.53 43.92
N LYS H 171 3.84 1.16 45.19
CA LYS H 171 3.16 -0.02 45.77
C LYS H 171 1.90 0.39 46.54
N ASP H 172 2.00 1.36 47.45
CA ASP H 172 0.89 1.77 48.30
C ASP H 172 -0.10 2.69 47.60
N SER H 173 0.37 3.45 46.61
CA SER H 173 -0.41 4.52 45.97
C SER H 173 -0.71 5.66 46.93
N THR H 174 0.01 5.75 48.04
CA THR H 174 -0.23 6.77 49.05
C THR H 174 0.82 7.87 48.98
N TYR H 175 0.52 8.99 49.63
CA TYR H 175 1.43 10.11 49.79
C TYR H 175 1.83 10.24 51.25
N SER H 176 2.97 10.93 51.46
CA SER H 176 3.43 11.27 52.80
C SER H 176 3.91 12.70 52.80
N LEU H 177 3.54 13.45 53.83
CA LEU H 177 3.81 14.88 53.90
C LEU H 177 4.52 15.21 55.22
N SER H 178 5.38 16.22 55.15
CA SER H 178 6.07 16.73 56.32
C SER H 178 6.01 18.25 56.30
N SER H 179 5.52 18.83 57.40
CA SER H 179 5.56 20.27 57.61
C SER H 179 6.54 20.57 58.73
N THR H 180 7.30 21.64 58.58
CA THR H 180 8.36 21.98 59.52
C THR H 180 8.21 23.42 59.96
N LEU H 181 8.05 23.63 61.26
CA LEU H 181 7.99 24.95 61.87
C LEU H 181 9.37 25.30 62.40
N THR H 182 9.92 26.43 61.96
CA THR H 182 11.25 26.86 62.35
C THR H 182 11.16 28.09 63.24
N LEU H 183 11.84 28.04 64.38
CA LEU H 183 11.87 29.16 65.32
C LEU H 183 13.29 29.30 65.88
N SER H 184 13.56 30.51 66.40
CA SER H 184 14.76 30.70 67.19
C SER H 184 14.67 29.91 68.49
N LYS H 185 15.84 29.65 69.09
CA LYS H 185 15.85 29.04 70.41
C LYS H 185 15.09 29.90 71.42
N ALA H 186 15.31 31.21 71.38
CA ALA H 186 14.62 32.11 72.29
C ALA H 186 13.11 32.07 72.05
N ASP H 187 12.69 32.26 70.79
CA ASP H 187 11.28 32.12 70.46
C ASP H 187 10.71 30.81 70.99
N TYR H 188 11.39 29.70 70.70
CA TYR H 188 10.87 28.39 71.07
C TYR H 188 10.77 28.21 72.58
N GLU H 189 11.73 28.77 73.32
CA GLU H 189 11.79 28.56 74.76
C GLU H 189 10.85 29.47 75.54
N LYS H 190 10.07 30.30 74.87
CA LYS H 190 9.13 31.19 75.55
C LYS H 190 7.68 30.68 75.51
N HIS H 191 7.40 29.65 74.73
CA HIS H 191 6.06 29.09 74.61
C HIS H 191 5.99 27.75 75.33
N LYS H 192 4.76 27.24 75.43
CA LYS H 192 4.48 26.00 76.16
C LYS H 192 3.95 24.89 75.26
N VAL H 193 2.90 25.16 74.48
CA VAL H 193 2.18 24.14 73.74
C VAL H 193 2.50 24.30 72.26
N TYR H 194 2.81 23.18 71.60
CA TYR H 194 3.07 23.14 70.16
C TYR H 194 2.19 22.07 69.55
N ALA H 195 1.43 22.43 68.52
CA ALA H 195 0.43 21.54 67.95
C ALA H 195 0.31 21.78 66.46
N CYS H 196 0.06 20.70 65.72
CA CYS H 196 -0.31 20.77 64.30
C CYS H 196 -1.66 20.09 64.12
N GLU H 197 -2.57 20.76 63.42
CA GLU H 197 -3.91 20.26 63.14
C GLU H 197 -3.98 19.83 61.68
N VAL H 198 -4.51 18.63 61.44
CA VAL H 198 -4.52 18.02 60.12
C VAL H 198 -5.97 17.81 59.69
N THR H 199 -6.34 18.42 58.56
CA THR H 199 -7.64 18.25 57.95
C THR H 199 -7.50 17.37 56.71
N HIS H 200 -8.28 16.30 56.65
CA HIS H 200 -8.17 15.37 55.53
C HIS H 200 -9.50 14.67 55.30
N GLN H 201 -9.74 14.32 54.03
CA GLN H 201 -10.99 13.67 53.65
C GLN H 201 -11.21 12.39 54.46
N GLY H 202 -10.14 11.64 54.73
CA GLY H 202 -10.24 10.44 55.53
C GLY H 202 -10.45 10.67 57.00
N LEU H 203 -10.54 11.92 57.44
CA LEU H 203 -10.79 12.26 58.83
C LEU H 203 -12.17 12.91 58.93
N SER H 204 -13.08 12.26 59.66
CA SER H 204 -14.39 12.85 59.91
C SER H 204 -14.24 14.22 60.54
N SER H 205 -13.38 14.33 61.55
CA SER H 205 -13.07 15.59 62.22
C SER H 205 -11.56 15.79 62.22
N PRO H 206 -11.09 17.03 62.14
CA PRO H 206 -9.64 17.27 62.17
C PRO H 206 -8.98 16.57 63.35
N VAL H 207 -7.72 16.19 63.15
CA VAL H 207 -6.93 15.50 64.17
C VAL H 207 -5.79 16.40 64.59
N THR H 208 -5.44 16.33 65.87
CA THR H 208 -4.48 17.24 66.47
C THR H 208 -3.46 16.45 67.28
N LYS H 209 -2.19 16.80 67.11
CA LYS H 209 -1.08 16.20 67.84
C LYS H 209 -0.24 17.31 68.43
N SER H 210 0.11 17.19 69.71
CA SER H 210 0.76 18.28 70.41
C SER H 210 1.69 17.72 71.48
N PHE H 211 2.60 18.58 71.95
CA PHE H 211 3.42 18.27 73.11
C PHE H 211 3.59 19.54 73.93
N ASN H 212 3.92 19.34 75.21
CA ASN H 212 4.25 20.43 76.12
C ASN H 212 5.76 20.45 76.31
N ARG H 213 6.40 21.56 75.92
CA ARG H 213 7.84 21.67 76.01
C ARG H 213 8.34 21.33 77.41
N GLY H 214 9.36 20.47 77.47
CA GLY H 214 9.96 20.07 78.72
C GLY H 214 9.27 18.93 79.43
N GLU H 215 8.32 18.24 78.77
CA GLU H 215 7.61 17.14 79.39
C GLU H 215 7.66 15.90 78.51
N GLN I 1 22.25 -26.81 -6.46
CA GLN I 1 23.20 -26.32 -7.50
C GLN I 1 22.44 -25.78 -8.72
N VAL I 2 22.94 -24.69 -9.29
CA VAL I 2 22.31 -24.05 -10.43
C VAL I 2 22.46 -24.94 -11.66
N GLN I 3 21.41 -24.97 -12.48
CA GLN I 3 21.44 -25.69 -13.75
C GLN I 3 20.73 -24.87 -14.81
N LEU I 4 21.38 -24.71 -15.96
CA LEU I 4 20.80 -24.02 -17.12
C LEU I 4 20.89 -24.98 -18.30
N VAL I 5 19.74 -25.44 -18.79
CA VAL I 5 19.66 -26.41 -19.86
C VAL I 5 19.03 -25.73 -21.07
N GLN I 6 19.77 -25.69 -22.17
CA GLN I 6 19.33 -25.07 -23.41
C GLN I 6 18.79 -26.10 -24.39
N SER I 7 17.95 -25.63 -25.30
CA SER I 7 17.49 -26.43 -26.43
C SER I 7 17.18 -25.51 -27.59
N GLY I 8 16.97 -26.11 -28.76
CA GLY I 8 16.78 -25.36 -29.98
C GLY I 8 18.04 -25.32 -30.83
N GLY I 9 18.11 -24.32 -31.69
CA GLY I 9 19.25 -24.13 -32.55
C GLY I 9 19.17 -24.94 -33.83
N GLY I 10 20.34 -25.15 -34.43
CA GLY I 10 20.45 -25.93 -35.65
C GLY I 10 20.61 -25.06 -36.88
N LEU I 11 20.21 -25.65 -38.01
CA LEU I 11 20.39 -25.05 -39.32
C LEU I 11 19.12 -24.35 -39.78
N VAL I 12 19.26 -23.13 -40.30
CA VAL I 12 18.21 -22.44 -41.03
C VAL I 12 18.83 -21.64 -42.16
N LYS I 13 18.00 -21.27 -43.14
CA LYS I 13 18.46 -20.47 -44.26
C LYS I 13 18.40 -18.98 -43.91
N PRO I 14 19.14 -18.13 -44.62
CA PRO I 14 18.97 -16.68 -44.41
C PRO I 14 17.54 -16.25 -44.64
N GLY I 15 17.07 -15.33 -43.80
CA GLY I 15 15.69 -14.88 -43.83
C GLY I 15 14.74 -15.69 -42.96
N GLY I 16 15.18 -16.83 -42.43
CA GLY I 16 14.35 -17.66 -41.59
C GLY I 16 14.44 -17.27 -40.13
N SER I 17 13.89 -18.15 -39.29
CA SER I 17 13.74 -17.86 -37.87
C SER I 17 14.04 -19.11 -37.04
N LEU I 18 14.41 -18.87 -35.79
CA LEU I 18 14.66 -19.93 -34.82
C LEU I 18 14.23 -19.45 -33.44
N ARG I 19 13.84 -20.41 -32.60
CA ARG I 19 13.50 -20.16 -31.20
C ARG I 19 14.44 -20.96 -30.32
N LEU I 20 15.22 -20.25 -29.51
CA LEU I 20 16.08 -20.85 -28.50
C LEU I 20 15.38 -20.79 -27.16
N SER I 21 15.43 -21.90 -26.41
CA SER I 21 14.82 -21.97 -25.09
C SER I 21 15.88 -22.36 -24.07
N CYS I 22 15.61 -22.01 -22.82
CA CYS I 22 16.56 -22.25 -21.73
C CYS I 22 15.78 -22.42 -20.44
N THR I 23 15.89 -23.58 -19.82
CA THR I 23 15.23 -23.87 -18.56
C THR I 23 16.23 -23.76 -17.41
N ALA I 24 15.79 -23.19 -16.30
CA ALA I 24 16.66 -22.85 -15.19
C ALA I 24 16.17 -23.49 -13.89
N SER I 25 17.09 -23.67 -12.96
CA SER I 25 16.76 -24.24 -11.65
C SER I 25 17.84 -23.84 -10.66
N GLY I 26 17.51 -23.98 -9.37
CA GLY I 26 18.47 -23.74 -8.30
C GLY I 26 18.57 -22.31 -7.82
N PHE I 27 17.68 -21.44 -8.25
CA PHE I 27 17.64 -20.06 -7.77
C PHE I 27 16.22 -19.54 -7.97
N SER I 28 15.99 -18.29 -7.55
CA SER I 28 14.65 -17.70 -7.62
C SER I 28 14.48 -17.05 -8.99
N PHE I 29 13.93 -17.83 -9.93
CA PHE I 29 13.88 -17.41 -11.32
C PHE I 29 13.11 -16.09 -11.47
N SER I 30 11.89 -16.04 -10.93
CA SER I 30 11.04 -14.87 -11.12
C SER I 30 11.69 -13.58 -10.62
N ASP I 31 12.63 -13.67 -9.68
CA ASP I 31 13.29 -12.50 -9.13
C ASP I 31 14.48 -12.03 -9.95
N SER I 32 14.96 -12.84 -10.89
CA SER I 32 16.23 -12.61 -11.56
C SER I 32 16.03 -12.21 -13.02
N TYR I 33 16.81 -11.24 -13.47
CA TYR I 33 17.05 -11.04 -14.89
C TYR I 33 17.65 -12.29 -15.52
N MET I 34 17.54 -12.38 -16.84
CA MET I 34 18.17 -13.43 -17.63
C MET I 34 18.66 -12.82 -18.95
N SER I 35 19.74 -13.38 -19.50
CA SER I 35 20.36 -12.79 -20.67
C SER I 35 20.79 -13.85 -21.67
N TRP I 36 21.01 -13.41 -22.91
CA TRP I 36 21.59 -14.23 -23.96
C TRP I 36 22.87 -13.60 -24.46
N ILE I 37 23.89 -14.43 -24.65
CA ILE I 37 25.18 -14.04 -25.20
C ILE I 37 25.53 -15.04 -26.30
N ARG I 38 26.28 -14.57 -27.30
CA ARG I 38 26.73 -15.46 -28.37
C ARG I 38 28.20 -15.26 -28.65
N GLN I 39 28.76 -16.22 -29.39
CA GLN I 39 30.18 -16.19 -29.76
C GLN I 39 30.33 -16.87 -31.12
N ALA I 40 30.73 -16.08 -32.12
CA ALA I 40 31.06 -16.62 -33.44
C ALA I 40 32.28 -17.54 -33.30
N PRO I 41 32.47 -18.48 -34.26
CA PRO I 41 33.47 -19.55 -34.05
C PRO I 41 34.88 -19.08 -33.71
N GLY I 42 35.38 -18.01 -34.33
CA GLY I 42 36.71 -17.50 -34.04
C GLY I 42 36.78 -16.17 -33.34
N LYS I 43 35.66 -15.66 -32.81
CA LYS I 43 35.52 -14.28 -32.39
C LYS I 43 35.24 -14.20 -30.89
N GLY I 44 35.02 -12.96 -30.41
CA GLY I 44 34.81 -12.71 -29.01
C GLY I 44 33.36 -12.82 -28.60
N LEU I 45 33.14 -12.54 -27.31
CA LEU I 45 31.80 -12.61 -26.73
C LEU I 45 30.99 -11.39 -27.11
N GLU I 46 29.73 -11.62 -27.49
CA GLU I 46 28.83 -10.53 -27.87
C GLU I 46 27.58 -10.63 -27.01
N TRP I 47 27.38 -9.63 -26.15
CA TRP I 47 26.16 -9.54 -25.36
C TRP I 47 24.99 -9.14 -26.25
N LEU I 48 23.88 -9.87 -26.14
CA LEU I 48 22.72 -9.67 -27.01
C LEU I 48 21.56 -8.95 -26.33
N THR I 49 21.08 -9.44 -25.19
CA THR I 49 19.83 -8.92 -24.62
C THR I 49 19.69 -9.43 -23.19
N TYR I 50 18.78 -8.81 -22.44
CA TYR I 50 18.35 -9.36 -21.16
C TYR I 50 16.90 -8.97 -20.89
N ILE I 51 16.30 -9.63 -19.90
CA ILE I 51 14.89 -9.44 -19.58
C ILE I 51 14.71 -9.51 -18.07
N SER I 52 14.08 -8.50 -17.50
CA SER I 52 13.86 -8.48 -16.06
C SER I 52 12.93 -9.61 -15.63
N GLY I 53 12.98 -9.93 -14.34
CA GLY I 53 12.16 -11.01 -13.82
C GLY I 53 10.67 -10.82 -14.12
N SER I 54 10.20 -9.57 -14.04
CA SER I 54 8.82 -9.28 -14.38
C SER I 54 8.54 -9.45 -15.87
N GLY I 55 9.57 -9.47 -16.71
CA GLY I 55 9.38 -9.46 -18.14
C GLY I 55 9.05 -8.10 -18.71
N GLU I 56 9.05 -7.05 -17.87
CA GLU I 56 8.64 -5.73 -18.30
C GLU I 56 9.81 -4.85 -18.74
N ILE I 57 11.04 -5.20 -18.39
CA ILE I 57 12.23 -4.45 -18.79
C ILE I 57 13.04 -5.31 -19.74
N ILE I 58 13.35 -4.77 -20.92
CA ILE I 58 14.05 -5.49 -21.96
C ILE I 58 15.08 -4.56 -22.59
N SER I 59 16.19 -5.14 -23.06
CA SER I 59 17.24 -4.40 -23.72
C SER I 59 17.82 -5.24 -24.85
N TYR I 60 18.16 -4.60 -25.96
CA TYR I 60 18.76 -5.27 -27.11
C TYR I 60 19.99 -4.52 -27.56
N ALA I 61 21.08 -5.25 -27.79
CA ALA I 61 22.23 -4.66 -28.46
C ALA I 61 21.82 -4.21 -29.85
N ASP I 62 22.50 -3.18 -30.36
CA ASP I 62 22.14 -2.59 -31.65
C ASP I 62 22.22 -3.62 -32.77
N SER I 63 23.11 -4.60 -32.65
CA SER I 63 23.31 -5.59 -33.71
C SER I 63 22.08 -6.47 -33.94
N VAL I 64 21.17 -6.56 -32.97
CA VAL I 64 20.02 -7.46 -33.07
C VAL I 64 18.71 -6.78 -32.77
N LYS I 65 18.63 -5.47 -32.55
CA LYS I 65 17.39 -4.78 -32.17
C LYS I 65 16.52 -4.73 -33.43
N GLY I 66 15.26 -5.14 -33.34
CA GLY I 66 14.36 -5.19 -34.47
C GLY I 66 14.23 -6.54 -35.13
N ARG I 67 15.05 -7.53 -34.73
CA ARG I 67 15.04 -8.87 -35.32
C ARG I 67 14.91 -9.97 -34.28
N PHE I 68 15.52 -9.82 -33.11
CA PHE I 68 15.45 -10.81 -32.04
C PHE I 68 14.42 -10.37 -31.01
N THR I 69 13.81 -11.36 -30.34
CA THR I 69 12.83 -11.08 -29.29
C THR I 69 13.11 -11.97 -28.08
N ILE I 70 13.19 -11.35 -26.90
CA ILE I 70 13.44 -12.04 -25.63
C ILE I 70 12.14 -12.11 -24.85
N SER I 71 11.85 -13.29 -24.29
CA SER I 71 10.66 -13.49 -23.49
C SER I 71 10.96 -14.56 -22.45
N ARG I 72 10.07 -14.68 -21.47
CA ARG I 72 10.24 -15.62 -20.38
C ARG I 72 8.89 -16.12 -19.90
N ASP I 73 8.89 -17.31 -19.31
CA ASP I 73 7.71 -17.90 -18.67
C ASP I 73 8.15 -18.34 -17.29
N ASN I 74 7.85 -17.52 -16.28
CA ASN I 74 8.37 -17.75 -14.94
C ASN I 74 7.80 -19.02 -14.32
N ALA I 75 6.56 -19.37 -14.64
CA ALA I 75 5.99 -20.62 -14.14
C ALA I 75 6.76 -21.83 -14.65
N LYS I 76 7.22 -21.77 -15.90
CA LYS I 76 8.03 -22.83 -16.48
C LYS I 76 9.52 -22.69 -16.18
N LYS I 77 9.91 -21.62 -15.49
CA LYS I 77 11.32 -21.34 -15.20
C LYS I 77 12.15 -21.32 -16.47
N SER I 78 11.58 -20.72 -17.52
CA SER I 78 12.17 -20.74 -18.86
C SER I 78 12.31 -19.33 -19.40
N VAL I 79 13.37 -19.14 -20.19
CA VAL I 79 13.62 -17.90 -20.94
C VAL I 79 13.85 -18.29 -22.40
N TYR I 80 13.38 -17.43 -23.31
CA TYR I 80 13.31 -17.74 -24.73
C TYR I 80 13.90 -16.60 -25.56
N LEU I 81 14.55 -16.97 -26.67
CA LEU I 81 15.05 -16.01 -27.65
C LEU I 81 14.48 -16.39 -29.01
N GLN I 82 13.56 -15.58 -29.51
CA GLN I 82 13.03 -15.72 -30.86
C GLN I 82 13.90 -14.88 -31.79
N MET I 83 14.55 -15.52 -32.74
CA MET I 83 15.43 -14.87 -33.70
C MET I 83 14.75 -14.89 -35.07
N ASP I 84 14.57 -13.71 -35.67
CA ASP I 84 13.97 -13.56 -36.98
C ASP I 84 14.95 -12.82 -37.90
N SER I 85 14.66 -12.89 -39.20
CA SER I 85 15.46 -12.21 -40.23
C SER I 85 16.94 -12.60 -40.12
N LEU I 86 17.18 -13.89 -39.94
CA LEU I 86 18.53 -14.37 -39.66
C LEU I 86 19.46 -14.13 -40.85
N ARG I 87 20.70 -13.76 -40.53
CA ARG I 87 21.74 -13.47 -41.52
C ARG I 87 22.89 -14.45 -41.31
N ALA I 88 23.75 -14.54 -42.33
CA ALA I 88 24.89 -15.46 -42.26
C ALA I 88 25.79 -15.13 -41.07
N GLU I 89 25.94 -13.83 -40.76
CA GLU I 89 26.80 -13.42 -39.66
C GLU I 89 26.20 -13.72 -38.29
N ASP I 90 24.94 -14.12 -38.21
CA ASP I 90 24.36 -14.56 -36.94
C ASP I 90 24.83 -15.95 -36.54
N THR I 91 25.58 -16.65 -37.39
CA THR I 91 26.07 -17.98 -37.05
C THR I 91 27.02 -17.89 -35.85
N ALA I 92 26.74 -18.67 -34.81
CA ALA I 92 27.47 -18.57 -33.55
C ALA I 92 26.97 -19.63 -32.59
N VAL I 93 27.66 -19.71 -31.44
CA VAL I 93 27.18 -20.46 -30.28
C VAL I 93 26.46 -19.48 -29.37
N TYR I 94 25.21 -19.79 -29.01
CA TYR I 94 24.37 -18.91 -28.22
C TYR I 94 24.27 -19.44 -26.79
N TYR I 95 24.51 -18.57 -25.82
CA TYR I 95 24.52 -18.94 -24.42
C TYR I 95 23.36 -18.28 -23.67
N CYS I 96 22.73 -19.07 -22.81
CA CYS I 96 21.84 -18.58 -21.77
C CYS I 96 22.66 -18.34 -20.50
N ALA I 97 22.34 -17.26 -19.77
CA ALA I 97 23.09 -16.95 -18.56
C ALA I 97 22.19 -16.28 -17.53
N ARG I 98 22.40 -16.63 -16.26
CA ARG I 98 21.79 -15.96 -15.13
C ARG I 98 22.82 -15.10 -14.41
N PRO I 99 22.42 -13.98 -13.81
CA PRO I 99 23.38 -13.11 -13.15
C PRO I 99 23.64 -13.56 -11.71
N SER I 100 24.59 -12.87 -11.08
CA SER I 100 25.05 -13.26 -9.76
C SER I 100 24.00 -12.99 -8.69
N ASP I 101 23.17 -11.96 -8.87
CA ASP I 101 22.18 -11.57 -7.88
C ASP I 101 20.93 -11.11 -8.61
N TYR I 102 19.95 -10.62 -7.84
CA TYR I 102 18.61 -10.34 -8.37
C TYR I 102 18.40 -8.86 -8.71
N PHE I 103 19.47 -8.14 -9.05
CA PHE I 103 19.36 -6.73 -9.45
C PHE I 103 19.57 -6.60 -10.95
N GLU I 104 19.24 -5.41 -11.47
CA GLU I 104 19.38 -5.15 -12.89
C GLU I 104 20.82 -4.90 -13.31
N THR I 105 21.73 -4.71 -12.35
CA THR I 105 23.14 -4.50 -12.62
C THR I 105 23.97 -5.73 -12.31
N SER I 106 23.34 -6.84 -11.94
CA SER I 106 24.07 -8.03 -11.56
C SER I 106 24.71 -8.68 -12.79
N GLU I 107 25.98 -9.07 -12.62
CA GLU I 107 26.77 -9.58 -13.74
C GLU I 107 26.48 -11.06 -14.00
N GLU I 108 26.58 -11.45 -15.26
CA GLU I 108 26.40 -12.85 -15.62
C GLU I 108 27.38 -13.72 -14.84
N LEU I 109 26.91 -14.90 -14.41
CA LEU I 109 27.71 -15.77 -13.55
C LEU I 109 27.67 -17.22 -14.02
N ASP I 110 26.48 -17.78 -14.13
CA ASP I 110 26.29 -19.14 -14.60
C ASP I 110 25.80 -19.13 -16.04
N TRP I 111 26.28 -20.09 -16.83
CA TRP I 111 26.05 -20.12 -18.26
C TRP I 111 25.48 -21.47 -18.67
N GLY I 112 24.58 -21.46 -19.64
CA GLY I 112 24.14 -22.69 -20.25
C GLY I 112 25.27 -23.37 -21.01
N GLN I 113 25.00 -24.62 -21.42
CA GLN I 113 26.00 -25.37 -22.17
C GLN I 113 26.30 -24.72 -23.51
N GLY I 114 25.34 -24.03 -24.09
CA GLY I 114 25.52 -23.44 -25.41
C GLY I 114 24.76 -24.22 -26.48
N THR I 115 24.31 -23.50 -27.51
CA THR I 115 23.64 -24.10 -28.65
C THR I 115 24.21 -23.49 -29.92
N LEU I 116 24.52 -24.33 -30.90
CA LEU I 116 25.02 -23.83 -32.17
C LEU I 116 23.85 -23.44 -33.07
N VAL I 117 23.96 -22.28 -33.69
CA VAL I 117 23.00 -21.81 -34.68
C VAL I 117 23.77 -21.51 -35.96
N THR I 118 23.41 -22.17 -37.05
CA THR I 118 24.06 -22.02 -38.33
C THR I 118 23.06 -21.41 -39.33
N VAL I 119 23.42 -20.26 -39.89
CA VAL I 119 22.62 -19.58 -40.89
C VAL I 119 23.36 -19.69 -42.21
N SER I 120 22.78 -20.42 -43.17
CA SER I 120 23.47 -20.68 -44.42
C SER I 120 22.48 -21.13 -45.48
N SER I 121 22.79 -20.80 -46.74
CA SER I 121 22.05 -21.33 -47.87
C SER I 121 22.51 -22.72 -48.28
N ALA I 122 23.67 -23.16 -47.82
CA ALA I 122 24.29 -24.37 -48.35
C ALA I 122 23.44 -25.60 -48.05
N SER I 123 23.64 -26.63 -48.86
CA SER I 123 23.04 -27.94 -48.67
C SER I 123 24.07 -28.90 -48.11
N THR I 124 23.57 -30.04 -47.62
CA THR I 124 24.47 -31.07 -47.09
C THR I 124 25.30 -31.68 -48.21
N LYS I 125 26.58 -31.93 -47.92
CA LYS I 125 27.50 -32.43 -48.93
C LYS I 125 28.70 -33.05 -48.23
N GLY I 126 29.05 -34.27 -48.65
CA GLY I 126 30.22 -34.94 -48.13
C GLY I 126 31.50 -34.38 -48.72
N PRO I 127 32.62 -34.57 -48.02
CA PRO I 127 33.88 -33.98 -48.48
C PRO I 127 34.54 -34.78 -49.58
N SER I 128 35.36 -34.09 -50.36
CA SER I 128 36.33 -34.71 -51.26
C SER I 128 37.69 -34.68 -50.57
N VAL I 129 38.32 -35.85 -50.46
CA VAL I 129 39.62 -35.99 -49.81
C VAL I 129 40.67 -36.21 -50.88
N PHE I 130 41.63 -35.29 -50.96
CA PHE I 130 42.73 -35.38 -51.90
C PHE I 130 44.05 -35.49 -51.14
N PRO I 131 45.05 -36.18 -51.68
CA PRO I 131 46.30 -36.35 -50.95
C PRO I 131 47.22 -35.14 -51.10
N LEU I 132 48.06 -34.96 -50.09
CA LEU I 132 49.14 -33.97 -50.10
C LEU I 132 50.43 -34.77 -50.09
N ALA I 133 50.91 -35.11 -51.28
CA ALA I 133 51.99 -36.08 -51.39
C ALA I 133 53.31 -35.52 -50.84
N PRO I 134 54.13 -36.35 -50.20
CA PRO I 134 55.46 -35.90 -49.79
C PRO I 134 56.34 -35.63 -50.99
N SER I 135 57.06 -34.51 -50.94
CA SER I 135 57.91 -34.11 -52.07
C SER I 135 59.07 -35.08 -52.24
N SER I 136 59.35 -35.44 -53.48
CA SER I 136 60.53 -36.25 -53.82
C SER I 136 61.73 -35.31 -53.95
N LYS I 137 62.09 -34.72 -52.81
CA LYS I 137 63.22 -33.78 -52.76
C LYS I 137 63.51 -33.39 -51.32
N GLY I 142 65.66 -34.71 -43.33
CA GLY I 142 65.47 -36.07 -42.85
C GLY I 142 64.03 -36.38 -42.52
N THR I 143 63.22 -35.33 -42.35
CA THR I 143 61.80 -35.46 -42.03
C THR I 143 60.98 -35.02 -43.23
N ALA I 144 59.98 -35.81 -43.58
CA ALA I 144 59.10 -35.52 -44.70
C ALA I 144 57.72 -35.14 -44.19
N ALA I 145 57.01 -34.33 -44.98
CA ALA I 145 55.67 -33.87 -44.63
C ALA I 145 54.67 -34.43 -45.64
N LEU I 146 53.48 -34.76 -45.15
CA LEU I 146 52.40 -35.26 -45.99
C LEU I 146 51.09 -34.97 -45.28
N GLY I 147 49.98 -35.11 -46.02
CA GLY I 147 48.70 -34.81 -45.45
C GLY I 147 47.56 -35.15 -46.40
N CYS I 148 46.37 -34.70 -46.01
CA CYS I 148 45.16 -34.87 -46.80
C CYS I 148 44.41 -33.54 -46.84
N LEU I 149 43.81 -33.26 -47.99
CA LEU I 149 42.99 -32.06 -48.18
C LEU I 149 41.53 -32.48 -48.18
N VAL I 150 40.77 -32.01 -47.20
CA VAL I 150 39.35 -32.34 -47.04
C VAL I 150 38.58 -31.10 -47.48
N LYS I 151 37.96 -31.18 -48.65
CA LYS I 151 37.46 -29.99 -49.35
C LYS I 151 35.97 -30.11 -49.64
N ASP I 152 35.27 -28.97 -49.53
CA ASP I 152 33.90 -28.80 -50.02
C ASP I 152 32.93 -29.76 -49.31
N TYR I 153 32.72 -29.48 -48.02
CA TYR I 153 31.74 -30.22 -47.24
C TYR I 153 30.90 -29.25 -46.41
N PHE I 154 29.73 -29.73 -46.00
CA PHE I 154 28.81 -28.95 -45.18
C PHE I 154 27.77 -29.88 -44.58
N PRO I 155 27.38 -29.70 -43.30
CA PRO I 155 27.91 -28.74 -42.33
C PRO I 155 29.12 -29.29 -41.58
N GLU I 156 29.65 -28.50 -40.64
CA GLU I 156 30.64 -29.03 -39.72
C GLU I 156 29.98 -30.08 -38.82
N PRO I 157 30.79 -30.95 -38.20
CA PRO I 157 32.24 -31.08 -38.29
C PRO I 157 32.69 -32.23 -39.18
N VAL I 158 34.01 -32.43 -39.25
CA VAL I 158 34.60 -33.61 -39.85
C VAL I 158 35.76 -34.05 -38.96
N THR I 159 35.89 -35.35 -38.76
CA THR I 159 36.97 -35.92 -37.96
C THR I 159 38.00 -36.56 -38.88
N VAL I 160 39.27 -36.33 -38.58
CA VAL I 160 40.37 -36.87 -39.36
C VAL I 160 41.28 -37.66 -38.41
N SER I 161 41.56 -38.91 -38.77
CA SER I 161 42.55 -39.73 -38.07
C SER I 161 43.53 -40.27 -39.10
N TRP I 162 44.69 -40.69 -38.60
CA TRP I 162 45.76 -41.21 -39.44
C TRP I 162 46.04 -42.65 -39.08
N ASN I 163 46.03 -43.53 -40.09
CA ASN I 163 46.24 -44.96 -39.90
C ASN I 163 45.29 -45.52 -38.85
N SER I 164 44.07 -44.97 -38.79
CA SER I 164 43.02 -45.42 -37.89
C SER I 164 43.40 -45.28 -36.42
N GLY I 165 44.37 -44.41 -36.12
CA GLY I 165 44.78 -44.14 -34.75
C GLY I 165 46.22 -44.49 -34.43
N ALA I 166 46.92 -45.22 -35.31
CA ALA I 166 48.31 -45.57 -35.02
C ALA I 166 49.24 -44.39 -35.21
N LEU I 167 48.92 -43.47 -36.12
CA LEU I 167 49.73 -42.28 -36.38
C LEU I 167 49.10 -41.11 -35.63
N THR I 168 49.78 -40.64 -34.59
CA THR I 168 49.29 -39.55 -33.77
C THR I 168 50.36 -38.48 -33.56
N SER I 169 51.62 -38.88 -33.46
CA SER I 169 52.70 -37.95 -33.16
C SER I 169 53.04 -37.12 -34.38
N GLY I 170 53.04 -35.80 -34.20
CA GLY I 170 53.35 -34.89 -35.28
C GLY I 170 52.19 -34.49 -36.15
N VAL I 171 50.98 -34.94 -35.82
CA VAL I 171 49.80 -34.64 -36.61
C VAL I 171 49.33 -33.23 -36.30
N HIS I 172 48.82 -32.53 -37.32
CA HIS I 172 48.24 -31.21 -37.17
C HIS I 172 47.00 -31.16 -38.07
N THR I 173 45.83 -31.27 -37.45
CA THR I 173 44.57 -31.09 -38.16
C THR I 173 44.13 -29.64 -37.95
N PHE I 174 44.12 -28.87 -39.03
CA PHE I 174 43.86 -27.45 -38.93
C PHE I 174 42.36 -27.18 -38.79
N PRO I 175 41.98 -26.07 -38.18
CA PRO I 175 40.56 -25.71 -38.13
C PRO I 175 40.04 -25.36 -39.51
N ALA I 176 38.76 -25.65 -39.72
CA ALA I 176 38.17 -25.46 -41.04
C ALA I 176 38.01 -23.98 -41.36
N VAL I 177 38.06 -23.66 -42.65
CA VAL I 177 37.77 -22.33 -43.16
C VAL I 177 36.48 -22.40 -43.97
N LEU I 178 35.73 -21.30 -43.96
CA LEU I 178 34.51 -21.18 -44.75
C LEU I 178 34.87 -20.53 -46.09
N GLN I 179 34.66 -21.28 -47.17
CA GLN I 179 34.96 -20.79 -48.50
C GLN I 179 33.83 -19.90 -49.02
N SER I 180 34.14 -19.13 -50.07
CA SER I 180 33.15 -18.24 -50.65
C SER I 180 31.95 -18.99 -51.23
N SER I 181 32.08 -20.30 -51.41
CA SER I 181 30.95 -21.10 -51.90
C SER I 181 29.93 -21.40 -50.81
N GLY I 182 30.31 -21.26 -49.54
CA GLY I 182 29.49 -21.68 -48.44
C GLY I 182 29.85 -23.03 -47.87
N LEU I 183 30.87 -23.69 -48.42
CA LEU I 183 31.35 -24.97 -47.94
C LEU I 183 32.64 -24.80 -47.13
N TYR I 184 32.96 -25.82 -46.34
CA TYR I 184 34.15 -25.80 -45.51
C TYR I 184 35.25 -26.66 -46.13
N SER I 185 36.49 -26.30 -45.82
CA SER I 185 37.65 -27.09 -46.20
C SER I 185 38.68 -27.04 -45.08
N LEU I 186 39.44 -28.11 -44.95
CA LEU I 186 40.57 -28.14 -44.04
C LEU I 186 41.61 -29.11 -44.58
N SER I 187 42.82 -28.99 -44.05
CA SER I 187 43.90 -29.92 -44.32
C SER I 187 44.34 -30.58 -43.01
N SER I 188 44.81 -31.82 -43.13
CA SER I 188 45.45 -32.54 -42.04
C SER I 188 46.84 -32.96 -42.51
N VAL I 189 47.86 -32.60 -41.74
CA VAL I 189 49.24 -32.87 -42.12
C VAL I 189 49.94 -33.60 -40.99
N VAL I 190 51.01 -34.30 -41.35
CA VAL I 190 51.82 -35.05 -40.39
C VAL I 190 53.25 -35.09 -40.90
N THR I 191 54.19 -34.94 -39.97
CA THR I 191 55.61 -35.07 -40.28
C THR I 191 56.10 -36.45 -39.86
N VAL I 192 57.00 -37.02 -40.66
CA VAL I 192 57.55 -38.35 -40.42
C VAL I 192 58.96 -38.39 -40.99
N PRO I 193 59.76 -39.40 -40.67
CA PRO I 193 61.10 -39.49 -41.28
C PRO I 193 61.00 -39.92 -42.74
N SER I 194 61.83 -39.30 -43.57
CA SER I 194 61.85 -39.67 -44.98
C SER I 194 62.16 -41.15 -45.16
N SER I 195 62.86 -41.75 -44.20
CA SER I 195 63.23 -43.16 -44.31
C SER I 195 62.02 -44.09 -44.25
N SER I 196 60.87 -43.60 -43.81
CA SER I 196 59.69 -44.43 -43.65
C SER I 196 58.74 -44.37 -44.85
N LEU I 197 59.00 -43.51 -45.82
CA LEU I 197 58.08 -43.36 -46.95
C LEU I 197 57.98 -44.65 -47.76
N GLY I 198 59.13 -45.24 -48.11
CA GLY I 198 59.14 -46.44 -48.92
C GLY I 198 58.74 -47.71 -48.18
N THR I 199 58.73 -47.69 -46.86
CA THR I 199 58.36 -48.85 -46.05
C THR I 199 56.96 -48.73 -45.46
N GLN I 200 56.64 -47.57 -44.88
CA GLN I 200 55.38 -47.36 -44.18
C GLN I 200 54.34 -46.76 -45.11
N THR I 201 53.11 -47.25 -45.00
CA THR I 201 51.98 -46.73 -45.74
C THR I 201 51.14 -45.84 -44.83
N TYR I 202 50.86 -44.62 -45.28
CA TYR I 202 50.16 -43.63 -44.48
C TYR I 202 48.76 -43.41 -45.05
N ILE I 203 47.75 -43.71 -44.24
CA ILE I 203 46.35 -43.60 -44.65
C ILE I 203 45.67 -42.60 -43.73
N CYS I 204 44.94 -41.65 -44.32
CA CYS I 204 44.15 -40.68 -43.57
C CYS I 204 42.68 -41.07 -43.66
N ASN I 205 42.00 -41.03 -42.52
CA ASN I 205 40.62 -41.48 -42.40
C ASN I 205 39.74 -40.29 -42.08
N VAL I 206 38.70 -40.08 -42.89
CA VAL I 206 37.83 -38.92 -42.78
C VAL I 206 36.39 -39.40 -42.59
N ASN I 207 35.74 -38.89 -41.54
CA ASN I 207 34.34 -39.18 -41.25
C ASN I 207 33.55 -37.87 -41.28
N HIS I 208 32.37 -37.91 -41.90
CA HIS I 208 31.45 -36.78 -41.96
C HIS I 208 30.05 -37.31 -41.63
N LYS I 209 29.67 -37.18 -40.36
CA LYS I 209 28.41 -37.76 -39.88
C LYS I 209 27.17 -37.25 -40.61
N PRO I 210 27.00 -35.94 -40.87
CA PRO I 210 25.72 -35.49 -41.48
C PRO I 210 25.43 -36.12 -42.84
N SER I 211 26.46 -36.47 -43.62
CA SER I 211 26.29 -37.05 -44.95
C SER I 211 26.50 -38.55 -44.98
N ASN I 212 26.77 -39.19 -43.84
CA ASN I 212 27.01 -40.63 -43.78
C ASN I 212 28.21 -41.01 -44.66
N THR I 213 29.21 -40.13 -44.69
CA THR I 213 30.39 -40.28 -45.54
C THR I 213 31.59 -40.69 -44.71
N LYS I 214 32.22 -41.80 -45.08
CA LYS I 214 33.48 -42.24 -44.50
C LYS I 214 34.43 -42.62 -45.64
N VAL I 215 35.64 -42.07 -45.63
CA VAL I 215 36.59 -42.22 -46.71
C VAL I 215 37.97 -42.52 -46.15
N ASP I 216 38.68 -43.44 -46.80
CA ASP I 216 40.05 -43.78 -46.48
C ASP I 216 40.92 -43.44 -47.68
N LYS I 217 41.94 -42.61 -47.47
CA LYS I 217 42.84 -42.15 -48.52
C LYS I 217 44.26 -42.59 -48.21
N ARG I 218 44.87 -43.32 -49.13
CA ARG I 218 46.30 -43.58 -49.06
C ARG I 218 47.05 -42.40 -49.67
N VAL I 219 48.15 -42.02 -49.04
CA VAL I 219 48.92 -40.84 -49.43
C VAL I 219 50.27 -41.36 -49.93
N GLU I 220 50.43 -41.41 -51.28
CA GLU I 220 51.64 -41.92 -51.90
C GLU I 220 52.54 -40.77 -52.35
N PRO I 221 53.86 -40.97 -52.40
CA PRO I 221 54.74 -39.90 -52.86
C PRO I 221 54.55 -39.61 -54.34
N LYS I 222 55.23 -38.55 -54.79
CA LYS I 222 55.20 -38.16 -56.19
C LYS I 222 53.78 -37.99 -56.70
N GLU J 1 25.59 2.63 -27.30
CA GLU J 1 26.10 1.68 -26.29
C GLU J 1 27.43 2.17 -25.76
N ILE J 2 27.82 1.70 -24.58
CA ILE J 2 29.11 1.98 -23.96
C ILE J 2 30.13 1.00 -24.53
N VAL J 3 31.16 1.53 -25.18
CA VAL J 3 32.15 0.71 -25.87
C VAL J 3 33.30 0.42 -24.91
N MET J 4 33.61 -0.87 -24.74
CA MET J 4 34.76 -1.31 -23.96
C MET J 4 35.89 -1.69 -24.90
N THR J 5 37.08 -1.14 -24.64
CA THR J 5 38.26 -1.42 -25.46
C THR J 5 39.38 -1.93 -24.56
N GLN J 6 39.77 -3.18 -24.74
CA GLN J 6 40.85 -3.79 -23.97
C GLN J 6 42.20 -3.58 -24.67
N SER J 7 43.26 -3.66 -23.86
CA SER J 7 44.61 -3.59 -24.36
C SER J 7 45.48 -4.44 -23.45
N PRO J 8 46.37 -5.30 -24.01
CA PRO J 8 46.54 -5.58 -25.43
C PRO J 8 45.54 -6.60 -25.96
N SER J 9 45.54 -6.84 -27.28
CA SER J 9 44.70 -7.89 -27.83
C SER J 9 45.29 -9.27 -27.63
N SER J 10 46.61 -9.38 -27.57
CA SER J 10 47.29 -10.64 -27.36
C SER J 10 48.56 -10.38 -26.56
N LEU J 11 48.99 -11.38 -25.81
CA LEU J 11 50.05 -11.19 -24.84
C LEU J 11 50.74 -12.53 -24.63
N SER J 12 52.07 -12.52 -24.71
CA SER J 12 52.88 -13.68 -24.41
C SER J 12 53.63 -13.45 -23.10
N ALA J 13 53.63 -14.46 -22.24
CA ALA J 13 54.26 -14.37 -20.93
C ALA J 13 54.60 -15.77 -20.45
N SER J 14 55.39 -15.81 -19.38
CA SER J 14 55.84 -17.06 -18.78
C SER J 14 55.28 -17.20 -17.38
N VAL J 15 55.30 -18.45 -16.89
CA VAL J 15 54.89 -18.72 -15.52
C VAL J 15 55.72 -17.87 -14.56
N GLY J 16 55.05 -17.27 -13.57
CA GLY J 16 55.69 -16.40 -12.63
C GLY J 16 55.68 -14.94 -13.00
N ASP J 17 55.28 -14.60 -14.22
CA ASP J 17 55.27 -13.21 -14.66
C ASP J 17 54.11 -12.45 -14.03
N ARG J 18 54.21 -11.12 -14.09
N ARG J 18 54.22 -11.12 -14.09
CA ARG J 18 53.13 -10.22 -13.66
CA ARG J 18 53.15 -10.21 -13.67
C ARG J 18 52.47 -9.67 -14.92
C ARG J 18 52.48 -9.67 -14.94
N VAL J 19 51.21 -10.05 -15.15
CA VAL J 19 50.47 -9.67 -16.34
C VAL J 19 49.49 -8.56 -15.99
N THR J 20 49.45 -7.53 -16.84
CA THR J 20 48.56 -6.39 -16.68
C THR J 20 47.71 -6.24 -17.93
N ILE J 21 46.38 -6.27 -17.76
CA ILE J 21 45.42 -6.12 -18.83
C ILE J 21 44.55 -4.91 -18.52
N THR J 22 44.48 -3.96 -19.45
CA THR J 22 43.72 -2.73 -19.27
C THR J 22 42.42 -2.76 -20.06
N CYS J 23 41.42 -2.03 -19.56
CA CYS J 23 40.13 -1.90 -20.21
C CYS J 23 39.64 -0.46 -20.03
N ARG J 24 39.14 0.15 -21.10
CA ARG J 24 38.70 1.53 -21.09
C ARG J 24 37.27 1.64 -21.62
N ALA J 25 36.46 2.43 -20.93
CA ALA J 25 35.06 2.63 -21.28
C ALA J 25 34.85 3.97 -21.98
N SER J 26 33.87 4.00 -22.89
CA SER J 26 33.56 5.24 -23.60
C SER J 26 33.23 6.36 -22.64
N GLN J 27 32.53 6.05 -21.56
CA GLN J 27 32.08 7.02 -20.58
C GLN J 27 32.25 6.41 -19.20
N SER J 28 32.01 7.21 -18.17
CA SER J 28 32.15 6.76 -16.80
C SER J 28 31.15 5.65 -16.50
N ILE J 29 31.62 4.59 -15.86
CA ILE J 29 30.77 3.47 -15.48
C ILE J 29 30.97 3.16 -14.00
N SER J 30 31.58 4.09 -13.27
CA SER J 30 31.82 3.93 -11.83
C SER J 30 32.60 2.65 -11.62
N THR J 31 32.10 1.69 -10.84
CA THR J 31 32.79 0.43 -10.60
C THR J 31 32.05 -0.77 -11.19
N TYR J 32 31.15 -0.53 -12.14
CA TYR J 32 30.37 -1.62 -12.73
C TYR J 32 31.13 -2.24 -13.89
N LEU J 33 32.31 -2.77 -13.58
CA LEU J 33 33.19 -3.42 -14.54
C LEU J 33 33.57 -4.80 -14.02
N ASN J 34 33.36 -5.81 -14.83
CA ASN J 34 33.63 -7.19 -14.46
C ASN J 34 34.64 -7.82 -15.42
N TRP J 35 35.34 -8.84 -14.92
CA TRP J 35 36.38 -9.54 -15.68
C TRP J 35 36.04 -11.02 -15.74
N TYR J 36 36.17 -11.61 -16.93
CA TYR J 36 35.93 -13.02 -17.14
C TYR J 36 37.15 -13.68 -17.77
N GLN J 37 37.23 -14.99 -17.57
CA GLN J 37 38.22 -15.84 -18.19
C GLN J 37 37.52 -16.92 -18.98
N GLN J 38 38.00 -17.20 -20.19
CA GLN J 38 37.43 -18.24 -21.03
C GLN J 38 38.53 -19.09 -21.61
N LYS J 39 38.37 -20.40 -21.51
CA LYS J 39 39.23 -21.38 -22.15
C LYS J 39 38.51 -22.02 -23.31
N PRO J 40 39.23 -22.60 -24.27
CA PRO J 40 38.59 -23.08 -25.50
C PRO J 40 37.56 -24.16 -25.24
N GLY J 41 36.40 -24.02 -25.89
CA GLY J 41 35.33 -24.98 -25.73
C GLY J 41 34.53 -24.84 -24.46
N LYS J 42 34.77 -23.81 -23.66
CA LYS J 42 34.16 -23.66 -22.36
C LYS J 42 33.46 -22.31 -22.26
N ALA J 43 32.42 -22.26 -21.44
CA ALA J 43 31.76 -21.00 -21.15
C ALA J 43 32.66 -20.15 -20.24
N PRO J 44 32.56 -18.83 -20.32
CA PRO J 44 33.45 -17.98 -19.52
C PRO J 44 33.19 -18.15 -18.03
N ASN J 45 34.24 -17.95 -17.24
CA ASN J 45 34.18 -18.02 -15.78
C ASN J 45 34.45 -16.63 -15.20
N LEU J 46 33.59 -16.21 -14.28
CA LEU J 46 33.74 -14.89 -13.68
C LEU J 46 34.91 -14.88 -12.71
N LEU J 47 35.77 -13.87 -12.84
CA LEU J 47 36.89 -13.66 -11.92
C LEU J 47 36.61 -12.55 -10.93
N ILE J 48 36.23 -11.38 -11.44
CA ILE J 48 36.12 -10.17 -10.65
C ILE J 48 34.86 -9.42 -11.04
N TYR J 49 34.13 -8.94 -10.04
CA TYR J 49 32.96 -8.11 -10.24
C TYR J 49 33.13 -6.81 -9.46
N ALA J 50 32.34 -5.80 -9.83
CA ALA J 50 32.36 -4.51 -9.13
C ALA J 50 33.76 -3.88 -9.16
N ALA J 51 34.56 -4.23 -10.16
CA ALA J 51 35.86 -3.67 -10.48
C ALA J 51 37.00 -4.06 -9.54
N SER J 52 36.70 -4.59 -8.34
CA SER J 52 37.76 -5.03 -7.45
C SER J 52 37.39 -6.21 -6.56
N SER J 53 36.19 -6.77 -6.66
CA SER J 53 35.76 -7.84 -5.76
C SER J 53 35.92 -9.19 -6.44
N LEU J 54 36.48 -10.16 -5.72
CA LEU J 54 36.74 -11.48 -6.24
C LEU J 54 35.53 -12.39 -6.03
N HIS J 55 35.19 -13.15 -7.07
CA HIS J 55 34.16 -14.16 -6.94
C HIS J 55 34.67 -15.34 -6.12
N SER J 56 33.76 -16.01 -5.43
CA SER J 56 34.10 -17.16 -4.62
C SER J 56 34.98 -18.14 -5.38
N GLY J 57 36.01 -18.64 -4.70
CA GLY J 57 36.88 -19.66 -5.27
C GLY J 57 37.93 -19.14 -6.22
N VAL J 58 37.91 -17.86 -6.58
CA VAL J 58 38.89 -17.33 -7.53
C VAL J 58 40.18 -17.05 -6.78
N PRO J 59 41.34 -17.50 -7.29
CA PRO J 59 42.59 -17.29 -6.56
C PRO J 59 42.92 -15.80 -6.43
N SER J 60 43.62 -15.49 -5.34
CA SER J 60 43.92 -14.11 -4.97
C SER J 60 45.02 -13.47 -5.81
N ARG J 61 45.66 -14.23 -6.70
CA ARG J 61 46.61 -13.63 -7.64
C ARG J 61 45.89 -12.75 -8.66
N PHE J 62 44.58 -12.90 -8.80
CA PHE J 62 43.78 -12.06 -9.69
C PHE J 62 43.33 -10.81 -8.93
N ARG J 63 43.71 -9.63 -9.44
CA ARG J 63 43.45 -8.37 -8.78
C ARG J 63 42.88 -7.38 -9.78
N GLY J 64 41.76 -6.75 -9.41
CA GLY J 64 41.11 -5.75 -10.23
C GLY J 64 41.19 -4.40 -9.55
N SER J 65 41.28 -3.35 -10.37
CA SER J 65 41.40 -1.99 -9.84
C SER J 65 40.84 -1.01 -10.86
N GLY J 66 40.53 0.18 -10.38
CA GLY J 66 40.08 1.29 -11.20
C GLY J 66 38.63 1.65 -10.96
N SER J 67 38.30 2.90 -11.26
CA SER J 67 36.95 3.40 -11.16
C SER J 67 36.76 4.52 -12.17
N GLY J 68 35.61 4.54 -12.83
CA GLY J 68 35.32 5.54 -13.84
C GLY J 68 35.41 5.01 -15.24
N THR J 69 36.50 5.33 -15.96
CA THR J 69 36.70 4.87 -17.32
C THR J 69 37.89 3.92 -17.47
N ASP J 70 38.88 4.00 -16.59
CA ASP J 70 40.12 3.22 -16.73
C ASP J 70 40.17 2.13 -15.68
N PHE J 71 40.41 0.90 -16.13
CA PHE J 71 40.39 -0.28 -15.28
C PHE J 71 41.55 -1.19 -15.65
N THR J 72 42.00 -1.99 -14.68
CA THR J 72 43.10 -2.91 -14.89
C THR J 72 42.80 -4.25 -14.23
N LEU J 73 43.15 -5.33 -14.91
CA LEU J 73 43.21 -6.66 -14.32
C LEU J 73 44.68 -7.06 -14.23
N THR J 74 45.13 -7.39 -13.03
CA THR J 74 46.49 -7.83 -12.79
C THR J 74 46.50 -9.29 -12.39
N ILE J 75 47.44 -10.06 -12.92
CA ILE J 75 47.76 -11.39 -12.41
C ILE J 75 49.14 -11.29 -11.78
N THR J 76 49.20 -11.35 -10.45
CA THR J 76 50.43 -11.07 -9.73
C THR J 76 51.55 -12.05 -10.14
N SER J 77 51.23 -13.34 -10.19
CA SER J 77 52.22 -14.36 -10.55
C SER J 77 51.51 -15.41 -11.40
N LEU J 78 51.74 -15.36 -12.70
CA LEU J 78 51.04 -16.22 -13.64
C LEU J 78 51.29 -17.69 -13.35
N GLN J 79 50.21 -18.47 -13.34
CA GLN J 79 50.27 -19.92 -13.12
C GLN J 79 49.92 -20.66 -14.41
N PRO J 80 50.39 -21.90 -14.56
CA PRO J 80 50.18 -22.63 -15.83
C PRO J 80 48.71 -22.79 -16.23
N ASP J 81 47.77 -22.67 -15.30
CA ASP J 81 46.35 -22.76 -15.62
C ASP J 81 45.76 -21.44 -16.08
N ASP J 82 46.56 -20.37 -16.11
CA ASP J 82 46.05 -19.04 -16.38
C ASP J 82 46.12 -18.64 -17.86
N PHE J 83 46.63 -19.48 -18.72
CA PHE J 83 46.71 -19.22 -20.17
C PHE J 83 45.30 -19.40 -20.75
N ALA J 84 44.69 -18.32 -21.22
CA ALA J 84 43.29 -18.27 -21.60
C ALA J 84 43.05 -16.92 -22.28
N THR J 85 41.78 -16.63 -22.59
CA THR J 85 41.37 -15.32 -23.08
C THR J 85 40.58 -14.61 -21.99
N TYR J 86 40.82 -13.31 -21.85
CA TYR J 86 40.25 -12.49 -20.79
C TYR J 86 39.42 -11.37 -21.38
N TYR J 87 38.25 -11.14 -20.79
CA TYR J 87 37.27 -10.16 -21.27
C TYR J 87 36.90 -9.23 -20.12
N CYS J 88 36.88 -7.93 -20.38
CA CYS J 88 36.17 -7.04 -19.50
C CYS J 88 34.72 -6.94 -19.96
N HIS J 89 33.89 -6.33 -19.11
CA HIS J 89 32.44 -6.42 -19.23
C HIS J 89 31.79 -5.39 -18.32
N GLN J 90 30.89 -4.56 -18.84
CA GLN J 90 30.23 -3.51 -18.07
C GLN J 90 28.76 -3.86 -17.88
N SER J 91 28.28 -3.71 -16.65
CA SER J 91 26.87 -3.86 -16.31
C SER J 91 26.30 -2.54 -15.76
N TYR J 92 26.93 -1.42 -16.15
CA TYR J 92 26.49 -0.10 -15.72
C TYR J 92 25.15 0.28 -16.35
N SER J 93 25.04 0.09 -17.67
CA SER J 93 23.83 0.42 -18.40
C SER J 93 23.61 -0.60 -19.49
N ALA J 94 22.37 -0.99 -19.69
CA ALA J 94 22.04 -1.88 -20.78
C ALA J 94 21.81 -1.08 -22.06
N PRO J 95 22.11 -1.65 -23.23
CA PRO J 95 22.69 -2.99 -23.44
C PRO J 95 24.14 -3.08 -22.95
N ARG J 96 24.48 -4.23 -22.38
CA ARG J 96 25.82 -4.44 -21.86
C ARG J 96 26.78 -4.79 -22.99
N THR J 97 28.08 -4.70 -22.69
CA THR J 97 29.09 -4.90 -23.71
C THR J 97 30.31 -5.57 -23.09
N PHE J 98 30.89 -6.48 -23.85
CA PHE J 98 32.19 -7.07 -23.55
C PHE J 98 33.29 -6.29 -24.27
N GLY J 99 34.50 -6.42 -23.74
CA GLY J 99 35.67 -6.01 -24.48
C GLY J 99 35.97 -7.02 -25.60
N GLN J 100 36.96 -6.67 -26.41
CA GLN J 100 37.30 -7.52 -27.56
C GLN J 100 38.07 -8.76 -27.15
N GLY J 101 38.58 -8.82 -25.93
CA GLY J 101 39.31 -9.97 -25.47
C GLY J 101 40.81 -9.73 -25.47
N THR J 102 41.50 -10.44 -24.58
CA THR J 102 42.96 -10.45 -24.54
C THR J 102 43.41 -11.90 -24.44
N LYS J 103 44.00 -12.43 -25.50
CA LYS J 103 44.53 -13.77 -25.47
C LYS J 103 45.88 -13.78 -24.76
N LEU J 104 46.04 -14.67 -23.79
CA LEU J 104 47.26 -14.80 -23.00
C LEU J 104 47.93 -16.12 -23.38
N GLU J 105 49.14 -16.02 -23.90
CA GLU J 105 49.83 -17.17 -24.50
C GLU J 105 51.17 -17.40 -23.81
N ILE J 106 51.73 -18.59 -24.07
CA ILE J 106 52.96 -19.03 -23.42
C ILE J 106 54.15 -18.55 -24.24
N LYS J 107 55.08 -17.87 -23.59
CA LYS J 107 56.30 -17.41 -24.22
C LYS J 107 57.31 -18.55 -24.31
N ARG J 108 58.15 -18.51 -25.34
CA ARG J 108 59.23 -19.46 -25.51
C ARG J 108 60.26 -18.83 -26.45
N THR J 109 61.33 -19.58 -26.72
CA THR J 109 62.35 -19.10 -27.64
C THR J 109 61.80 -19.08 -29.07
N VAL J 110 62.37 -18.18 -29.88
CA VAL J 110 62.04 -18.17 -31.29
C VAL J 110 62.35 -19.52 -31.91
N ALA J 111 61.43 -20.02 -32.73
CA ALA J 111 61.57 -21.29 -33.41
C ALA J 111 61.24 -21.09 -34.88
N ALA J 112 62.20 -21.38 -35.75
CA ALA J 112 62.01 -21.18 -37.17
C ALA J 112 61.02 -22.21 -37.71
N PRO J 113 60.16 -21.83 -38.66
CA PRO J 113 59.27 -22.82 -39.28
C PRO J 113 59.99 -23.63 -40.34
N SER J 114 59.63 -24.91 -40.43
CA SER J 114 59.98 -25.72 -41.58
C SER J 114 58.84 -25.62 -42.60
N VAL J 115 59.19 -25.26 -43.83
CA VAL J 115 58.21 -24.91 -44.85
C VAL J 115 58.11 -26.05 -45.85
N PHE J 116 56.87 -26.40 -46.21
CA PHE J 116 56.60 -27.46 -47.17
C PHE J 116 55.51 -26.99 -48.13
N ILE J 117 55.71 -27.23 -49.41
CA ILE J 117 54.75 -26.87 -50.45
C ILE J 117 54.25 -28.15 -51.10
N PHE J 118 52.95 -28.19 -51.39
CA PHE J 118 52.31 -29.36 -51.97
C PHE J 118 51.61 -28.97 -53.27
N PRO J 119 51.90 -29.60 -54.39
CA PRO J 119 51.16 -29.33 -55.62
C PRO J 119 49.80 -30.01 -55.58
N PRO J 120 48.87 -29.60 -56.44
CA PRO J 120 47.57 -30.28 -56.48
C PRO J 120 47.73 -31.72 -56.93
N SER J 121 46.83 -32.57 -56.46
CA SER J 121 46.78 -33.95 -56.92
C SER J 121 46.03 -34.02 -58.24
N ASP J 122 46.45 -34.96 -59.10
CA ASP J 122 45.77 -35.14 -60.38
C ASP J 122 44.30 -35.50 -60.19
N GLU J 123 43.96 -36.15 -59.08
CA GLU J 123 42.56 -36.46 -58.80
C GLU J 123 41.73 -35.18 -58.70
N GLN J 124 42.27 -34.15 -58.06
CA GLN J 124 41.55 -32.89 -57.95
C GLN J 124 41.49 -32.19 -59.30
N LEU J 125 42.63 -32.15 -60.01
CA LEU J 125 42.65 -31.53 -61.33
C LEU J 125 41.58 -32.13 -62.24
N LYS J 126 41.34 -33.43 -62.12
CA LYS J 126 40.27 -34.06 -62.90
C LYS J 126 38.93 -33.40 -62.64
N SER J 127 38.73 -32.86 -61.44
CA SER J 127 37.47 -32.21 -61.06
C SER J 127 37.40 -30.76 -61.51
N GLY J 128 38.46 -30.23 -62.14
CA GLY J 128 38.45 -28.86 -62.61
C GLY J 128 38.95 -27.82 -61.63
N THR J 129 39.45 -28.23 -60.48
CA THR J 129 39.96 -27.31 -59.47
C THR J 129 41.36 -27.73 -59.08
N ALA J 130 42.14 -26.78 -58.56
CA ALA J 130 43.50 -27.01 -58.14
C ALA J 130 43.79 -26.24 -56.86
N SER J 131 44.17 -26.95 -55.80
CA SER J 131 44.53 -26.34 -54.53
C SER J 131 46.02 -26.58 -54.27
N VAL J 132 46.78 -25.50 -54.13
CA VAL J 132 48.19 -25.57 -53.77
C VAL J 132 48.31 -25.22 -52.29
N VAL J 133 49.08 -26.01 -51.55
CA VAL J 133 49.11 -25.94 -50.09
C VAL J 133 50.54 -25.66 -49.64
N CYS J 134 50.69 -24.60 -48.84
CA CYS J 134 51.94 -24.26 -48.19
C CYS J 134 51.79 -24.53 -46.70
N LEU J 135 52.75 -25.25 -46.11
CA LEU J 135 52.69 -25.65 -44.71
C LEU J 135 53.87 -25.05 -43.95
N LEU J 136 53.57 -24.38 -42.85
CA LEU J 136 54.55 -23.92 -41.88
C LEU J 136 54.37 -24.73 -40.61
N ASN J 137 55.43 -25.41 -40.17
CA ASN J 137 55.34 -26.41 -39.11
C ASN J 137 56.17 -25.98 -37.90
N ASN J 138 55.50 -25.85 -36.75
CA ASN J 138 56.13 -25.79 -35.43
C ASN J 138 57.13 -24.62 -35.31
N PHE J 139 56.56 -23.41 -35.30
CA PHE J 139 57.33 -22.18 -35.18
C PHE J 139 56.78 -21.31 -34.06
N TYR J 140 57.51 -20.23 -33.77
CA TYR J 140 57.15 -19.27 -32.73
C TYR J 140 58.01 -18.04 -32.93
N PRO J 141 57.46 -16.82 -32.81
CA PRO J 141 56.09 -16.41 -32.47
C PRO J 141 55.03 -16.69 -33.55
N ARG J 142 53.79 -16.27 -33.29
CA ARG J 142 52.70 -16.52 -34.23
C ARG J 142 52.88 -15.71 -35.51
N GLU J 143 53.28 -14.45 -35.39
CA GLU J 143 53.38 -13.57 -36.55
C GLU J 143 54.21 -14.20 -37.66
N ALA J 144 53.65 -14.25 -38.86
CA ALA J 144 54.35 -14.78 -40.02
C ALA J 144 53.63 -14.30 -41.28
N LYS J 145 54.41 -14.10 -42.34
CA LYS J 145 53.88 -13.62 -43.61
C LYS J 145 54.13 -14.67 -44.69
N VAL J 146 53.06 -15.12 -45.32
CA VAL J 146 53.11 -16.14 -46.37
C VAL J 146 52.60 -15.51 -47.65
N GLN J 147 53.41 -15.49 -48.70
CA GLN J 147 53.06 -14.80 -49.95
C GLN J 147 53.25 -15.76 -51.12
N TRP J 148 52.18 -16.03 -51.88
CA TRP J 148 52.26 -16.90 -53.04
C TRP J 148 52.80 -16.13 -54.24
N LYS J 149 53.62 -16.81 -55.06
CA LYS J 149 54.08 -16.29 -56.33
C LYS J 149 53.85 -17.33 -57.42
N VAL J 150 53.21 -16.91 -58.51
CA VAL J 150 52.91 -17.77 -59.65
C VAL J 150 53.60 -17.16 -60.86
N ASP J 151 54.63 -17.83 -61.35
CA ASP J 151 55.56 -17.28 -62.35
C ASP J 151 56.06 -15.91 -61.90
N ASN J 152 56.50 -15.85 -60.65
CA ASN J 152 57.03 -14.65 -60.00
C ASN J 152 56.01 -13.54 -59.85
N ALA J 153 54.72 -13.82 -60.04
CA ALA J 153 53.66 -12.84 -59.88
C ALA J 153 53.04 -13.00 -58.49
N LEU J 154 53.17 -11.95 -57.67
CA LEU J 154 52.69 -12.00 -56.30
C LEU J 154 51.17 -12.00 -56.26
N GLN J 155 50.58 -13.09 -55.77
CA GLN J 155 49.14 -13.29 -55.80
C GLN J 155 48.45 -12.52 -54.67
N SER J 156 47.17 -12.23 -54.90
CA SER J 156 46.38 -11.46 -53.94
C SER J 156 44.92 -11.91 -53.99
N GLY J 157 44.36 -12.20 -52.83
CA GLY J 157 42.93 -12.46 -52.71
C GLY J 157 42.46 -13.83 -53.14
N ASN J 158 43.38 -14.77 -53.37
CA ASN J 158 43.02 -16.11 -53.81
C ASN J 158 43.61 -17.19 -52.89
N SER J 159 43.84 -16.85 -51.63
CA SER J 159 44.36 -17.81 -50.66
C SER J 159 43.70 -17.61 -49.32
N GLN J 160 43.69 -18.68 -48.53
CA GLN J 160 43.14 -18.67 -47.19
C GLN J 160 44.10 -19.37 -46.24
N GLU J 161 44.31 -18.78 -45.07
CA GLU J 161 45.20 -19.33 -44.06
C GLU J 161 44.41 -19.91 -42.90
N SER J 162 44.99 -20.93 -42.27
CA SER J 162 44.43 -21.54 -41.07
C SER J 162 45.58 -21.88 -40.14
N VAL J 163 45.40 -21.59 -38.86
CA VAL J 163 46.45 -21.75 -37.85
C VAL J 163 45.93 -22.63 -36.73
N THR J 164 46.84 -23.37 -36.10
CA THR J 164 46.50 -24.15 -34.92
C THR J 164 46.74 -23.30 -33.67
N GLU J 165 46.38 -23.87 -32.51
CA GLU J 165 46.75 -23.29 -31.24
C GLU J 165 48.12 -23.78 -30.82
N GLN J 166 48.71 -23.11 -29.84
CA GLN J 166 50.01 -23.52 -29.32
C GLN J 166 49.98 -25.00 -28.96
N ASP J 167 50.99 -25.74 -29.41
CA ASP J 167 51.07 -27.15 -29.11
C ASP J 167 51.31 -27.37 -27.63
N SER J 168 50.61 -28.34 -27.05
CA SER J 168 50.74 -28.62 -25.63
C SER J 168 52.13 -29.12 -25.25
N LYS J 169 52.94 -29.54 -26.23
CA LYS J 169 54.25 -30.10 -25.94
C LYS J 169 55.35 -29.04 -26.02
N ASP J 170 55.48 -28.37 -27.18
CA ASP J 170 56.55 -27.41 -27.40
C ASP J 170 56.06 -25.97 -27.57
N SER J 171 54.75 -25.74 -27.44
CA SER J 171 54.20 -24.39 -27.46
C SER J 171 54.39 -23.68 -28.80
N THR J 172 54.50 -24.45 -29.88
CA THR J 172 54.65 -23.89 -31.21
C THR J 172 53.31 -23.80 -31.92
N TYR J 173 53.26 -22.95 -32.94
CA TYR J 173 52.14 -22.89 -33.86
C TYR J 173 52.50 -23.61 -35.16
N SER J 174 51.46 -24.03 -35.88
CA SER J 174 51.57 -24.54 -37.23
C SER J 174 50.52 -23.83 -38.09
N LEU J 175 50.81 -23.67 -39.37
CA LEU J 175 49.98 -22.85 -40.25
C LEU J 175 49.92 -23.46 -41.63
N SER J 176 48.74 -23.39 -42.24
CA SER J 176 48.54 -23.80 -43.63
C SER J 176 48.03 -22.62 -44.43
N SER J 177 48.54 -22.47 -45.65
CA SER J 177 48.03 -21.50 -46.60
C SER J 177 47.68 -22.24 -47.88
N THR J 178 46.47 -22.00 -48.38
CA THR J 178 45.93 -22.75 -49.51
C THR J 178 45.56 -21.79 -50.62
N LEU J 179 46.15 -22.00 -51.79
CA LEU J 179 45.86 -21.23 -52.99
C LEU J 179 44.95 -22.07 -53.88
N THR J 180 43.77 -21.54 -54.20
CA THR J 180 42.78 -22.25 -55.00
C THR J 180 42.66 -21.57 -56.36
N LEU J 181 42.99 -22.32 -57.41
CA LEU J 181 42.84 -21.87 -58.78
C LEU J 181 41.94 -22.85 -59.52
N SER J 182 41.43 -22.40 -60.67
CA SER J 182 40.76 -23.34 -61.56
C SER J 182 41.81 -24.21 -62.25
N LYS J 183 41.37 -25.40 -62.67
CA LYS J 183 42.23 -26.24 -63.49
C LYS J 183 42.83 -25.44 -64.65
N ALA J 184 41.97 -24.73 -65.39
CA ALA J 184 42.44 -23.95 -66.54
C ALA J 184 43.52 -22.96 -66.13
N ASP J 185 43.30 -22.24 -65.03
CA ASP J 185 44.29 -21.24 -64.61
C ASP J 185 45.57 -21.92 -64.14
N TYR J 186 45.45 -23.04 -63.43
CA TYR J 186 46.63 -23.73 -62.92
C TYR J 186 47.55 -24.17 -64.06
N GLU J 187 46.96 -24.59 -65.18
CA GLU J 187 47.72 -25.08 -66.32
C GLU J 187 48.35 -23.98 -67.16
N LYS J 188 48.12 -22.71 -66.81
CA LYS J 188 48.72 -21.61 -67.56
C LYS J 188 50.14 -21.29 -67.12
N HIS J 189 50.51 -21.67 -65.90
CA HIS J 189 51.76 -21.26 -65.29
C HIS J 189 52.62 -22.48 -64.96
N LYS J 190 53.91 -22.23 -64.76
CA LYS J 190 54.88 -23.28 -64.49
C LYS J 190 55.40 -23.25 -63.06
N VAL J 191 55.90 -22.09 -62.60
CA VAL J 191 56.53 -22.00 -61.29
C VAL J 191 55.48 -21.59 -60.26
N TYR J 192 55.34 -22.41 -59.21
CA TYR J 192 54.46 -22.12 -58.09
C TYR J 192 55.30 -22.05 -56.82
N ALA J 193 55.12 -20.99 -56.04
CA ALA J 193 55.98 -20.75 -54.90
C ALA J 193 55.23 -20.04 -53.79
N CYS J 194 55.50 -20.42 -52.54
CA CYS J 194 55.12 -19.64 -51.37
C CYS J 194 56.38 -19.15 -50.70
N GLU J 195 56.41 -17.85 -50.38
CA GLU J 195 57.56 -17.21 -49.74
C GLU J 195 57.19 -16.87 -48.32
N VAL J 196 58.03 -17.30 -47.37
CA VAL J 196 57.75 -17.21 -45.94
C VAL J 196 58.74 -16.24 -45.31
N THR J 197 58.20 -15.24 -44.61
CA THR J 197 58.96 -14.28 -43.83
C THR J 197 58.65 -14.50 -42.35
N HIS J 198 59.70 -14.60 -41.53
CA HIS J 198 59.52 -14.87 -40.12
C HIS J 198 60.75 -14.39 -39.35
N GLN J 199 60.52 -14.04 -38.08
CA GLN J 199 61.60 -13.50 -37.25
C GLN J 199 62.75 -14.48 -37.12
N GLY J 200 62.44 -15.77 -36.92
CA GLY J 200 63.47 -16.78 -36.72
C GLY J 200 64.30 -17.09 -37.95
N LEU J 201 63.92 -16.56 -39.11
CA LEU J 201 64.64 -16.83 -40.36
C LEU J 201 65.54 -15.65 -40.68
N SER J 202 66.82 -15.95 -40.96
CA SER J 202 67.76 -14.90 -41.32
C SER J 202 67.25 -14.08 -42.50
N SER J 203 66.61 -14.74 -43.46
CA SER J 203 66.01 -14.08 -44.61
C SER J 203 64.80 -14.88 -45.04
N PRO J 204 63.88 -14.29 -45.81
CA PRO J 204 62.69 -15.02 -46.21
C PRO J 204 63.03 -16.28 -46.98
N VAL J 205 62.19 -17.31 -46.79
CA VAL J 205 62.39 -18.63 -47.38
C VAL J 205 61.36 -18.82 -48.48
N THR J 206 61.78 -19.47 -49.56
CA THR J 206 60.90 -19.75 -50.69
C THR J 206 60.95 -21.24 -51.01
N LYS J 207 59.78 -21.86 -51.04
CA LYS J 207 59.62 -23.25 -51.47
C LYS J 207 58.77 -23.25 -52.73
N SER J 208 59.25 -23.92 -53.77
CA SER J 208 58.62 -23.83 -55.08
C SER J 208 58.68 -25.17 -55.79
N PHE J 209 57.82 -25.32 -56.79
CA PHE J 209 57.84 -26.49 -57.67
C PHE J 209 57.46 -26.05 -59.07
N ASN J 210 57.89 -26.84 -60.05
CA ASN J 210 57.53 -26.63 -61.44
C ASN J 210 56.41 -27.59 -61.81
N ARG J 211 55.31 -27.03 -62.31
CA ARG J 211 54.14 -27.84 -62.63
C ARG J 211 54.52 -29.00 -63.54
N GLY J 212 54.25 -30.23 -63.06
CA GLY J 212 54.52 -31.42 -63.84
C GLY J 212 55.99 -31.79 -63.90
N GLU J 213 56.66 -31.77 -62.76
CA GLU J 213 58.07 -32.16 -62.69
C GLU J 213 58.33 -32.89 -61.38
#